data_5Y0F
# 
_entry.id   5Y0F 
# 
_audit_conform.dict_name       mmcif_pdbx.dic 
_audit_conform.dict_version    5.387 
_audit_conform.dict_location   http://mmcif.pdb.org/dictionaries/ascii/mmcif_pdbx.dic 
# 
loop_
_database_2.database_id 
_database_2.database_code 
_database_2.pdbx_database_accession 
_database_2.pdbx_DOI 
PDB   5Y0F         pdb_00005y0f 10.2210/pdb5y0f/pdb 
WWPDB D_1300004462 ?            ?                   
# 
loop_
_pdbx_audit_revision_history.ordinal 
_pdbx_audit_revision_history.data_content_type 
_pdbx_audit_revision_history.major_revision 
_pdbx_audit_revision_history.minor_revision 
_pdbx_audit_revision_history.revision_date 
1 'Structure model' 1 0 2018-06-06 
2 'Structure model' 1 1 2024-03-27 
# 
_pdbx_audit_revision_details.ordinal             1 
_pdbx_audit_revision_details.revision_ordinal    1 
_pdbx_audit_revision_details.data_content_type   'Structure model' 
_pdbx_audit_revision_details.provider            repository 
_pdbx_audit_revision_details.type                'Initial release' 
_pdbx_audit_revision_details.description         ? 
_pdbx_audit_revision_details.details             ? 
# 
loop_
_pdbx_audit_revision_group.ordinal 
_pdbx_audit_revision_group.revision_ordinal 
_pdbx_audit_revision_group.data_content_type 
_pdbx_audit_revision_group.group 
1 2 'Structure model' 'Data collection'     
2 2 'Structure model' 'Database references' 
# 
loop_
_pdbx_audit_revision_category.ordinal 
_pdbx_audit_revision_category.revision_ordinal 
_pdbx_audit_revision_category.data_content_type 
_pdbx_audit_revision_category.category 
1 2 'Structure model' chem_comp_atom 
2 2 'Structure model' chem_comp_bond 
3 2 'Structure model' database_2     
# 
loop_
_pdbx_audit_revision_item.ordinal 
_pdbx_audit_revision_item.revision_ordinal 
_pdbx_audit_revision_item.data_content_type 
_pdbx_audit_revision_item.item 
1 2 'Structure model' '_database_2.pdbx_DOI'                
2 2 'Structure model' '_database_2.pdbx_database_accession' 
# 
_pdbx_database_status.status_code                     REL 
_pdbx_database_status.status_code_sf                  REL 
_pdbx_database_status.status_code_mr                  ? 
_pdbx_database_status.entry_id                        5Y0F 
_pdbx_database_status.recvd_initial_deposition_date   2017-07-17 
_pdbx_database_status.SG_entry                        N 
_pdbx_database_status.deposit_site                    PDBJ 
_pdbx_database_status.process_site                    PDBJ 
_pdbx_database_status.status_code_cs                  ? 
_pdbx_database_status.methods_development_category    ? 
_pdbx_database_status.pdb_format_compatible           Y 
_pdbx_database_status.status_code_nmr_data            ? 
# 
loop_
_audit_author.name 
_audit_author.pdbx_ordinal 
_audit_author.identifier_ORCID 
'Su, H.X.'  1 ? 
'Liu, Q.F.' 2 ? 
'Xu, Y.C.'  3 ? 
# 
_citation.abstract                  ? 
_citation.abstract_id_CAS           ? 
_citation.book_id_ISBN              ? 
_citation.book_publisher            ? 
_citation.book_publisher_city       ? 
_citation.book_title                ? 
_citation.coordinate_linkage        ? 
_citation.country                   FR 
_citation.database_id_Medline       ? 
_citation.details                   ? 
_citation.id                        primary 
_citation.journal_abbrev            'Eur J Med Chem' 
_citation.journal_id_ASTM           EJMCA5 
_citation.journal_id_CSD            0493 
_citation.journal_id_ISSN           1768-3254 
_citation.journal_full              ? 
_citation.journal_issue             ? 
_citation.journal_volume            154 
_citation.language                  ? 
_citation.page_first                44 
_citation.page_last                 59 
_citation.title                     
;From hit to lead: Structure-based discovery of naphthalene-1-sulfonamide derivatives as potent and selective inhibitors of fatty acid binding protein 4
;
_citation.year                      2018 
_citation.database_id_CSD           ? 
_citation.pdbx_database_id_DOI      10.1016/j.ejmech.2018.05.007 
_citation.pdbx_database_id_PubMed   29775936 
_citation.unpublished_flag          ? 
# 
loop_
_citation_author.citation_id 
_citation_author.name 
_citation_author.ordinal 
_citation_author.identifier_ORCID 
primary 'Gao, D.D.'   1  ? 
primary 'Dou, H.X.'   2  ? 
primary 'Su, H.X.'    3  ? 
primary 'Zhang, M.M.' 4  ? 
primary 'Wang, T.'    5  ? 
primary 'Liu, Q.F.'   6  ? 
primary 'Cai, H.Y.'   7  ? 
primary 'Ding, H.P.'  8  ? 
primary 'Yang, Z.'    9  ? 
primary 'Zhu, W.L.'   10 ? 
primary 'Xu, Y.C.'    11 ? 
primary 'Wang, H.Y.'  12 ? 
primary 'Li, Y.X.'    13 ? 
# 
loop_
_entity.id 
_entity.type 
_entity.src_method 
_entity.pdbx_description 
_entity.formula_weight 
_entity.pdbx_number_of_molecules 
_entity.pdbx_ec 
_entity.pdbx_mutation 
_entity.pdbx_fragment 
_entity.details 
1 polymer     man 'Fatty acid-binding protein, adipocyte'                               16911.268 1   ? ? ? ? 
2 non-polymer syn '2-fluoranyl-5-[(4-methoxynaphthalen-1-yl)sulfonylamino]benzoic acid' 375.371   1   ? ? ? ? 
3 water       nat water                                                                 18.015    115 ? ? ? ? 
# 
_entity_name_com.entity_id   1 
_entity_name_com.name        
'Adipocyte lipid-binding protein,ALBP,Adipocyte-type fatty acid-binding protein,AFABP,Fatty acid-binding protein 4' 
# 
_entity_poly.entity_id                      1 
_entity_poly.type                           'polypeptide(L)' 
_entity_poly.nstd_linkage                   no 
_entity_poly.nstd_monomer                   no 
_entity_poly.pdbx_seq_one_letter_code       
;MGSSHHHHHHSSGLVPRGSHMCDAFVGTWKLVSSENFDDYMKEVGVGFATRKVAGMAKPNMIISVNGDVITIKSESTFKN
TEISFILGQEFDEVTADDRKVKSTITLDGGVLVHVQKWDGKSTTIKRKREDDKLVVECVMKGVTSTRVYERA
;
_entity_poly.pdbx_seq_one_letter_code_can   
;MGSSHHHHHHSSGLVPRGSHMCDAFVGTWKLVSSENFDDYMKEVGVGFATRKVAGMAKPNMIISVNGDVITIKSESTFKN
TEISFILGQEFDEVTADDRKVKSTITLDGGVLVHVQKWDGKSTTIKRKREDDKLVVECVMKGVTSTRVYERA
;
_entity_poly.pdbx_strand_id                 A 
_entity_poly.pdbx_target_identifier         ? 
# 
loop_
_pdbx_entity_nonpoly.entity_id 
_pdbx_entity_nonpoly.name 
_pdbx_entity_nonpoly.comp_id 
2 '2-fluoranyl-5-[(4-methoxynaphthalen-1-yl)sulfonylamino]benzoic acid' 8JO 
3 water                                                                 HOH 
# 
loop_
_entity_poly_seq.entity_id 
_entity_poly_seq.num 
_entity_poly_seq.mon_id 
_entity_poly_seq.hetero 
1 1   MET n 
1 2   GLY n 
1 3   SER n 
1 4   SER n 
1 5   HIS n 
1 6   HIS n 
1 7   HIS n 
1 8   HIS n 
1 9   HIS n 
1 10  HIS n 
1 11  SER n 
1 12  SER n 
1 13  GLY n 
1 14  LEU n 
1 15  VAL n 
1 16  PRO n 
1 17  ARG n 
1 18  GLY n 
1 19  SER n 
1 20  HIS n 
1 21  MET n 
1 22  CYS n 
1 23  ASP n 
1 24  ALA n 
1 25  PHE n 
1 26  VAL n 
1 27  GLY n 
1 28  THR n 
1 29  TRP n 
1 30  LYS n 
1 31  LEU n 
1 32  VAL n 
1 33  SER n 
1 34  SER n 
1 35  GLU n 
1 36  ASN n 
1 37  PHE n 
1 38  ASP n 
1 39  ASP n 
1 40  TYR n 
1 41  MET n 
1 42  LYS n 
1 43  GLU n 
1 44  VAL n 
1 45  GLY n 
1 46  VAL n 
1 47  GLY n 
1 48  PHE n 
1 49  ALA n 
1 50  THR n 
1 51  ARG n 
1 52  LYS n 
1 53  VAL n 
1 54  ALA n 
1 55  GLY n 
1 56  MET n 
1 57  ALA n 
1 58  LYS n 
1 59  PRO n 
1 60  ASN n 
1 61  MET n 
1 62  ILE n 
1 63  ILE n 
1 64  SER n 
1 65  VAL n 
1 66  ASN n 
1 67  GLY n 
1 68  ASP n 
1 69  VAL n 
1 70  ILE n 
1 71  THR n 
1 72  ILE n 
1 73  LYS n 
1 74  SER n 
1 75  GLU n 
1 76  SER n 
1 77  THR n 
1 78  PHE n 
1 79  LYS n 
1 80  ASN n 
1 81  THR n 
1 82  GLU n 
1 83  ILE n 
1 84  SER n 
1 85  PHE n 
1 86  ILE n 
1 87  LEU n 
1 88  GLY n 
1 89  GLN n 
1 90  GLU n 
1 91  PHE n 
1 92  ASP n 
1 93  GLU n 
1 94  VAL n 
1 95  THR n 
1 96  ALA n 
1 97  ASP n 
1 98  ASP n 
1 99  ARG n 
1 100 LYS n 
1 101 VAL n 
1 102 LYS n 
1 103 SER n 
1 104 THR n 
1 105 ILE n 
1 106 THR n 
1 107 LEU n 
1 108 ASP n 
1 109 GLY n 
1 110 GLY n 
1 111 VAL n 
1 112 LEU n 
1 113 VAL n 
1 114 HIS n 
1 115 VAL n 
1 116 GLN n 
1 117 LYS n 
1 118 TRP n 
1 119 ASP n 
1 120 GLY n 
1 121 LYS n 
1 122 SER n 
1 123 THR n 
1 124 THR n 
1 125 ILE n 
1 126 LYS n 
1 127 ARG n 
1 128 LYS n 
1 129 ARG n 
1 130 GLU n 
1 131 ASP n 
1 132 ASP n 
1 133 LYS n 
1 134 LEU n 
1 135 VAL n 
1 136 VAL n 
1 137 GLU n 
1 138 CYS n 
1 139 VAL n 
1 140 MET n 
1 141 LYS n 
1 142 GLY n 
1 143 VAL n 
1 144 THR n 
1 145 SER n 
1 146 THR n 
1 147 ARG n 
1 148 VAL n 
1 149 TYR n 
1 150 GLU n 
1 151 ARG n 
1 152 ALA n 
# 
_entity_src_gen.entity_id                          1 
_entity_src_gen.pdbx_src_id                        1 
_entity_src_gen.pdbx_alt_source_flag               sample 
_entity_src_gen.pdbx_seq_type                      'Biological sequence' 
_entity_src_gen.pdbx_beg_seq_num                   1 
_entity_src_gen.pdbx_end_seq_num                   152 
_entity_src_gen.gene_src_common_name               Human 
_entity_src_gen.gene_src_genus                     ? 
_entity_src_gen.pdbx_gene_src_gene                 FABP4 
_entity_src_gen.gene_src_species                   ? 
_entity_src_gen.gene_src_strain                    ? 
_entity_src_gen.gene_src_tissue                    ? 
_entity_src_gen.gene_src_tissue_fraction           ? 
_entity_src_gen.gene_src_details                   ? 
_entity_src_gen.pdbx_gene_src_fragment             ? 
_entity_src_gen.pdbx_gene_src_scientific_name      'Homo sapiens' 
_entity_src_gen.pdbx_gene_src_ncbi_taxonomy_id     9606 
_entity_src_gen.pdbx_gene_src_variant              ? 
_entity_src_gen.pdbx_gene_src_cell_line            ? 
_entity_src_gen.pdbx_gene_src_atcc                 ? 
_entity_src_gen.pdbx_gene_src_organ                ? 
_entity_src_gen.pdbx_gene_src_organelle            ? 
_entity_src_gen.pdbx_gene_src_cell                 ? 
_entity_src_gen.pdbx_gene_src_cellular_location    ? 
_entity_src_gen.host_org_common_name               ? 
_entity_src_gen.pdbx_host_org_scientific_name      'Escherichia coli BL21' 
_entity_src_gen.pdbx_host_org_ncbi_taxonomy_id     511693 
_entity_src_gen.host_org_genus                     ? 
_entity_src_gen.pdbx_host_org_gene                 ? 
_entity_src_gen.pdbx_host_org_organ                ? 
_entity_src_gen.host_org_species                   ? 
_entity_src_gen.pdbx_host_org_tissue               ? 
_entity_src_gen.pdbx_host_org_tissue_fraction      ? 
_entity_src_gen.pdbx_host_org_strain               BL21 
_entity_src_gen.pdbx_host_org_variant              ? 
_entity_src_gen.pdbx_host_org_cell_line            ? 
_entity_src_gen.pdbx_host_org_atcc                 ? 
_entity_src_gen.pdbx_host_org_culture_collection   ? 
_entity_src_gen.pdbx_host_org_cell                 ? 
_entity_src_gen.pdbx_host_org_organelle            ? 
_entity_src_gen.pdbx_host_org_cellular_location    ? 
_entity_src_gen.pdbx_host_org_vector_type          ? 
_entity_src_gen.pdbx_host_org_vector               ? 
_entity_src_gen.host_org_details                   ? 
_entity_src_gen.expression_system_id               ? 
_entity_src_gen.plasmid_name                       ? 
_entity_src_gen.plasmid_details                    ? 
_entity_src_gen.pdbx_description                   ? 
# 
loop_
_chem_comp.id 
_chem_comp.type 
_chem_comp.mon_nstd_flag 
_chem_comp.name 
_chem_comp.pdbx_synonyms 
_chem_comp.formula 
_chem_comp.formula_weight 
8JO non-polymer         . '2-fluoranyl-5-[(4-methoxynaphthalen-1-yl)sulfonylamino]benzoic acid' ? 'C18 H14 F N O5 S' 375.371 
ALA 'L-peptide linking' y ALANINE                                                               ? 'C3 H7 N O2'       89.093  
ARG 'L-peptide linking' y ARGININE                                                              ? 'C6 H15 N4 O2 1'   175.209 
ASN 'L-peptide linking' y ASPARAGINE                                                            ? 'C4 H8 N2 O3'      132.118 
ASP 'L-peptide linking' y 'ASPARTIC ACID'                                                       ? 'C4 H7 N O4'       133.103 
CYS 'L-peptide linking' y CYSTEINE                                                              ? 'C3 H7 N O2 S'     121.158 
GLN 'L-peptide linking' y GLUTAMINE                                                             ? 'C5 H10 N2 O3'     146.144 
GLU 'L-peptide linking' y 'GLUTAMIC ACID'                                                       ? 'C5 H9 N O4'       147.129 
GLY 'peptide linking'   y GLYCINE                                                               ? 'C2 H5 N O2'       75.067  
HIS 'L-peptide linking' y HISTIDINE                                                             ? 'C6 H10 N3 O2 1'   156.162 
HOH non-polymer         . WATER                                                                 ? 'H2 O'             18.015  
ILE 'L-peptide linking' y ISOLEUCINE                                                            ? 'C6 H13 N O2'      131.173 
LEU 'L-peptide linking' y LEUCINE                                                               ? 'C6 H13 N O2'      131.173 
LYS 'L-peptide linking' y LYSINE                                                                ? 'C6 H15 N2 O2 1'   147.195 
MET 'L-peptide linking' y METHIONINE                                                            ? 'C5 H11 N O2 S'    149.211 
PHE 'L-peptide linking' y PHENYLALANINE                                                         ? 'C9 H11 N O2'      165.189 
PRO 'L-peptide linking' y PROLINE                                                               ? 'C5 H9 N O2'       115.130 
SER 'L-peptide linking' y SERINE                                                                ? 'C3 H7 N O3'       105.093 
THR 'L-peptide linking' y THREONINE                                                             ? 'C4 H9 N O3'       119.119 
TRP 'L-peptide linking' y TRYPTOPHAN                                                            ? 'C11 H12 N2 O2'    204.225 
TYR 'L-peptide linking' y TYROSINE                                                              ? 'C9 H11 N O3'      181.189 
VAL 'L-peptide linking' y VALINE                                                                ? 'C5 H11 N O2'      117.146 
# 
loop_
_pdbx_poly_seq_scheme.asym_id 
_pdbx_poly_seq_scheme.entity_id 
_pdbx_poly_seq_scheme.seq_id 
_pdbx_poly_seq_scheme.mon_id 
_pdbx_poly_seq_scheme.ndb_seq_num 
_pdbx_poly_seq_scheme.pdb_seq_num 
_pdbx_poly_seq_scheme.auth_seq_num 
_pdbx_poly_seq_scheme.pdb_mon_id 
_pdbx_poly_seq_scheme.auth_mon_id 
_pdbx_poly_seq_scheme.pdb_strand_id 
_pdbx_poly_seq_scheme.pdb_ins_code 
_pdbx_poly_seq_scheme.hetero 
A 1 1   MET 1   -20 ?   ?   ?   A . n 
A 1 2   GLY 2   -19 ?   ?   ?   A . n 
A 1 3   SER 3   -18 ?   ?   ?   A . n 
A 1 4   SER 4   -17 ?   ?   ?   A . n 
A 1 5   HIS 5   -16 ?   ?   ?   A . n 
A 1 6   HIS 6   -15 ?   ?   ?   A . n 
A 1 7   HIS 7   -14 ?   ?   ?   A . n 
A 1 8   HIS 8   -13 ?   ?   ?   A . n 
A 1 9   HIS 9   -12 ?   ?   ?   A . n 
A 1 10  HIS 10  -11 ?   ?   ?   A . n 
A 1 11  SER 11  -10 ?   ?   ?   A . n 
A 1 12  SER 12  -9  ?   ?   ?   A . n 
A 1 13  GLY 13  -8  ?   ?   ?   A . n 
A 1 14  LEU 14  -7  ?   ?   ?   A . n 
A 1 15  VAL 15  -6  ?   ?   ?   A . n 
A 1 16  PRO 16  -5  ?   ?   ?   A . n 
A 1 17  ARG 17  -4  -4  ARG ARG A . n 
A 1 18  GLY 18  -3  -3  GLY GLY A . n 
A 1 19  SER 19  -2  -2  SER SER A . n 
A 1 20  HIS 20  -1  -1  HIS HIS A . n 
A 1 21  MET 21  0   0   MET MET A . n 
A 1 22  CYS 22  1   1   CYS CYS A . n 
A 1 23  ASP 23  2   2   ASP ASP A . n 
A 1 24  ALA 24  3   3   ALA ALA A . n 
A 1 25  PHE 25  4   4   PHE PHE A . n 
A 1 26  VAL 26  5   5   VAL VAL A . n 
A 1 27  GLY 27  6   6   GLY GLY A . n 
A 1 28  THR 28  7   7   THR THR A . n 
A 1 29  TRP 29  8   8   TRP TRP A . n 
A 1 30  LYS 30  9   9   LYS LYS A . n 
A 1 31  LEU 31  10  10  LEU LEU A . n 
A 1 32  VAL 32  11  11  VAL VAL A . n 
A 1 33  SER 33  12  12  SER SER A . n 
A 1 34  SER 34  13  13  SER SER A . n 
A 1 35  GLU 35  14  14  GLU GLU A . n 
A 1 36  ASN 36  15  15  ASN ASN A . n 
A 1 37  PHE 37  16  16  PHE PHE A . n 
A 1 38  ASP 38  17  17  ASP ASP A . n 
A 1 39  ASP 39  18  18  ASP ASP A . n 
A 1 40  TYR 40  19  19  TYR TYR A . n 
A 1 41  MET 41  20  20  MET MET A . n 
A 1 42  LYS 42  21  21  LYS LYS A . n 
A 1 43  GLU 43  22  22  GLU GLU A . n 
A 1 44  VAL 44  23  23  VAL VAL A . n 
A 1 45  GLY 45  24  24  GLY GLY A . n 
A 1 46  VAL 46  25  25  VAL VAL A . n 
A 1 47  GLY 47  26  26  GLY GLY A . n 
A 1 48  PHE 48  27  27  PHE PHE A . n 
A 1 49  ALA 49  28  28  ALA ALA A . n 
A 1 50  THR 50  29  29  THR THR A . n 
A 1 51  ARG 51  30  30  ARG ARG A . n 
A 1 52  LYS 52  31  31  LYS LYS A . n 
A 1 53  VAL 53  32  32  VAL VAL A . n 
A 1 54  ALA 54  33  33  ALA ALA A . n 
A 1 55  GLY 55  34  34  GLY GLY A . n 
A 1 56  MET 56  35  35  MET MET A . n 
A 1 57  ALA 57  36  36  ALA ALA A . n 
A 1 58  LYS 58  37  37  LYS LYS A . n 
A 1 59  PRO 59  38  38  PRO PRO A . n 
A 1 60  ASN 60  39  39  ASN ASN A . n 
A 1 61  MET 61  40  40  MET MET A . n 
A 1 62  ILE 62  41  41  ILE ILE A . n 
A 1 63  ILE 63  42  42  ILE ILE A . n 
A 1 64  SER 64  43  43  SER SER A . n 
A 1 65  VAL 65  44  44  VAL VAL A . n 
A 1 66  ASN 66  45  45  ASN ASN A . n 
A 1 67  GLY 67  46  46  GLY GLY A . n 
A 1 68  ASP 68  47  47  ASP ASP A . n 
A 1 69  VAL 69  48  48  VAL VAL A . n 
A 1 70  ILE 70  49  49  ILE ILE A . n 
A 1 71  THR 71  50  50  THR THR A . n 
A 1 72  ILE 72  51  51  ILE ILE A . n 
A 1 73  LYS 73  52  52  LYS LYS A . n 
A 1 74  SER 74  53  53  SER SER A . n 
A 1 75  GLU 75  54  54  GLU GLU A . n 
A 1 76  SER 76  55  55  SER SER A . n 
A 1 77  THR 77  56  56  THR THR A . n 
A 1 78  PHE 78  57  57  PHE PHE A . n 
A 1 79  LYS 79  58  58  LYS LYS A . n 
A 1 80  ASN 80  59  59  ASN ASN A . n 
A 1 81  THR 81  60  60  THR THR A . n 
A 1 82  GLU 82  61  61  GLU GLU A . n 
A 1 83  ILE 83  62  62  ILE ILE A . n 
A 1 84  SER 84  63  63  SER SER A . n 
A 1 85  PHE 85  64  64  PHE PHE A . n 
A 1 86  ILE 86  65  65  ILE ILE A . n 
A 1 87  LEU 87  66  66  LEU LEU A . n 
A 1 88  GLY 88  67  67  GLY GLY A . n 
A 1 89  GLN 89  68  68  GLN GLN A . n 
A 1 90  GLU 90  69  69  GLU GLU A . n 
A 1 91  PHE 91  70  70  PHE PHE A . n 
A 1 92  ASP 92  71  71  ASP ASP A . n 
A 1 93  GLU 93  72  72  GLU GLU A . n 
A 1 94  VAL 94  73  73  VAL VAL A . n 
A 1 95  THR 95  74  74  THR THR A . n 
A 1 96  ALA 96  75  75  ALA ALA A . n 
A 1 97  ASP 97  76  76  ASP ASP A . n 
A 1 98  ASP 98  77  77  ASP ASP A . n 
A 1 99  ARG 99  78  78  ARG ARG A . n 
A 1 100 LYS 100 79  79  LYS LYS A . n 
A 1 101 VAL 101 80  80  VAL VAL A . n 
A 1 102 LYS 102 81  81  LYS LYS A . n 
A 1 103 SER 103 82  82  SER SER A . n 
A 1 104 THR 104 83  83  THR THR A . n 
A 1 105 ILE 105 84  84  ILE ILE A . n 
A 1 106 THR 106 85  85  THR THR A . n 
A 1 107 LEU 107 86  86  LEU LEU A . n 
A 1 108 ASP 108 87  87  ASP ASP A . n 
A 1 109 GLY 109 88  88  GLY GLY A . n 
A 1 110 GLY 110 89  89  GLY GLY A . n 
A 1 111 VAL 111 90  90  VAL VAL A . n 
A 1 112 LEU 112 91  91  LEU LEU A . n 
A 1 113 VAL 113 92  92  VAL VAL A . n 
A 1 114 HIS 114 93  93  HIS HIS A . n 
A 1 115 VAL 115 94  94  VAL VAL A . n 
A 1 116 GLN 116 95  95  GLN GLN A . n 
A 1 117 LYS 117 96  96  LYS LYS A . n 
A 1 118 TRP 118 97  97  TRP TRP A . n 
A 1 119 ASP 119 98  98  ASP ASP A . n 
A 1 120 GLY 120 99  99  GLY GLY A . n 
A 1 121 LYS 121 100 100 LYS LYS A . n 
A 1 122 SER 122 101 101 SER SER A . n 
A 1 123 THR 123 102 102 THR THR A . n 
A 1 124 THR 124 103 103 THR THR A . n 
A 1 125 ILE 125 104 104 ILE ILE A . n 
A 1 126 LYS 126 105 105 LYS LYS A . n 
A 1 127 ARG 127 106 106 ARG ARG A . n 
A 1 128 LYS 128 107 107 LYS LYS A . n 
A 1 129 ARG 129 108 108 ARG ARG A . n 
A 1 130 GLU 130 109 109 GLU GLU A . n 
A 1 131 ASP 131 110 110 ASP ASP A . n 
A 1 132 ASP 132 111 111 ASP ASP A . n 
A 1 133 LYS 133 112 112 LYS LYS A . n 
A 1 134 LEU 134 113 113 LEU LEU A . n 
A 1 135 VAL 135 114 114 VAL VAL A . n 
A 1 136 VAL 136 115 115 VAL VAL A . n 
A 1 137 GLU 137 116 116 GLU GLU A . n 
A 1 138 CYS 138 117 117 CYS CYS A . n 
A 1 139 VAL 139 118 118 VAL VAL A . n 
A 1 140 MET 140 119 119 MET MET A . n 
A 1 141 LYS 141 120 120 LYS LYS A . n 
A 1 142 GLY 142 121 121 GLY GLY A . n 
A 1 143 VAL 143 122 122 VAL VAL A . n 
A 1 144 THR 144 123 123 THR THR A . n 
A 1 145 SER 145 124 124 SER SER A . n 
A 1 146 THR 146 125 125 THR THR A . n 
A 1 147 ARG 147 126 126 ARG ARG A . n 
A 1 148 VAL 148 127 127 VAL VAL A . n 
A 1 149 TYR 149 128 128 TYR TYR A . n 
A 1 150 GLU 150 129 129 GLU GLU A . n 
A 1 151 ARG 151 130 130 ARG ARG A . n 
A 1 152 ALA 152 131 131 ALA ALA A . n 
# 
loop_
_pdbx_nonpoly_scheme.asym_id 
_pdbx_nonpoly_scheme.entity_id 
_pdbx_nonpoly_scheme.mon_id 
_pdbx_nonpoly_scheme.ndb_seq_num 
_pdbx_nonpoly_scheme.pdb_seq_num 
_pdbx_nonpoly_scheme.auth_seq_num 
_pdbx_nonpoly_scheme.pdb_mon_id 
_pdbx_nonpoly_scheme.auth_mon_id 
_pdbx_nonpoly_scheme.pdb_strand_id 
_pdbx_nonpoly_scheme.pdb_ins_code 
B 2 8JO 1   200 200 8JO DRG A . 
C 3 HOH 1   301 488 HOH HOH A . 
C 3 HOH 2   302 495 HOH HOH A . 
C 3 HOH 3   303 436 HOH HOH A . 
C 3 HOH 4   304 484 HOH HOH A . 
C 3 HOH 5   305 482 HOH HOH A . 
C 3 HOH 6   306 473 HOH HOH A . 
C 3 HOH 7   307 433 HOH HOH A . 
C 3 HOH 8   308 428 HOH HOH A . 
C 3 HOH 9   309 427 HOH HOH A . 
C 3 HOH 10  310 419 HOH HOH A . 
C 3 HOH 11  311 421 HOH HOH A . 
C 3 HOH 12  312 412 HOH HOH A . 
C 3 HOH 13  313 425 HOH HOH A . 
C 3 HOH 14  314 405 HOH HOH A . 
C 3 HOH 15  315 441 HOH HOH A . 
C 3 HOH 16  316 504 HOH HOH A . 
C 3 HOH 17  317 417 HOH HOH A . 
C 3 HOH 18  318 474 HOH HOH A . 
C 3 HOH 19  319 445 HOH HOH A . 
C 3 HOH 20  320 418 HOH HOH A . 
C 3 HOH 21  321 478 HOH HOH A . 
C 3 HOH 22  322 466 HOH HOH A . 
C 3 HOH 23  323 406 HOH HOH A . 
C 3 HOH 24  324 432 HOH HOH A . 
C 3 HOH 25  325 509 HOH HOH A . 
C 3 HOH 26  326 463 HOH HOH A . 
C 3 HOH 27  327 486 HOH HOH A . 
C 3 HOH 28  328 454 HOH HOH A . 
C 3 HOH 29  329 444 HOH HOH A . 
C 3 HOH 30  330 416 HOH HOH A . 
C 3 HOH 31  331 514 HOH HOH A . 
C 3 HOH 32  332 515 HOH HOH A . 
C 3 HOH 33  333 458 HOH HOH A . 
C 3 HOH 34  334 403 HOH HOH A . 
C 3 HOH 35  335 497 HOH HOH A . 
C 3 HOH 36  336 480 HOH HOH A . 
C 3 HOH 37  337 430 HOH HOH A . 
C 3 HOH 38  338 472 HOH HOH A . 
C 3 HOH 39  339 422 HOH HOH A . 
C 3 HOH 40  340 443 HOH HOH A . 
C 3 HOH 41  341 437 HOH HOH A . 
C 3 HOH 42  342 411 HOH HOH A . 
C 3 HOH 43  343 505 HOH HOH A . 
C 3 HOH 44  344 481 HOH HOH A . 
C 3 HOH 45  345 414 HOH HOH A . 
C 3 HOH 46  346 404 HOH HOH A . 
C 3 HOH 47  347 410 HOH HOH A . 
C 3 HOH 48  348 423 HOH HOH A . 
C 3 HOH 49  349 479 HOH HOH A . 
C 3 HOH 50  350 424 HOH HOH A . 
C 3 HOH 51  351 431 HOH HOH A . 
C 3 HOH 52  352 439 HOH HOH A . 
C 3 HOH 53  353 426 HOH HOH A . 
C 3 HOH 54  354 435 HOH HOH A . 
C 3 HOH 55  355 442 HOH HOH A . 
C 3 HOH 56  356 408 HOH HOH A . 
C 3 HOH 57  357 476 HOH HOH A . 
C 3 HOH 58  358 415 HOH HOH A . 
C 3 HOH 59  359 409 HOH HOH A . 
C 3 HOH 60  360 449 HOH HOH A . 
C 3 HOH 61  361 464 HOH HOH A . 
C 3 HOH 62  362 455 HOH HOH A . 
C 3 HOH 63  363 457 HOH HOH A . 
C 3 HOH 64  364 461 HOH HOH A . 
C 3 HOH 65  365 402 HOH HOH A . 
C 3 HOH 66  366 462 HOH HOH A . 
C 3 HOH 67  367 420 HOH HOH A . 
C 3 HOH 68  368 452 HOH HOH A . 
C 3 HOH 69  369 413 HOH HOH A . 
C 3 HOH 70  370 401 HOH HOH A . 
C 3 HOH 71  371 453 HOH HOH A . 
C 3 HOH 72  372 498 HOH HOH A . 
C 3 HOH 73  373 450 HOH HOH A . 
C 3 HOH 74  374 429 HOH HOH A . 
C 3 HOH 75  375 468 HOH HOH A . 
C 3 HOH 76  376 465 HOH HOH A . 
C 3 HOH 77  377 446 HOH HOH A . 
C 3 HOH 78  378 447 HOH HOH A . 
C 3 HOH 79  379 440 HOH HOH A . 
C 3 HOH 80  380 477 HOH HOH A . 
C 3 HOH 81  381 467 HOH HOH A . 
C 3 HOH 82  382 483 HOH HOH A . 
C 3 HOH 83  383 459 HOH HOH A . 
C 3 HOH 84  384 456 HOH HOH A . 
C 3 HOH 85  385 460 HOH HOH A . 
C 3 HOH 86  386 470 HOH HOH A . 
C 3 HOH 87  387 491 HOH HOH A . 
C 3 HOH 88  388 496 HOH HOH A . 
C 3 HOH 89  389 469 HOH HOH A . 
C 3 HOH 90  390 471 HOH HOH A . 
C 3 HOH 91  391 407 HOH HOH A . 
C 3 HOH 92  392 448 HOH HOH A . 
C 3 HOH 93  393 451 HOH HOH A . 
C 3 HOH 94  394 503 HOH HOH A . 
C 3 HOH 95  395 434 HOH HOH A . 
C 3 HOH 96  396 490 HOH HOH A . 
C 3 HOH 97  397 438 HOH HOH A . 
C 3 HOH 98  398 512 HOH HOH A . 
C 3 HOH 99  399 510 HOH HOH A . 
C 3 HOH 100 400 511 HOH HOH A . 
C 3 HOH 101 401 492 HOH HOH A . 
C 3 HOH 102 402 502 HOH HOH A . 
C 3 HOH 103 403 493 HOH HOH A . 
C 3 HOH 104 404 487 HOH HOH A . 
C 3 HOH 105 405 501 HOH HOH A . 
C 3 HOH 106 406 500 HOH HOH A . 
C 3 HOH 107 407 508 HOH HOH A . 
C 3 HOH 108 408 485 HOH HOH A . 
C 3 HOH 109 409 507 HOH HOH A . 
C 3 HOH 110 410 506 HOH HOH A . 
C 3 HOH 111 411 489 HOH HOH A . 
C 3 HOH 112 412 475 HOH HOH A . 
C 3 HOH 113 413 499 HOH HOH A . 
C 3 HOH 114 414 513 HOH HOH A . 
C 3 HOH 115 415 494 HOH HOH A . 
# 
loop_
_pdbx_unobs_or_zero_occ_atoms.id 
_pdbx_unobs_or_zero_occ_atoms.PDB_model_num 
_pdbx_unobs_or_zero_occ_atoms.polymer_flag 
_pdbx_unobs_or_zero_occ_atoms.occupancy_flag 
_pdbx_unobs_or_zero_occ_atoms.auth_asym_id 
_pdbx_unobs_or_zero_occ_atoms.auth_comp_id 
_pdbx_unobs_or_zero_occ_atoms.auth_seq_id 
_pdbx_unobs_or_zero_occ_atoms.PDB_ins_code 
_pdbx_unobs_or_zero_occ_atoms.auth_atom_id 
_pdbx_unobs_or_zero_occ_atoms.label_alt_id 
_pdbx_unobs_or_zero_occ_atoms.label_asym_id 
_pdbx_unobs_or_zero_occ_atoms.label_comp_id 
_pdbx_unobs_or_zero_occ_atoms.label_seq_id 
_pdbx_unobs_or_zero_occ_atoms.label_atom_id 
1 1 Y 1 A ARG -4 ? CG  ? A ARG 17 CG  
2 1 Y 1 A ARG -4 ? CD  ? A ARG 17 CD  
3 1 Y 1 A ARG -4 ? NE  ? A ARG 17 NE  
4 1 Y 1 A ARG -4 ? CZ  ? A ARG 17 CZ  
5 1 Y 1 A ARG -4 ? NH1 ? A ARG 17 NH1 
6 1 Y 1 A ARG -4 ? NH2 ? A ARG 17 NH2 
# 
loop_
_software.citation_id 
_software.classification 
_software.compiler_name 
_software.compiler_version 
_software.contact_author 
_software.contact_author_email 
_software.date 
_software.description 
_software.dependencies 
_software.hardware 
_software.language 
_software.location 
_software.mods 
_software.name 
_software.os 
_software.os_version 
_software.type 
_software.version 
_software.pdbx_ordinal 
? refinement       ? ? ? ? ? ? ? ? ? ? ? PHENIX ? ? ? 1.11.1_2575 1 
? 'data reduction' ? ? ? ? ? ? ? ? ? ? ? XDS    ? ? ? .           2 
? 'data scaling'   ? ? ? ? ? ? ? ? ? ? ? XSCALE ? ? ? .           3 
? phasing          ? ? ? ? ? ? ? ? ? ? ? PHASER ? ? ? .           4 
# 
_cell.angle_alpha                  90.00 
_cell.angle_alpha_esd              ? 
_cell.angle_beta                   90.00 
_cell.angle_beta_esd               ? 
_cell.angle_gamma                  90.00 
_cell.angle_gamma_esd              ? 
_cell.entry_id                     5Y0F 
_cell.details                      ? 
_cell.formula_units_Z              ? 
_cell.length_a                     32.370 
_cell.length_a_esd                 ? 
_cell.length_b                     53.690 
_cell.length_b_esd                 ? 
_cell.length_c                     75.250 
_cell.length_c_esd                 ? 
_cell.volume                       ? 
_cell.volume_esd                   ? 
_cell.Z_PDB                        4 
_cell.reciprocal_angle_alpha       ? 
_cell.reciprocal_angle_beta        ? 
_cell.reciprocal_angle_gamma       ? 
_cell.reciprocal_angle_alpha_esd   ? 
_cell.reciprocal_angle_beta_esd    ? 
_cell.reciprocal_angle_gamma_esd   ? 
_cell.reciprocal_length_a          ? 
_cell.reciprocal_length_b          ? 
_cell.reciprocal_length_c          ? 
_cell.reciprocal_length_a_esd      ? 
_cell.reciprocal_length_b_esd      ? 
_cell.reciprocal_length_c_esd      ? 
_cell.pdbx_unique_axis             ? 
# 
_symmetry.entry_id                         5Y0F 
_symmetry.cell_setting                     ? 
_symmetry.Int_Tables_number                19 
_symmetry.space_group_name_Hall            ? 
_symmetry.space_group_name_H-M             'P 21 21 21' 
_symmetry.pdbx_full_space_group_name_H-M   ? 
# 
_exptl.absorpt_coefficient_mu     ? 
_exptl.absorpt_correction_T_max   ? 
_exptl.absorpt_correction_T_min   ? 
_exptl.absorpt_correction_type    ? 
_exptl.absorpt_process_details    ? 
_exptl.entry_id                   5Y0F 
_exptl.crystals_number            1 
_exptl.details                    ? 
_exptl.method                     'X-RAY DIFFRACTION' 
_exptl.method_details             ? 
# 
_exptl_crystal.colour                      ? 
_exptl_crystal.density_diffrn              ? 
_exptl_crystal.density_Matthews            1.93 
_exptl_crystal.density_method              ? 
_exptl_crystal.density_percent_sol         36.38 
_exptl_crystal.description                 ? 
_exptl_crystal.F_000                       ? 
_exptl_crystal.id                          1 
_exptl_crystal.preparation                 ? 
_exptl_crystal.size_max                    ? 
_exptl_crystal.size_mid                    ? 
_exptl_crystal.size_min                    ? 
_exptl_crystal.size_rad                    ? 
_exptl_crystal.colour_lustre               ? 
_exptl_crystal.colour_modifier             ? 
_exptl_crystal.colour_primary              ? 
_exptl_crystal.density_meas                ? 
_exptl_crystal.density_meas_esd            ? 
_exptl_crystal.density_meas_gt             ? 
_exptl_crystal.density_meas_lt             ? 
_exptl_crystal.density_meas_temp           ? 
_exptl_crystal.density_meas_temp_esd       ? 
_exptl_crystal.density_meas_temp_gt        ? 
_exptl_crystal.density_meas_temp_lt        ? 
_exptl_crystal.pdbx_crystal_image_url      ? 
_exptl_crystal.pdbx_crystal_image_format   ? 
_exptl_crystal.pdbx_mosaicity              ? 
_exptl_crystal.pdbx_mosaicity_esd          ? 
# 
_exptl_crystal_grow.apparatus       ? 
_exptl_crystal_grow.atmosphere      ? 
_exptl_crystal_grow.crystal_id      1 
_exptl_crystal_grow.details         ? 
_exptl_crystal_grow.method          'VAPOR DIFFUSION, HANGING DROP' 
_exptl_crystal_grow.method_ref      ? 
_exptl_crystal_grow.pH              6.5 
_exptl_crystal_grow.pressure        ? 
_exptl_crystal_grow.pressure_esd    ? 
_exptl_crystal_grow.seeding         ? 
_exptl_crystal_grow.seeding_ref     ? 
_exptl_crystal_grow.temp            293 
_exptl_crystal_grow.temp_details    ? 
_exptl_crystal_grow.temp_esd        ? 
_exptl_crystal_grow.time            ? 
_exptl_crystal_grow.pdbx_details    '1.6M trisodium citrate, PH6.5' 
_exptl_crystal_grow.pdbx_pH_range   ? 
# 
_diffrn.ambient_environment    ? 
_diffrn.ambient_temp           100 
_diffrn.ambient_temp_details   ? 
_diffrn.ambient_temp_esd       ? 
_diffrn.crystal_id             1 
_diffrn.crystal_support        ? 
_diffrn.crystal_treatment      ? 
_diffrn.details                ? 
_diffrn.id                     1 
_diffrn.ambient_pressure       ? 
_diffrn.ambient_pressure_esd   ? 
_diffrn.ambient_pressure_gt    ? 
_diffrn.ambient_pressure_lt    ? 
_diffrn.ambient_temp_gt        ? 
_diffrn.ambient_temp_lt        ? 
# 
_diffrn_detector.details                      ? 
_diffrn_detector.detector                     PIXEL 
_diffrn_detector.diffrn_id                    1 
_diffrn_detector.type                         'DECTRIS PILATUS 2M' 
_diffrn_detector.area_resol_mean              ? 
_diffrn_detector.dtime                        ? 
_diffrn_detector.pdbx_frames_total            ? 
_diffrn_detector.pdbx_collection_time_total   ? 
_diffrn_detector.pdbx_collection_date         2017-05-28 
# 
_diffrn_radiation.collimation                      ? 
_diffrn_radiation.diffrn_id                        1 
_diffrn_radiation.filter_edge                      ? 
_diffrn_radiation.inhomogeneity                    ? 
_diffrn_radiation.monochromator                    ? 
_diffrn_radiation.polarisn_norm                    ? 
_diffrn_radiation.polarisn_ratio                   ? 
_diffrn_radiation.probe                            ? 
_diffrn_radiation.type                             ? 
_diffrn_radiation.xray_symbol                      ? 
_diffrn_radiation.wavelength_id                    1 
_diffrn_radiation.pdbx_monochromatic_or_laue_m_l   M 
_diffrn_radiation.pdbx_wavelength_list             ? 
_diffrn_radiation.pdbx_wavelength                  ? 
_diffrn_radiation.pdbx_diffrn_protocol             'SINGLE WAVELENGTH' 
_diffrn_radiation.pdbx_analyzer                    ? 
_diffrn_radiation.pdbx_scattering_type             x-ray 
# 
_diffrn_radiation_wavelength.id           1 
_diffrn_radiation_wavelength.wavelength   0.9778 
_diffrn_radiation_wavelength.wt           1.0 
# 
_diffrn_source.current                     ? 
_diffrn_source.details                     ? 
_diffrn_source.diffrn_id                   1 
_diffrn_source.power                       ? 
_diffrn_source.size                        ? 
_diffrn_source.source                      SYNCHROTRON 
_diffrn_source.target                      ? 
_diffrn_source.type                        'SSRF BEAMLINE BL19U1' 
_diffrn_source.voltage                     ? 
_diffrn_source.take-off_angle              ? 
_diffrn_source.pdbx_wavelength_list        0.9778 
_diffrn_source.pdbx_wavelength             ? 
_diffrn_source.pdbx_synchrotron_beamline   BL19U1 
_diffrn_source.pdbx_synchrotron_site       SSRF 
# 
_reflns.B_iso_Wilson_estimate            ? 
_reflns.entry_id                         5Y0F 
_reflns.data_reduction_details           ? 
_reflns.data_reduction_method            ? 
_reflns.d_resolution_high                1.54 
_reflns.d_resolution_low                 43.7 
_reflns.details                          ? 
_reflns.limit_h_max                      ? 
_reflns.limit_h_min                      ? 
_reflns.limit_k_max                      ? 
_reflns.limit_k_min                      ? 
_reflns.limit_l_max                      ? 
_reflns.limit_l_min                      ? 
_reflns.number_all                       ? 
_reflns.number_obs                       36692 
_reflns.observed_criterion               ? 
_reflns.observed_criterion_F_max         ? 
_reflns.observed_criterion_F_min         ? 
_reflns.observed_criterion_I_max         ? 
_reflns.observed_criterion_I_min         ? 
_reflns.observed_criterion_sigma_F       ? 
_reflns.observed_criterion_sigma_I       ? 
_reflns.percent_possible_obs             98.4 
_reflns.R_free_details                   ? 
_reflns.Rmerge_F_all                     ? 
_reflns.Rmerge_F_obs                     ? 
_reflns.Friedel_coverage                 ? 
_reflns.number_gt                        ? 
_reflns.threshold_expression             ? 
_reflns.pdbx_redundancy                  3.34 
_reflns.pdbx_Rmerge_I_obs                ? 
_reflns.pdbx_Rmerge_I_all                ? 
_reflns.pdbx_Rsym_value                  ? 
_reflns.pdbx_netI_over_av_sigmaI         ? 
_reflns.pdbx_netI_over_sigmaI            17.28 
_reflns.pdbx_res_netI_over_av_sigmaI_2   ? 
_reflns.pdbx_res_netI_over_sigmaI_2      ? 
_reflns.pdbx_chi_squared                 ? 
_reflns.pdbx_scaling_rejects             ? 
_reflns.pdbx_d_res_high_opt              ? 
_reflns.pdbx_d_res_low_opt               ? 
_reflns.pdbx_d_res_opt_method            ? 
_reflns.phase_calculation_details        ? 
_reflns.pdbx_Rrim_I_all                  ? 
_reflns.pdbx_Rpim_I_all                  ? 
_reflns.pdbx_d_opt                       ? 
_reflns.pdbx_number_measured_all         ? 
_reflns.pdbx_diffrn_id                   1 
_reflns.pdbx_ordinal                     1 
_reflns.pdbx_CC_half                     ? 
_reflns.pdbx_R_split                     ? 
# 
_reflns_shell.d_res_high                  1.54 
_reflns_shell.d_res_low                   1.58 
_reflns_shell.meanI_over_sigI_all         ? 
_reflns_shell.meanI_over_sigI_obs         3.28 
_reflns_shell.number_measured_all         ? 
_reflns_shell.number_measured_obs         ? 
_reflns_shell.number_possible             ? 
_reflns_shell.number_unique_all           ? 
_reflns_shell.number_unique_obs           2333 
_reflns_shell.percent_possible_all        85.6 
_reflns_shell.percent_possible_obs        ? 
_reflns_shell.Rmerge_F_all                ? 
_reflns_shell.Rmerge_F_obs                ? 
_reflns_shell.Rmerge_I_all                ? 
_reflns_shell.Rmerge_I_obs                0.31 
_reflns_shell.meanI_over_sigI_gt          ? 
_reflns_shell.meanI_over_uI_all           ? 
_reflns_shell.meanI_over_uI_gt            ? 
_reflns_shell.number_measured_gt          ? 
_reflns_shell.number_unique_gt            ? 
_reflns_shell.percent_possible_gt         ? 
_reflns_shell.Rmerge_F_gt                 ? 
_reflns_shell.Rmerge_I_gt                 ? 
_reflns_shell.pdbx_redundancy             2.70 
_reflns_shell.pdbx_Rsym_value             ? 
_reflns_shell.pdbx_chi_squared            ? 
_reflns_shell.pdbx_netI_over_sigmaI_all   ? 
_reflns_shell.pdbx_netI_over_sigmaI_obs   ? 
_reflns_shell.pdbx_Rrim_I_all             ? 
_reflns_shell.pdbx_Rpim_I_all             0.37 
_reflns_shell.pdbx_rejects                ? 
_reflns_shell.pdbx_ordinal                1 
_reflns_shell.pdbx_diffrn_id              1 
_reflns_shell.pdbx_CC_half                0.909 
_reflns_shell.pdbx_R_split                ? 
# 
_refine.aniso_B[1][1]                            ? 
_refine.aniso_B[1][2]                            ? 
_refine.aniso_B[1][3]                            ? 
_refine.aniso_B[2][2]                            ? 
_refine.aniso_B[2][3]                            ? 
_refine.aniso_B[3][3]                            ? 
_refine.B_iso_max                                ? 
_refine.B_iso_mean                               ? 
_refine.B_iso_min                                ? 
_refine.correlation_coeff_Fo_to_Fc               ? 
_refine.correlation_coeff_Fo_to_Fc_free          ? 
_refine.details                                  ? 
_refine.diff_density_max                         ? 
_refine.diff_density_max_esd                     ? 
_refine.diff_density_min                         ? 
_refine.diff_density_min_esd                     ? 
_refine.diff_density_rms                         ? 
_refine.diff_density_rms_esd                     ? 
_refine.entry_id                                 5Y0F 
_refine.pdbx_refine_id                           'X-RAY DIFFRACTION' 
_refine.ls_abs_structure_details                 ? 
_refine.ls_abs_structure_Flack                   ? 
_refine.ls_abs_structure_Flack_esd               ? 
_refine.ls_abs_structure_Rogers                  ? 
_refine.ls_abs_structure_Rogers_esd              ? 
_refine.ls_d_res_high                            1.54 
_refine.ls_d_res_low                             43.7 
_refine.ls_extinction_coef                       ? 
_refine.ls_extinction_coef_esd                   ? 
_refine.ls_extinction_expression                 ? 
_refine.ls_extinction_method                     ? 
_refine.ls_goodness_of_fit_all                   ? 
_refine.ls_goodness_of_fit_all_esd               ? 
_refine.ls_goodness_of_fit_obs                   ? 
_refine.ls_goodness_of_fit_obs_esd               ? 
_refine.ls_hydrogen_treatment                    ? 
_refine.ls_matrix_type                           ? 
_refine.ls_number_constraints                    ? 
_refine.ls_number_parameters                     ? 
_refine.ls_number_reflns_all                     ? 
_refine.ls_number_reflns_obs                     36690 
_refine.ls_number_reflns_R_free                  1104 
_refine.ls_number_reflns_R_work                  ? 
_refine.ls_number_restraints                     ? 
_refine.ls_percent_reflns_obs                    98.43 
_refine.ls_percent_reflns_R_free                 3.01 
_refine.ls_R_factor_all                          ? 
_refine.ls_R_factor_obs                          0.1731 
_refine.ls_R_factor_R_free                       0.1823 
_refine.ls_R_factor_R_free_error                 ? 
_refine.ls_R_factor_R_free_error_details         ? 
_refine.ls_R_factor_R_work                       0.1728 
_refine.ls_R_Fsqd_factor_obs                     ? 
_refine.ls_R_I_factor_obs                        ? 
_refine.ls_redundancy_reflns_all                 ? 
_refine.ls_redundancy_reflns_obs                 ? 
_refine.ls_restrained_S_all                      ? 
_refine.ls_restrained_S_obs                      ? 
_refine.ls_shift_over_esd_max                    ? 
_refine.ls_shift_over_esd_mean                   ? 
_refine.ls_structure_factor_coef                 ? 
_refine.ls_weighting_details                     ? 
_refine.ls_weighting_scheme                      ? 
_refine.ls_wR_factor_all                         ? 
_refine.ls_wR_factor_obs                         ? 
_refine.ls_wR_factor_R_free                      ? 
_refine.ls_wR_factor_R_work                      ? 
_refine.occupancy_max                            ? 
_refine.occupancy_min                            ? 
_refine.solvent_model_details                    ? 
_refine.solvent_model_param_bsol                 ? 
_refine.solvent_model_param_ksol                 ? 
_refine.ls_R_factor_gt                           ? 
_refine.ls_goodness_of_fit_gt                    ? 
_refine.ls_goodness_of_fit_ref                   ? 
_refine.ls_shift_over_su_max                     ? 
_refine.ls_shift_over_su_max_lt                  ? 
_refine.ls_shift_over_su_mean                    ? 
_refine.ls_shift_over_su_mean_lt                 ? 
_refine.pdbx_ls_sigma_I                          ? 
_refine.pdbx_ls_sigma_F                          1.38 
_refine.pdbx_ls_sigma_Fsqd                       ? 
_refine.pdbx_data_cutoff_high_absF               ? 
_refine.pdbx_data_cutoff_high_rms_absF           ? 
_refine.pdbx_data_cutoff_low_absF                ? 
_refine.pdbx_isotropic_thermal_model             ? 
_refine.pdbx_ls_cross_valid_method               'FREE R-VALUE' 
_refine.pdbx_method_to_determine_struct          ? 
_refine.pdbx_starting_model                      ? 
_refine.pdbx_stereochemistry_target_values       ? 
_refine.pdbx_R_Free_selection_details            ? 
_refine.pdbx_stereochem_target_val_spec_case     ? 
_refine.pdbx_overall_ESU_R                       ? 
_refine.pdbx_overall_ESU_R_Free                  ? 
_refine.pdbx_solvent_vdw_probe_radii             1.11 
_refine.pdbx_solvent_ion_probe_radii             ? 
_refine.pdbx_solvent_shrinkage_radii             0.90 
_refine.pdbx_real_space_R                        ? 
_refine.pdbx_density_correlation                 ? 
_refine.pdbx_pd_number_of_powder_patterns        ? 
_refine.pdbx_pd_number_of_points                 ? 
_refine.pdbx_pd_meas_number_of_points            ? 
_refine.pdbx_pd_proc_ls_prof_R_factor            ? 
_refine.pdbx_pd_proc_ls_prof_wR_factor           ? 
_refine.pdbx_pd_Marquardt_correlation_coeff      ? 
_refine.pdbx_pd_Fsqrd_R_factor                   ? 
_refine.pdbx_pd_ls_matrix_band_width             ? 
_refine.pdbx_overall_phase_error                 18.86 
_refine.pdbx_overall_SU_R_free_Cruickshank_DPI   ? 
_refine.pdbx_overall_SU_R_free_Blow_DPI          ? 
_refine.pdbx_overall_SU_R_Blow_DPI               ? 
_refine.pdbx_TLS_residual_ADP_flag               ? 
_refine.pdbx_diffrn_id                           1 
_refine.overall_SU_B                             ? 
_refine.overall_SU_ML                            0.13 
_refine.overall_SU_R_Cruickshank_DPI             ? 
_refine.overall_SU_R_free                        ? 
_refine.overall_FOM_free_R_set                   ? 
_refine.overall_FOM_work_R_set                   ? 
_refine.pdbx_average_fsc_overall                 ? 
_refine.pdbx_average_fsc_work                    ? 
_refine.pdbx_average_fsc_free                    ? 
# 
_refine_hist.pdbx_refine_id                   'X-RAY DIFFRACTION' 
_refine_hist.cycle_id                         LAST 
_refine_hist.pdbx_number_atoms_protein        1054 
_refine_hist.pdbx_number_atoms_nucleic_acid   0 
_refine_hist.pdbx_number_atoms_ligand         26 
_refine_hist.number_atoms_solvent             115 
_refine_hist.number_atoms_total               1195 
_refine_hist.d_res_high                       1.54 
_refine_hist.d_res_low                        43.7 
# 
loop_
_refine_ls_restr.pdbx_refine_id 
_refine_ls_restr.criterion 
_refine_ls_restr.dev_ideal 
_refine_ls_restr.dev_ideal_target 
_refine_ls_restr.number 
_refine_ls_restr.rejects 
_refine_ls_restr.type 
_refine_ls_restr.weight 
_refine_ls_restr.pdbx_restraint_function 
'X-RAY DIFFRACTION' ? 0.005 ? 1100 ? f_bond_d           ? ? 
'X-RAY DIFFRACTION' ? 0.715 ? 1483 ? f_angle_d          ? ? 
'X-RAY DIFFRACTION' ? 2.769 ? 923  ? f_dihedral_angle_d ? ? 
'X-RAY DIFFRACTION' ? 0.054 ? 168  ? f_chiral_restr     ? ? 
'X-RAY DIFFRACTION' ? 0.004 ? 185  ? f_plane_restr      ? ? 
# 
loop_
_refine_ls_shell.pdbx_refine_id 
_refine_ls_shell.d_res_high 
_refine_ls_shell.d_res_low 
_refine_ls_shell.number_reflns_all 
_refine_ls_shell.number_reflns_obs 
_refine_ls_shell.number_reflns_R_free 
_refine_ls_shell.number_reflns_R_work 
_refine_ls_shell.percent_reflns_obs 
_refine_ls_shell.percent_reflns_R_free 
_refine_ls_shell.R_factor_all 
_refine_ls_shell.R_factor_obs 
_refine_ls_shell.R_factor_R_free 
_refine_ls_shell.R_factor_R_free_error 
_refine_ls_shell.R_factor_R_work 
_refine_ls_shell.redundancy_reflns_all 
_refine_ls_shell.redundancy_reflns_obs 
_refine_ls_shell.wR_factor_all 
_refine_ls_shell.wR_factor_obs 
_refine_ls_shell.wR_factor_R_free 
_refine_ls_shell.wR_factor_R_work 
_refine_ls_shell.pdbx_total_number_of_bins_used 
_refine_ls_shell.pdbx_phase_error 
_refine_ls_shell.pdbx_fsc_work 
_refine_ls_shell.pdbx_fsc_free 
'X-RAY DIFFRACTION' 1.5431 1.6133  . . 133 4150 91.00  . . . 0.2333 . 0.2069 . . . . . . . . . . 
'X-RAY DIFFRACTION' 1.6133 1.6984  . . 137 4486 100.00 . . . 0.2153 . 0.1983 . . . . . . . . . . 
'X-RAY DIFFRACTION' 1.6984 1.8048  . . 140 4487 99.00  . . . 0.2627 . 0.1825 . . . . . . . . . . 
'X-RAY DIFFRACTION' 1.8048 1.9441  . . 136 4508 100.00 . . . 0.1737 . 0.1728 . . . . . . . . . . 
'X-RAY DIFFRACTION' 1.9441 2.1398  . . 138 4485 99.00  . . . 0.1848 . 0.1667 . . . . . . . . . . 
'X-RAY DIFFRACTION' 2.1398 2.4494  . . 138 4512 99.00  . . . 0.1861 . 0.1726 . . . . . . . . . . 
'X-RAY DIFFRACTION' 2.4494 3.0859  . . 143 4473 100.00 . . . 0.1601 . 0.1871 . . . . . . . . . . 
'X-RAY DIFFRACTION' 3.0859 43.7233 . . 139 4485 99.00  . . . 0.1730 . 0.1576 . . . . . . . . . . 
# 
_struct.entry_id                     5Y0F 
_struct.title                        
'Crystal structure of human FABP4 complexed with ligand 2-fluoro-5-((4-methoxynaphthalene)-1-sulfonamido) benzoic acid' 
_struct.pdbx_model_details           ? 
_struct.pdbx_formula_weight          ? 
_struct.pdbx_formula_weight_method   ? 
_struct.pdbx_model_type_details      ? 
_struct.pdbx_CASP_flag               N 
# 
_struct_keywords.entry_id        5Y0F 
_struct_keywords.text            'lipid binding protein, FABP4, inhibitor' 
_struct_keywords.pdbx_keywords   'LIPID BINDING PROTEIN' 
# 
loop_
_struct_asym.id 
_struct_asym.pdbx_blank_PDB_chainid_flag 
_struct_asym.pdbx_modified 
_struct_asym.entity_id 
_struct_asym.details 
A N N 1 ? 
B N N 2 ? 
C N N 3 ? 
# 
_struct_ref.id                         1 
_struct_ref.db_name                    UNP 
_struct_ref.db_code                    FABP4_HUMAN 
_struct_ref.pdbx_db_accession          P15090 
_struct_ref.pdbx_db_isoform            ? 
_struct_ref.entity_id                  1 
_struct_ref.pdbx_seq_one_letter_code   
;MCDAFVGTWKLVSSENFDDYMKEVGVGFATRKVAGMAKPNMIISVNGDVITIKSESTFKNTEISFILGQEFDEVTADDRK
VKSTITLDGGVLVHVQKWDGKSTTIKRKREDDKLVVECVMKGVTSTRVYERA
;
_struct_ref.pdbx_align_begin           1 
# 
_struct_ref_seq.align_id                      1 
_struct_ref_seq.ref_id                        1 
_struct_ref_seq.pdbx_PDB_id_code              5Y0F 
_struct_ref_seq.pdbx_strand_id                A 
_struct_ref_seq.seq_align_beg                 21 
_struct_ref_seq.pdbx_seq_align_beg_ins_code   ? 
_struct_ref_seq.seq_align_end                 152 
_struct_ref_seq.pdbx_seq_align_end_ins_code   ? 
_struct_ref_seq.pdbx_db_accession             P15090 
_struct_ref_seq.db_align_beg                  1 
_struct_ref_seq.pdbx_db_align_beg_ins_code    ? 
_struct_ref_seq.db_align_end                  132 
_struct_ref_seq.pdbx_db_align_end_ins_code    ? 
_struct_ref_seq.pdbx_auth_seq_align_beg       0 
_struct_ref_seq.pdbx_auth_seq_align_end       131 
# 
loop_
_struct_ref_seq_dif.align_id 
_struct_ref_seq_dif.pdbx_pdb_id_code 
_struct_ref_seq_dif.mon_id 
_struct_ref_seq_dif.pdbx_pdb_strand_id 
_struct_ref_seq_dif.seq_num 
_struct_ref_seq_dif.pdbx_pdb_ins_code 
_struct_ref_seq_dif.pdbx_seq_db_name 
_struct_ref_seq_dif.pdbx_seq_db_accession_code 
_struct_ref_seq_dif.db_mon_id 
_struct_ref_seq_dif.pdbx_seq_db_seq_num 
_struct_ref_seq_dif.details 
_struct_ref_seq_dif.pdbx_auth_seq_num 
_struct_ref_seq_dif.pdbx_ordinal 
1 5Y0F MET A 1  ? UNP P15090 ? ? 'expression tag' -20 1  
1 5Y0F GLY A 2  ? UNP P15090 ? ? 'expression tag' -19 2  
1 5Y0F SER A 3  ? UNP P15090 ? ? 'expression tag' -18 3  
1 5Y0F SER A 4  ? UNP P15090 ? ? 'expression tag' -17 4  
1 5Y0F HIS A 5  ? UNP P15090 ? ? 'expression tag' -16 5  
1 5Y0F HIS A 6  ? UNP P15090 ? ? 'expression tag' -15 6  
1 5Y0F HIS A 7  ? UNP P15090 ? ? 'expression tag' -14 7  
1 5Y0F HIS A 8  ? UNP P15090 ? ? 'expression tag' -13 8  
1 5Y0F HIS A 9  ? UNP P15090 ? ? 'expression tag' -12 9  
1 5Y0F HIS A 10 ? UNP P15090 ? ? 'expression tag' -11 10 
1 5Y0F SER A 11 ? UNP P15090 ? ? 'expression tag' -10 11 
1 5Y0F SER A 12 ? UNP P15090 ? ? 'expression tag' -9  12 
1 5Y0F GLY A 13 ? UNP P15090 ? ? 'expression tag' -8  13 
1 5Y0F LEU A 14 ? UNP P15090 ? ? 'expression tag' -7  14 
1 5Y0F VAL A 15 ? UNP P15090 ? ? 'expression tag' -6  15 
1 5Y0F PRO A 16 ? UNP P15090 ? ? 'expression tag' -5  16 
1 5Y0F ARG A 17 ? UNP P15090 ? ? 'expression tag' -4  17 
1 5Y0F GLY A 18 ? UNP P15090 ? ? 'expression tag' -3  18 
1 5Y0F SER A 19 ? UNP P15090 ? ? 'expression tag' -2  19 
1 5Y0F HIS A 20 ? UNP P15090 ? ? 'expression tag' -1  20 
# 
_pdbx_struct_assembly.id                   1 
_pdbx_struct_assembly.details              author_defined_assembly 
_pdbx_struct_assembly.method_details       ? 
_pdbx_struct_assembly.oligomeric_details   monomeric 
_pdbx_struct_assembly.oligomeric_count     1 
# 
loop_
_pdbx_struct_assembly_prop.biol_id 
_pdbx_struct_assembly_prop.type 
_pdbx_struct_assembly_prop.value 
_pdbx_struct_assembly_prop.details 
1 'ABSA (A^2)' 0    ? 
1 MORE         0    ? 
1 'SSA (A^2)'  7150 ? 
# 
_pdbx_struct_assembly_gen.assembly_id       1 
_pdbx_struct_assembly_gen.oper_expression   1 
_pdbx_struct_assembly_gen.asym_id_list      A,B,C 
# 
_pdbx_struct_assembly_auth_evidence.id                     1 
_pdbx_struct_assembly_auth_evidence.assembly_id            1 
_pdbx_struct_assembly_auth_evidence.experimental_support   none 
_pdbx_struct_assembly_auth_evidence.details                ? 
# 
_pdbx_struct_oper_list.id                   1 
_pdbx_struct_oper_list.type                 'identity operation' 
_pdbx_struct_oper_list.name                 1_555 
_pdbx_struct_oper_list.symmetry_operation   x,y,z 
_pdbx_struct_oper_list.matrix[1][1]         1.0000000000 
_pdbx_struct_oper_list.matrix[1][2]         0.0000000000 
_pdbx_struct_oper_list.matrix[1][3]         0.0000000000 
_pdbx_struct_oper_list.vector[1]            0.0000000000 
_pdbx_struct_oper_list.matrix[2][1]         0.0000000000 
_pdbx_struct_oper_list.matrix[2][2]         1.0000000000 
_pdbx_struct_oper_list.matrix[2][3]         0.0000000000 
_pdbx_struct_oper_list.vector[2]            0.0000000000 
_pdbx_struct_oper_list.matrix[3][1]         0.0000000000 
_pdbx_struct_oper_list.matrix[3][2]         0.0000000000 
_pdbx_struct_oper_list.matrix[3][3]         1.0000000000 
_pdbx_struct_oper_list.vector[3]            0.0000000000 
# 
loop_
_struct_conf.conf_type_id 
_struct_conf.id 
_struct_conf.pdbx_PDB_helix_id 
_struct_conf.beg_label_comp_id 
_struct_conf.beg_label_asym_id 
_struct_conf.beg_label_seq_id 
_struct_conf.pdbx_beg_PDB_ins_code 
_struct_conf.end_label_comp_id 
_struct_conf.end_label_asym_id 
_struct_conf.end_label_seq_id 
_struct_conf.pdbx_end_PDB_ins_code 
_struct_conf.beg_auth_comp_id 
_struct_conf.beg_auth_asym_id 
_struct_conf.beg_auth_seq_id 
_struct_conf.end_auth_comp_id 
_struct_conf.end_auth_asym_id 
_struct_conf.end_auth_seq_id 
_struct_conf.pdbx_PDB_helix_class 
_struct_conf.details 
_struct_conf.pdbx_PDB_helix_length 
HELX_P HELX_P1 AA1 HIS A 20 ? VAL A 26 ? HIS A -1 VAL A 5  5 ? 7  
HELX_P HELX_P2 AA2 ASN A 36 ? GLY A 45 ? ASN A 15 GLY A 24 1 ? 10 
HELX_P HELX_P3 AA3 GLY A 47 ? ALA A 57 ? GLY A 26 ALA A 36 1 ? 11 
# 
_struct_conf_type.id          HELX_P 
_struct_conf_type.criteria    ? 
_struct_conf_type.reference   ? 
# 
_struct_sheet.id               AA1 
_struct_sheet.type             ? 
_struct_sheet.number_strands   10 
_struct_sheet.details          ? 
# 
loop_
_struct_sheet_order.sheet_id 
_struct_sheet_order.range_id_1 
_struct_sheet_order.range_id_2 
_struct_sheet_order.offset 
_struct_sheet_order.sense 
AA1 1 2  ? anti-parallel 
AA1 2 3  ? anti-parallel 
AA1 3 4  ? anti-parallel 
AA1 4 5  ? anti-parallel 
AA1 5 6  ? anti-parallel 
AA1 6 7  ? anti-parallel 
AA1 7 8  ? anti-parallel 
AA1 8 9  ? anti-parallel 
AA1 9 10 ? anti-parallel 
# 
loop_
_struct_sheet_range.sheet_id 
_struct_sheet_range.id 
_struct_sheet_range.beg_label_comp_id 
_struct_sheet_range.beg_label_asym_id 
_struct_sheet_range.beg_label_seq_id 
_struct_sheet_range.pdbx_beg_PDB_ins_code 
_struct_sheet_range.end_label_comp_id 
_struct_sheet_range.end_label_asym_id 
_struct_sheet_range.end_label_seq_id 
_struct_sheet_range.pdbx_end_PDB_ins_code 
_struct_sheet_range.beg_auth_comp_id 
_struct_sheet_range.beg_auth_asym_id 
_struct_sheet_range.beg_auth_seq_id 
_struct_sheet_range.end_auth_comp_id 
_struct_sheet_range.end_auth_asym_id 
_struct_sheet_range.end_auth_seq_id 
AA1 1  ASN A 80  ? ILE A 86  ? ASN A 59  ILE A 65  
AA1 2  VAL A 69  ? GLU A 75  ? VAL A 48  GLU A 54  
AA1 3  ASN A 60  ? ASN A 66  ? ASN A 39  ASN A 45  
AA1 4  GLY A 27  ? GLU A 35  ? GLY A 6   GLU A 14  
AA1 5  VAL A 143 ? ARG A 151 ? VAL A 122 ARG A 130 
AA1 6  LYS A 133 ? MET A 140 ? LYS A 112 MET A 119 
AA1 7  LYS A 121 ? GLU A 130 ? LYS A 100 GLU A 109 
AA1 8  VAL A 111 ? TRP A 118 ? VAL A 90  TRP A 97  
AA1 9  LYS A 100 ? ASP A 108 ? LYS A 79  ASP A 87  
AA1 10 PHE A 91  ? VAL A 94  ? PHE A 70  VAL A 73  
# 
loop_
_pdbx_struct_sheet_hbond.sheet_id 
_pdbx_struct_sheet_hbond.range_id_1 
_pdbx_struct_sheet_hbond.range_id_2 
_pdbx_struct_sheet_hbond.range_1_label_atom_id 
_pdbx_struct_sheet_hbond.range_1_label_comp_id 
_pdbx_struct_sheet_hbond.range_1_label_asym_id 
_pdbx_struct_sheet_hbond.range_1_label_seq_id 
_pdbx_struct_sheet_hbond.range_1_PDB_ins_code 
_pdbx_struct_sheet_hbond.range_1_auth_atom_id 
_pdbx_struct_sheet_hbond.range_1_auth_comp_id 
_pdbx_struct_sheet_hbond.range_1_auth_asym_id 
_pdbx_struct_sheet_hbond.range_1_auth_seq_id 
_pdbx_struct_sheet_hbond.range_2_label_atom_id 
_pdbx_struct_sheet_hbond.range_2_label_comp_id 
_pdbx_struct_sheet_hbond.range_2_label_asym_id 
_pdbx_struct_sheet_hbond.range_2_label_seq_id 
_pdbx_struct_sheet_hbond.range_2_PDB_ins_code 
_pdbx_struct_sheet_hbond.range_2_auth_atom_id 
_pdbx_struct_sheet_hbond.range_2_auth_comp_id 
_pdbx_struct_sheet_hbond.range_2_auth_asym_id 
_pdbx_struct_sheet_hbond.range_2_auth_seq_id 
AA1 1 2  O PHE A 85  ? O PHE A 64  N ILE A 70  ? N ILE A 49  
AA1 2 3  O LYS A 73  ? O LYS A 52  N ILE A 62  ? N ILE A 41  
AA1 3 4  O MET A 61  ? O MET A 40  N TRP A 29  ? N TRP A 8   
AA1 4 5  N VAL A 32  ? N VAL A 11  O VAL A 148 ? O VAL A 127 
AA1 5 6  O ARG A 147 ? O ARG A 126 N VAL A 136 ? N VAL A 115 
AA1 6 7  O GLU A 137 ? O GLU A 116 N LYS A 126 ? N LYS A 105 
AA1 7 8  O LYS A 121 ? O LYS A 100 N TRP A 118 ? N TRP A 97  
AA1 8 9  O VAL A 113 ? O VAL A 92  N THR A 106 ? N THR A 85  
AA1 9 10 O VAL A 101 ? O VAL A 80  N GLU A 93  ? N GLU A 72  
# 
_struct_site.id                   AC1 
_struct_site.pdbx_evidence_code   Software 
_struct_site.pdbx_auth_asym_id    A 
_struct_site.pdbx_auth_comp_id    8JO 
_struct_site.pdbx_auth_seq_id     200 
_struct_site.pdbx_auth_ins_code   ? 
_struct_site.pdbx_num_residues    18 
_struct_site.details              'binding site for residue 8JO A 200' 
# 
loop_
_struct_site_gen.id 
_struct_site_gen.site_id 
_struct_site_gen.pdbx_num_res 
_struct_site_gen.label_comp_id 
_struct_site_gen.label_asym_id 
_struct_site_gen.label_seq_id 
_struct_site_gen.pdbx_auth_ins_code 
_struct_site_gen.auth_comp_id 
_struct_site_gen.auth_asym_id 
_struct_site_gen.auth_seq_id 
_struct_site_gen.label_atom_id 
_struct_site_gen.label_alt_id 
_struct_site_gen.symmetry 
_struct_site_gen.details 
1  AC1 18 PHE A 37  ? PHE A 16  . ? 1_555 ? 
2  AC1 18 MET A 41  ? MET A 20  . ? 1_555 ? 
3  AC1 18 ALA A 54  ? ALA A 33  . ? 1_555 ? 
4  AC1 18 THR A 95  ? THR A 74  . ? 1_555 ? 
5  AC1 18 ALA A 96  ? ALA A 75  . ? 1_555 ? 
6  AC1 18 ASP A 97  ? ASP A 76  . ? 1_555 ? 
7  AC1 18 ARG A 99  ? ARG A 78  . ? 1_555 ? 
8  AC1 18 GLN A 116 ? GLN A 95  . ? 1_555 ? 
9  AC1 18 ILE A 125 ? ILE A 104 . ? 1_555 ? 
10 AC1 18 VAL A 136 ? VAL A 115 . ? 1_555 ? 
11 AC1 18 CYS A 138 ? CYS A 117 . ? 1_555 ? 
12 AC1 18 ARG A 147 ? ARG A 126 . ? 1_555 ? 
13 AC1 18 TYR A 149 ? TYR A 128 . ? 1_555 ? 
14 AC1 18 HOH C .   ? HOH A 313 . ? 1_555 ? 
15 AC1 18 HOH C .   ? HOH A 319 . ? 1_555 ? 
16 AC1 18 HOH C .   ? HOH A 329 . ? 1_555 ? 
17 AC1 18 HOH C .   ? HOH A 356 . ? 1_555 ? 
18 AC1 18 HOH C .   ? HOH A 365 . ? 1_555 ? 
# 
_pdbx_validate_close_contact.id               1 
_pdbx_validate_close_contact.PDB_model_num    1 
_pdbx_validate_close_contact.auth_atom_id_1   O 
_pdbx_validate_close_contact.auth_asym_id_1   A 
_pdbx_validate_close_contact.auth_comp_id_1   HOH 
_pdbx_validate_close_contact.auth_seq_id_1    388 
_pdbx_validate_close_contact.PDB_ins_code_1   ? 
_pdbx_validate_close_contact.label_alt_id_1   ? 
_pdbx_validate_close_contact.auth_atom_id_2   O 
_pdbx_validate_close_contact.auth_asym_id_2   A 
_pdbx_validate_close_contact.auth_comp_id_2   HOH 
_pdbx_validate_close_contact.auth_seq_id_2    415 
_pdbx_validate_close_contact.PDB_ins_code_2   ? 
_pdbx_validate_close_contact.label_alt_id_2   ? 
_pdbx_validate_close_contact.dist             2.15 
# 
loop_
_pdbx_validate_torsion.id 
_pdbx_validate_torsion.PDB_model_num 
_pdbx_validate_torsion.auth_comp_id 
_pdbx_validate_torsion.auth_asym_id 
_pdbx_validate_torsion.auth_seq_id 
_pdbx_validate_torsion.PDB_ins_code 
_pdbx_validate_torsion.label_alt_id 
_pdbx_validate_torsion.phi 
_pdbx_validate_torsion.psi 
1 1 ASP A 77  ? ? 72.53 31.75   
2 1 ASP A 110 ? ? 51.05 -131.99 
# 
loop_
_pdbx_unobs_or_zero_occ_residues.id 
_pdbx_unobs_or_zero_occ_residues.PDB_model_num 
_pdbx_unobs_or_zero_occ_residues.polymer_flag 
_pdbx_unobs_or_zero_occ_residues.occupancy_flag 
_pdbx_unobs_or_zero_occ_residues.auth_asym_id 
_pdbx_unobs_or_zero_occ_residues.auth_comp_id 
_pdbx_unobs_or_zero_occ_residues.auth_seq_id 
_pdbx_unobs_or_zero_occ_residues.PDB_ins_code 
_pdbx_unobs_or_zero_occ_residues.label_asym_id 
_pdbx_unobs_or_zero_occ_residues.label_comp_id 
_pdbx_unobs_or_zero_occ_residues.label_seq_id 
1  1 Y 1 A MET -20 ? A MET 1  
2  1 Y 1 A GLY -19 ? A GLY 2  
3  1 Y 1 A SER -18 ? A SER 3  
4  1 Y 1 A SER -17 ? A SER 4  
5  1 Y 1 A HIS -16 ? A HIS 5  
6  1 Y 1 A HIS -15 ? A HIS 6  
7  1 Y 1 A HIS -14 ? A HIS 7  
8  1 Y 1 A HIS -13 ? A HIS 8  
9  1 Y 1 A HIS -12 ? A HIS 9  
10 1 Y 1 A HIS -11 ? A HIS 10 
11 1 Y 1 A SER -10 ? A SER 11 
12 1 Y 1 A SER -9  ? A SER 12 
13 1 Y 1 A GLY -8  ? A GLY 13 
14 1 Y 1 A LEU -7  ? A LEU 14 
15 1 Y 1 A VAL -6  ? A VAL 15 
16 1 Y 1 A PRO -5  ? A PRO 16 
# 
loop_
_chem_comp_atom.comp_id 
_chem_comp_atom.atom_id 
_chem_comp_atom.type_symbol 
_chem_comp_atom.pdbx_aromatic_flag 
_chem_comp_atom.pdbx_stereo_config 
_chem_comp_atom.pdbx_ordinal 
8JO C4   C Y N 1   
8JO C14  C Y N 2   
8JO C5   C Y N 3   
8JO C6   C Y N 4   
8JO C11  C N N 5   
8JO C7   C Y N 6   
8JO C8   C Y N 7   
8JO C9   C Y N 8   
8JO C10  C Y N 9   
8JO C12  C Y N 10  
8JO C13  C Y N 11  
8JO N1   N N N 12  
8JO C3   C Y N 13  
8JO C1   C Y N 14  
8JO C15  C Y N 15  
8JO C16  C Y N 16  
8JO C17  C Y N 17  
8JO C18  C N N 18  
8JO C2   C Y N 19  
8JO F1   F N N 20  
8JO O1   O N N 21  
8JO O2   O N N 22  
8JO O3   O N N 23  
8JO O4   O N N 24  
8JO O5   O N N 25  
8JO S1   S N N 26  
8JO H1   H N N 27  
8JO H2   H N N 28  
8JO H3   H N N 29  
8JO H4   H N N 30  
8JO H5   H N N 31  
8JO H6   H N N 32  
8JO H7   H N N 33  
8JO H8   H N N 34  
8JO H9   H N N 35  
8JO H10  H N N 36  
8JO H11  H N N 37  
8JO H12  H N N 38  
8JO H13  H N N 39  
8JO H14  H N N 40  
ALA N    N N N 41  
ALA CA   C N S 42  
ALA C    C N N 43  
ALA O    O N N 44  
ALA CB   C N N 45  
ALA OXT  O N N 46  
ALA H    H N N 47  
ALA H2   H N N 48  
ALA HA   H N N 49  
ALA HB1  H N N 50  
ALA HB2  H N N 51  
ALA HB3  H N N 52  
ALA HXT  H N N 53  
ARG N    N N N 54  
ARG CA   C N S 55  
ARG C    C N N 56  
ARG O    O N N 57  
ARG CB   C N N 58  
ARG CG   C N N 59  
ARG CD   C N N 60  
ARG NE   N N N 61  
ARG CZ   C N N 62  
ARG NH1  N N N 63  
ARG NH2  N N N 64  
ARG OXT  O N N 65  
ARG H    H N N 66  
ARG H2   H N N 67  
ARG HA   H N N 68  
ARG HB2  H N N 69  
ARG HB3  H N N 70  
ARG HG2  H N N 71  
ARG HG3  H N N 72  
ARG HD2  H N N 73  
ARG HD3  H N N 74  
ARG HE   H N N 75  
ARG HH11 H N N 76  
ARG HH12 H N N 77  
ARG HH21 H N N 78  
ARG HH22 H N N 79  
ARG HXT  H N N 80  
ASN N    N N N 81  
ASN CA   C N S 82  
ASN C    C N N 83  
ASN O    O N N 84  
ASN CB   C N N 85  
ASN CG   C N N 86  
ASN OD1  O N N 87  
ASN ND2  N N N 88  
ASN OXT  O N N 89  
ASN H    H N N 90  
ASN H2   H N N 91  
ASN HA   H N N 92  
ASN HB2  H N N 93  
ASN HB3  H N N 94  
ASN HD21 H N N 95  
ASN HD22 H N N 96  
ASN HXT  H N N 97  
ASP N    N N N 98  
ASP CA   C N S 99  
ASP C    C N N 100 
ASP O    O N N 101 
ASP CB   C N N 102 
ASP CG   C N N 103 
ASP OD1  O N N 104 
ASP OD2  O N N 105 
ASP OXT  O N N 106 
ASP H    H N N 107 
ASP H2   H N N 108 
ASP HA   H N N 109 
ASP HB2  H N N 110 
ASP HB3  H N N 111 
ASP HD2  H N N 112 
ASP HXT  H N N 113 
CYS N    N N N 114 
CYS CA   C N R 115 
CYS C    C N N 116 
CYS O    O N N 117 
CYS CB   C N N 118 
CYS SG   S N N 119 
CYS OXT  O N N 120 
CYS H    H N N 121 
CYS H2   H N N 122 
CYS HA   H N N 123 
CYS HB2  H N N 124 
CYS HB3  H N N 125 
CYS HG   H N N 126 
CYS HXT  H N N 127 
GLN N    N N N 128 
GLN CA   C N S 129 
GLN C    C N N 130 
GLN O    O N N 131 
GLN CB   C N N 132 
GLN CG   C N N 133 
GLN CD   C N N 134 
GLN OE1  O N N 135 
GLN NE2  N N N 136 
GLN OXT  O N N 137 
GLN H    H N N 138 
GLN H2   H N N 139 
GLN HA   H N N 140 
GLN HB2  H N N 141 
GLN HB3  H N N 142 
GLN HG2  H N N 143 
GLN HG3  H N N 144 
GLN HE21 H N N 145 
GLN HE22 H N N 146 
GLN HXT  H N N 147 
GLU N    N N N 148 
GLU CA   C N S 149 
GLU C    C N N 150 
GLU O    O N N 151 
GLU CB   C N N 152 
GLU CG   C N N 153 
GLU CD   C N N 154 
GLU OE1  O N N 155 
GLU OE2  O N N 156 
GLU OXT  O N N 157 
GLU H    H N N 158 
GLU H2   H N N 159 
GLU HA   H N N 160 
GLU HB2  H N N 161 
GLU HB3  H N N 162 
GLU HG2  H N N 163 
GLU HG3  H N N 164 
GLU HE2  H N N 165 
GLU HXT  H N N 166 
GLY N    N N N 167 
GLY CA   C N N 168 
GLY C    C N N 169 
GLY O    O N N 170 
GLY OXT  O N N 171 
GLY H    H N N 172 
GLY H2   H N N 173 
GLY HA2  H N N 174 
GLY HA3  H N N 175 
GLY HXT  H N N 176 
HIS N    N N N 177 
HIS CA   C N S 178 
HIS C    C N N 179 
HIS O    O N N 180 
HIS CB   C N N 181 
HIS CG   C Y N 182 
HIS ND1  N Y N 183 
HIS CD2  C Y N 184 
HIS CE1  C Y N 185 
HIS NE2  N Y N 186 
HIS OXT  O N N 187 
HIS H    H N N 188 
HIS H2   H N N 189 
HIS HA   H N N 190 
HIS HB2  H N N 191 
HIS HB3  H N N 192 
HIS HD1  H N N 193 
HIS HD2  H N N 194 
HIS HE1  H N N 195 
HIS HE2  H N N 196 
HIS HXT  H N N 197 
HOH O    O N N 198 
HOH H1   H N N 199 
HOH H2   H N N 200 
ILE N    N N N 201 
ILE CA   C N S 202 
ILE C    C N N 203 
ILE O    O N N 204 
ILE CB   C N S 205 
ILE CG1  C N N 206 
ILE CG2  C N N 207 
ILE CD1  C N N 208 
ILE OXT  O N N 209 
ILE H    H N N 210 
ILE H2   H N N 211 
ILE HA   H N N 212 
ILE HB   H N N 213 
ILE HG12 H N N 214 
ILE HG13 H N N 215 
ILE HG21 H N N 216 
ILE HG22 H N N 217 
ILE HG23 H N N 218 
ILE HD11 H N N 219 
ILE HD12 H N N 220 
ILE HD13 H N N 221 
ILE HXT  H N N 222 
LEU N    N N N 223 
LEU CA   C N S 224 
LEU C    C N N 225 
LEU O    O N N 226 
LEU CB   C N N 227 
LEU CG   C N N 228 
LEU CD1  C N N 229 
LEU CD2  C N N 230 
LEU OXT  O N N 231 
LEU H    H N N 232 
LEU H2   H N N 233 
LEU HA   H N N 234 
LEU HB2  H N N 235 
LEU HB3  H N N 236 
LEU HG   H N N 237 
LEU HD11 H N N 238 
LEU HD12 H N N 239 
LEU HD13 H N N 240 
LEU HD21 H N N 241 
LEU HD22 H N N 242 
LEU HD23 H N N 243 
LEU HXT  H N N 244 
LYS N    N N N 245 
LYS CA   C N S 246 
LYS C    C N N 247 
LYS O    O N N 248 
LYS CB   C N N 249 
LYS CG   C N N 250 
LYS CD   C N N 251 
LYS CE   C N N 252 
LYS NZ   N N N 253 
LYS OXT  O N N 254 
LYS H    H N N 255 
LYS H2   H N N 256 
LYS HA   H N N 257 
LYS HB2  H N N 258 
LYS HB3  H N N 259 
LYS HG2  H N N 260 
LYS HG3  H N N 261 
LYS HD2  H N N 262 
LYS HD3  H N N 263 
LYS HE2  H N N 264 
LYS HE3  H N N 265 
LYS HZ1  H N N 266 
LYS HZ2  H N N 267 
LYS HZ3  H N N 268 
LYS HXT  H N N 269 
MET N    N N N 270 
MET CA   C N S 271 
MET C    C N N 272 
MET O    O N N 273 
MET CB   C N N 274 
MET CG   C N N 275 
MET SD   S N N 276 
MET CE   C N N 277 
MET OXT  O N N 278 
MET H    H N N 279 
MET H2   H N N 280 
MET HA   H N N 281 
MET HB2  H N N 282 
MET HB3  H N N 283 
MET HG2  H N N 284 
MET HG3  H N N 285 
MET HE1  H N N 286 
MET HE2  H N N 287 
MET HE3  H N N 288 
MET HXT  H N N 289 
PHE N    N N N 290 
PHE CA   C N S 291 
PHE C    C N N 292 
PHE O    O N N 293 
PHE CB   C N N 294 
PHE CG   C Y N 295 
PHE CD1  C Y N 296 
PHE CD2  C Y N 297 
PHE CE1  C Y N 298 
PHE CE2  C Y N 299 
PHE CZ   C Y N 300 
PHE OXT  O N N 301 
PHE H    H N N 302 
PHE H2   H N N 303 
PHE HA   H N N 304 
PHE HB2  H N N 305 
PHE HB3  H N N 306 
PHE HD1  H N N 307 
PHE HD2  H N N 308 
PHE HE1  H N N 309 
PHE HE2  H N N 310 
PHE HZ   H N N 311 
PHE HXT  H N N 312 
PRO N    N N N 313 
PRO CA   C N S 314 
PRO C    C N N 315 
PRO O    O N N 316 
PRO CB   C N N 317 
PRO CG   C N N 318 
PRO CD   C N N 319 
PRO OXT  O N N 320 
PRO H    H N N 321 
PRO HA   H N N 322 
PRO HB2  H N N 323 
PRO HB3  H N N 324 
PRO HG2  H N N 325 
PRO HG3  H N N 326 
PRO HD2  H N N 327 
PRO HD3  H N N 328 
PRO HXT  H N N 329 
SER N    N N N 330 
SER CA   C N S 331 
SER C    C N N 332 
SER O    O N N 333 
SER CB   C N N 334 
SER OG   O N N 335 
SER OXT  O N N 336 
SER H    H N N 337 
SER H2   H N N 338 
SER HA   H N N 339 
SER HB2  H N N 340 
SER HB3  H N N 341 
SER HG   H N N 342 
SER HXT  H N N 343 
THR N    N N N 344 
THR CA   C N S 345 
THR C    C N N 346 
THR O    O N N 347 
THR CB   C N R 348 
THR OG1  O N N 349 
THR CG2  C N N 350 
THR OXT  O N N 351 
THR H    H N N 352 
THR H2   H N N 353 
THR HA   H N N 354 
THR HB   H N N 355 
THR HG1  H N N 356 
THR HG21 H N N 357 
THR HG22 H N N 358 
THR HG23 H N N 359 
THR HXT  H N N 360 
TRP N    N N N 361 
TRP CA   C N S 362 
TRP C    C N N 363 
TRP O    O N N 364 
TRP CB   C N N 365 
TRP CG   C Y N 366 
TRP CD1  C Y N 367 
TRP CD2  C Y N 368 
TRP NE1  N Y N 369 
TRP CE2  C Y N 370 
TRP CE3  C Y N 371 
TRP CZ2  C Y N 372 
TRP CZ3  C Y N 373 
TRP CH2  C Y N 374 
TRP OXT  O N N 375 
TRP H    H N N 376 
TRP H2   H N N 377 
TRP HA   H N N 378 
TRP HB2  H N N 379 
TRP HB3  H N N 380 
TRP HD1  H N N 381 
TRP HE1  H N N 382 
TRP HE3  H N N 383 
TRP HZ2  H N N 384 
TRP HZ3  H N N 385 
TRP HH2  H N N 386 
TRP HXT  H N N 387 
TYR N    N N N 388 
TYR CA   C N S 389 
TYR C    C N N 390 
TYR O    O N N 391 
TYR CB   C N N 392 
TYR CG   C Y N 393 
TYR CD1  C Y N 394 
TYR CD2  C Y N 395 
TYR CE1  C Y N 396 
TYR CE2  C Y N 397 
TYR CZ   C Y N 398 
TYR OH   O N N 399 
TYR OXT  O N N 400 
TYR H    H N N 401 
TYR H2   H N N 402 
TYR HA   H N N 403 
TYR HB2  H N N 404 
TYR HB3  H N N 405 
TYR HD1  H N N 406 
TYR HD2  H N N 407 
TYR HE1  H N N 408 
TYR HE2  H N N 409 
TYR HH   H N N 410 
TYR HXT  H N N 411 
VAL N    N N N 412 
VAL CA   C N S 413 
VAL C    C N N 414 
VAL O    O N N 415 
VAL CB   C N N 416 
VAL CG1  C N N 417 
VAL CG2  C N N 418 
VAL OXT  O N N 419 
VAL H    H N N 420 
VAL H2   H N N 421 
VAL HA   H N N 422 
VAL HB   H N N 423 
VAL HG11 H N N 424 
VAL HG12 H N N 425 
VAL HG13 H N N 426 
VAL HG21 H N N 427 
VAL HG22 H N N 428 
VAL HG23 H N N 429 
VAL HXT  H N N 430 
# 
loop_
_chem_comp_bond.comp_id 
_chem_comp_bond.atom_id_1 
_chem_comp_bond.atom_id_2 
_chem_comp_bond.value_order 
_chem_comp_bond.pdbx_aromatic_flag 
_chem_comp_bond.pdbx_stereo_config 
_chem_comp_bond.pdbx_ordinal 
8JO C8  C9   sing Y N 1   
8JO C8  C7   doub Y N 2   
8JO C9  C10  doub Y N 3   
8JO C7  C5   sing Y N 4   
8JO C10 C6   sing Y N 5   
8JO C5  C6   sing Y N 6   
8JO C5  C4   doub Y N 7   
8JO C6  C1   doub Y N 8   
8JO O1  C4   sing N N 9   
8JO O1  C11  sing N N 10  
8JO O2  S1   doub N N 11  
8JO C4  C3   sing Y N 12  
8JO C1  S1   sing N N 13  
8JO C1  C2   sing Y N 14  
8JO S1  N1   sing N N 15  
8JO S1  O3   doub N N 16  
8JO C3  C2   doub Y N 17  
8JO N1  C12  sing N N 18  
8JO C17 C12  sing Y N 19  
8JO C17 C16  doub Y N 20  
8JO C12 C13  doub Y N 21  
8JO C16 C15  sing Y N 22  
8JO C13 C14  sing Y N 23  
8JO C15 C14  doub Y N 24  
8JO C15 F1   sing N N 25  
8JO C14 C18  sing N N 26  
8JO C18 O4   doub N N 27  
8JO C18 O5   sing N N 28  
8JO C11 H1   sing N N 29  
8JO C11 H2   sing N N 30  
8JO C11 H3   sing N N 31  
8JO C7  H4   sing N N 32  
8JO C8  H5   sing N N 33  
8JO C9  H6   sing N N 34  
8JO C10 H7   sing N N 35  
8JO C13 H8   sing N N 36  
8JO N1  H9   sing N N 37  
8JO C3  H10  sing N N 38  
8JO C16 H11  sing N N 39  
8JO C17 H12  sing N N 40  
8JO C2  H13  sing N N 41  
8JO O5  H14  sing N N 42  
ALA N   CA   sing N N 43  
ALA N   H    sing N N 44  
ALA N   H2   sing N N 45  
ALA CA  C    sing N N 46  
ALA CA  CB   sing N N 47  
ALA CA  HA   sing N N 48  
ALA C   O    doub N N 49  
ALA C   OXT  sing N N 50  
ALA CB  HB1  sing N N 51  
ALA CB  HB2  sing N N 52  
ALA CB  HB3  sing N N 53  
ALA OXT HXT  sing N N 54  
ARG N   CA   sing N N 55  
ARG N   H    sing N N 56  
ARG N   H2   sing N N 57  
ARG CA  C    sing N N 58  
ARG CA  CB   sing N N 59  
ARG CA  HA   sing N N 60  
ARG C   O    doub N N 61  
ARG C   OXT  sing N N 62  
ARG CB  CG   sing N N 63  
ARG CB  HB2  sing N N 64  
ARG CB  HB3  sing N N 65  
ARG CG  CD   sing N N 66  
ARG CG  HG2  sing N N 67  
ARG CG  HG3  sing N N 68  
ARG CD  NE   sing N N 69  
ARG CD  HD2  sing N N 70  
ARG CD  HD3  sing N N 71  
ARG NE  CZ   sing N N 72  
ARG NE  HE   sing N N 73  
ARG CZ  NH1  sing N N 74  
ARG CZ  NH2  doub N N 75  
ARG NH1 HH11 sing N N 76  
ARG NH1 HH12 sing N N 77  
ARG NH2 HH21 sing N N 78  
ARG NH2 HH22 sing N N 79  
ARG OXT HXT  sing N N 80  
ASN N   CA   sing N N 81  
ASN N   H    sing N N 82  
ASN N   H2   sing N N 83  
ASN CA  C    sing N N 84  
ASN CA  CB   sing N N 85  
ASN CA  HA   sing N N 86  
ASN C   O    doub N N 87  
ASN C   OXT  sing N N 88  
ASN CB  CG   sing N N 89  
ASN CB  HB2  sing N N 90  
ASN CB  HB3  sing N N 91  
ASN CG  OD1  doub N N 92  
ASN CG  ND2  sing N N 93  
ASN ND2 HD21 sing N N 94  
ASN ND2 HD22 sing N N 95  
ASN OXT HXT  sing N N 96  
ASP N   CA   sing N N 97  
ASP N   H    sing N N 98  
ASP N   H2   sing N N 99  
ASP CA  C    sing N N 100 
ASP CA  CB   sing N N 101 
ASP CA  HA   sing N N 102 
ASP C   O    doub N N 103 
ASP C   OXT  sing N N 104 
ASP CB  CG   sing N N 105 
ASP CB  HB2  sing N N 106 
ASP CB  HB3  sing N N 107 
ASP CG  OD1  doub N N 108 
ASP CG  OD2  sing N N 109 
ASP OD2 HD2  sing N N 110 
ASP OXT HXT  sing N N 111 
CYS N   CA   sing N N 112 
CYS N   H    sing N N 113 
CYS N   H2   sing N N 114 
CYS CA  C    sing N N 115 
CYS CA  CB   sing N N 116 
CYS CA  HA   sing N N 117 
CYS C   O    doub N N 118 
CYS C   OXT  sing N N 119 
CYS CB  SG   sing N N 120 
CYS CB  HB2  sing N N 121 
CYS CB  HB3  sing N N 122 
CYS SG  HG   sing N N 123 
CYS OXT HXT  sing N N 124 
GLN N   CA   sing N N 125 
GLN N   H    sing N N 126 
GLN N   H2   sing N N 127 
GLN CA  C    sing N N 128 
GLN CA  CB   sing N N 129 
GLN CA  HA   sing N N 130 
GLN C   O    doub N N 131 
GLN C   OXT  sing N N 132 
GLN CB  CG   sing N N 133 
GLN CB  HB2  sing N N 134 
GLN CB  HB3  sing N N 135 
GLN CG  CD   sing N N 136 
GLN CG  HG2  sing N N 137 
GLN CG  HG3  sing N N 138 
GLN CD  OE1  doub N N 139 
GLN CD  NE2  sing N N 140 
GLN NE2 HE21 sing N N 141 
GLN NE2 HE22 sing N N 142 
GLN OXT HXT  sing N N 143 
GLU N   CA   sing N N 144 
GLU N   H    sing N N 145 
GLU N   H2   sing N N 146 
GLU CA  C    sing N N 147 
GLU CA  CB   sing N N 148 
GLU CA  HA   sing N N 149 
GLU C   O    doub N N 150 
GLU C   OXT  sing N N 151 
GLU CB  CG   sing N N 152 
GLU CB  HB2  sing N N 153 
GLU CB  HB3  sing N N 154 
GLU CG  CD   sing N N 155 
GLU CG  HG2  sing N N 156 
GLU CG  HG3  sing N N 157 
GLU CD  OE1  doub N N 158 
GLU CD  OE2  sing N N 159 
GLU OE2 HE2  sing N N 160 
GLU OXT HXT  sing N N 161 
GLY N   CA   sing N N 162 
GLY N   H    sing N N 163 
GLY N   H2   sing N N 164 
GLY CA  C    sing N N 165 
GLY CA  HA2  sing N N 166 
GLY CA  HA3  sing N N 167 
GLY C   O    doub N N 168 
GLY C   OXT  sing N N 169 
GLY OXT HXT  sing N N 170 
HIS N   CA   sing N N 171 
HIS N   H    sing N N 172 
HIS N   H2   sing N N 173 
HIS CA  C    sing N N 174 
HIS CA  CB   sing N N 175 
HIS CA  HA   sing N N 176 
HIS C   O    doub N N 177 
HIS C   OXT  sing N N 178 
HIS CB  CG   sing N N 179 
HIS CB  HB2  sing N N 180 
HIS CB  HB3  sing N N 181 
HIS CG  ND1  sing Y N 182 
HIS CG  CD2  doub Y N 183 
HIS ND1 CE1  doub Y N 184 
HIS ND1 HD1  sing N N 185 
HIS CD2 NE2  sing Y N 186 
HIS CD2 HD2  sing N N 187 
HIS CE1 NE2  sing Y N 188 
HIS CE1 HE1  sing N N 189 
HIS NE2 HE2  sing N N 190 
HIS OXT HXT  sing N N 191 
HOH O   H1   sing N N 192 
HOH O   H2   sing N N 193 
ILE N   CA   sing N N 194 
ILE N   H    sing N N 195 
ILE N   H2   sing N N 196 
ILE CA  C    sing N N 197 
ILE CA  CB   sing N N 198 
ILE CA  HA   sing N N 199 
ILE C   O    doub N N 200 
ILE C   OXT  sing N N 201 
ILE CB  CG1  sing N N 202 
ILE CB  CG2  sing N N 203 
ILE CB  HB   sing N N 204 
ILE CG1 CD1  sing N N 205 
ILE CG1 HG12 sing N N 206 
ILE CG1 HG13 sing N N 207 
ILE CG2 HG21 sing N N 208 
ILE CG2 HG22 sing N N 209 
ILE CG2 HG23 sing N N 210 
ILE CD1 HD11 sing N N 211 
ILE CD1 HD12 sing N N 212 
ILE CD1 HD13 sing N N 213 
ILE OXT HXT  sing N N 214 
LEU N   CA   sing N N 215 
LEU N   H    sing N N 216 
LEU N   H2   sing N N 217 
LEU CA  C    sing N N 218 
LEU CA  CB   sing N N 219 
LEU CA  HA   sing N N 220 
LEU C   O    doub N N 221 
LEU C   OXT  sing N N 222 
LEU CB  CG   sing N N 223 
LEU CB  HB2  sing N N 224 
LEU CB  HB3  sing N N 225 
LEU CG  CD1  sing N N 226 
LEU CG  CD2  sing N N 227 
LEU CG  HG   sing N N 228 
LEU CD1 HD11 sing N N 229 
LEU CD1 HD12 sing N N 230 
LEU CD1 HD13 sing N N 231 
LEU CD2 HD21 sing N N 232 
LEU CD2 HD22 sing N N 233 
LEU CD2 HD23 sing N N 234 
LEU OXT HXT  sing N N 235 
LYS N   CA   sing N N 236 
LYS N   H    sing N N 237 
LYS N   H2   sing N N 238 
LYS CA  C    sing N N 239 
LYS CA  CB   sing N N 240 
LYS CA  HA   sing N N 241 
LYS C   O    doub N N 242 
LYS C   OXT  sing N N 243 
LYS CB  CG   sing N N 244 
LYS CB  HB2  sing N N 245 
LYS CB  HB3  sing N N 246 
LYS CG  CD   sing N N 247 
LYS CG  HG2  sing N N 248 
LYS CG  HG3  sing N N 249 
LYS CD  CE   sing N N 250 
LYS CD  HD2  sing N N 251 
LYS CD  HD3  sing N N 252 
LYS CE  NZ   sing N N 253 
LYS CE  HE2  sing N N 254 
LYS CE  HE3  sing N N 255 
LYS NZ  HZ1  sing N N 256 
LYS NZ  HZ2  sing N N 257 
LYS NZ  HZ3  sing N N 258 
LYS OXT HXT  sing N N 259 
MET N   CA   sing N N 260 
MET N   H    sing N N 261 
MET N   H2   sing N N 262 
MET CA  C    sing N N 263 
MET CA  CB   sing N N 264 
MET CA  HA   sing N N 265 
MET C   O    doub N N 266 
MET C   OXT  sing N N 267 
MET CB  CG   sing N N 268 
MET CB  HB2  sing N N 269 
MET CB  HB3  sing N N 270 
MET CG  SD   sing N N 271 
MET CG  HG2  sing N N 272 
MET CG  HG3  sing N N 273 
MET SD  CE   sing N N 274 
MET CE  HE1  sing N N 275 
MET CE  HE2  sing N N 276 
MET CE  HE3  sing N N 277 
MET OXT HXT  sing N N 278 
PHE N   CA   sing N N 279 
PHE N   H    sing N N 280 
PHE N   H2   sing N N 281 
PHE CA  C    sing N N 282 
PHE CA  CB   sing N N 283 
PHE CA  HA   sing N N 284 
PHE C   O    doub N N 285 
PHE C   OXT  sing N N 286 
PHE CB  CG   sing N N 287 
PHE CB  HB2  sing N N 288 
PHE CB  HB3  sing N N 289 
PHE CG  CD1  doub Y N 290 
PHE CG  CD2  sing Y N 291 
PHE CD1 CE1  sing Y N 292 
PHE CD1 HD1  sing N N 293 
PHE CD2 CE2  doub Y N 294 
PHE CD2 HD2  sing N N 295 
PHE CE1 CZ   doub Y N 296 
PHE CE1 HE1  sing N N 297 
PHE CE2 CZ   sing Y N 298 
PHE CE2 HE2  sing N N 299 
PHE CZ  HZ   sing N N 300 
PHE OXT HXT  sing N N 301 
PRO N   CA   sing N N 302 
PRO N   CD   sing N N 303 
PRO N   H    sing N N 304 
PRO CA  C    sing N N 305 
PRO CA  CB   sing N N 306 
PRO CA  HA   sing N N 307 
PRO C   O    doub N N 308 
PRO C   OXT  sing N N 309 
PRO CB  CG   sing N N 310 
PRO CB  HB2  sing N N 311 
PRO CB  HB3  sing N N 312 
PRO CG  CD   sing N N 313 
PRO CG  HG2  sing N N 314 
PRO CG  HG3  sing N N 315 
PRO CD  HD2  sing N N 316 
PRO CD  HD3  sing N N 317 
PRO OXT HXT  sing N N 318 
SER N   CA   sing N N 319 
SER N   H    sing N N 320 
SER N   H2   sing N N 321 
SER CA  C    sing N N 322 
SER CA  CB   sing N N 323 
SER CA  HA   sing N N 324 
SER C   O    doub N N 325 
SER C   OXT  sing N N 326 
SER CB  OG   sing N N 327 
SER CB  HB2  sing N N 328 
SER CB  HB3  sing N N 329 
SER OG  HG   sing N N 330 
SER OXT HXT  sing N N 331 
THR N   CA   sing N N 332 
THR N   H    sing N N 333 
THR N   H2   sing N N 334 
THR CA  C    sing N N 335 
THR CA  CB   sing N N 336 
THR CA  HA   sing N N 337 
THR C   O    doub N N 338 
THR C   OXT  sing N N 339 
THR CB  OG1  sing N N 340 
THR CB  CG2  sing N N 341 
THR CB  HB   sing N N 342 
THR OG1 HG1  sing N N 343 
THR CG2 HG21 sing N N 344 
THR CG2 HG22 sing N N 345 
THR CG2 HG23 sing N N 346 
THR OXT HXT  sing N N 347 
TRP N   CA   sing N N 348 
TRP N   H    sing N N 349 
TRP N   H2   sing N N 350 
TRP CA  C    sing N N 351 
TRP CA  CB   sing N N 352 
TRP CA  HA   sing N N 353 
TRP C   O    doub N N 354 
TRP C   OXT  sing N N 355 
TRP CB  CG   sing N N 356 
TRP CB  HB2  sing N N 357 
TRP CB  HB3  sing N N 358 
TRP CG  CD1  doub Y N 359 
TRP CG  CD2  sing Y N 360 
TRP CD1 NE1  sing Y N 361 
TRP CD1 HD1  sing N N 362 
TRP CD2 CE2  doub Y N 363 
TRP CD2 CE3  sing Y N 364 
TRP NE1 CE2  sing Y N 365 
TRP NE1 HE1  sing N N 366 
TRP CE2 CZ2  sing Y N 367 
TRP CE3 CZ3  doub Y N 368 
TRP CE3 HE3  sing N N 369 
TRP CZ2 CH2  doub Y N 370 
TRP CZ2 HZ2  sing N N 371 
TRP CZ3 CH2  sing Y N 372 
TRP CZ3 HZ3  sing N N 373 
TRP CH2 HH2  sing N N 374 
TRP OXT HXT  sing N N 375 
TYR N   CA   sing N N 376 
TYR N   H    sing N N 377 
TYR N   H2   sing N N 378 
TYR CA  C    sing N N 379 
TYR CA  CB   sing N N 380 
TYR CA  HA   sing N N 381 
TYR C   O    doub N N 382 
TYR C   OXT  sing N N 383 
TYR CB  CG   sing N N 384 
TYR CB  HB2  sing N N 385 
TYR CB  HB3  sing N N 386 
TYR CG  CD1  doub Y N 387 
TYR CG  CD2  sing Y N 388 
TYR CD1 CE1  sing Y N 389 
TYR CD1 HD1  sing N N 390 
TYR CD2 CE2  doub Y N 391 
TYR CD2 HD2  sing N N 392 
TYR CE1 CZ   doub Y N 393 
TYR CE1 HE1  sing N N 394 
TYR CE2 CZ   sing Y N 395 
TYR CE2 HE2  sing N N 396 
TYR CZ  OH   sing N N 397 
TYR OH  HH   sing N N 398 
TYR OXT HXT  sing N N 399 
VAL N   CA   sing N N 400 
VAL N   H    sing N N 401 
VAL N   H2   sing N N 402 
VAL CA  C    sing N N 403 
VAL CA  CB   sing N N 404 
VAL CA  HA   sing N N 405 
VAL C   O    doub N N 406 
VAL C   OXT  sing N N 407 
VAL CB  CG1  sing N N 408 
VAL CB  CG2  sing N N 409 
VAL CB  HB   sing N N 410 
VAL CG1 HG11 sing N N 411 
VAL CG1 HG12 sing N N 412 
VAL CG1 HG13 sing N N 413 
VAL CG2 HG21 sing N N 414 
VAL CG2 HG22 sing N N 415 
VAL CG2 HG23 sing N N 416 
VAL OXT HXT  sing N N 417 
# 
_pdbx_entity_instance_feature.ordinal        1 
_pdbx_entity_instance_feature.comp_id        8JO 
_pdbx_entity_instance_feature.asym_id        ? 
_pdbx_entity_instance_feature.seq_num        ? 
_pdbx_entity_instance_feature.auth_comp_id   8JO 
_pdbx_entity_instance_feature.auth_asym_id   ? 
_pdbx_entity_instance_feature.auth_seq_num   ? 
_pdbx_entity_instance_feature.feature_type   'SUBJECT OF INVESTIGATION' 
_pdbx_entity_instance_feature.details        ? 
# 
_atom_sites.entry_id                    5Y0F 
_atom_sites.fract_transf_matrix[1][1]   -0.01684076 
_atom_sites.fract_transf_matrix[1][2]   -0.01011136 
_atom_sites.fract_transf_matrix[1][3]   0.02384380 
_atom_sites.fract_transf_matrix[2][1]   -0.01481778 
_atom_sites.fract_transf_matrix[2][2]   -0.00164489 
_atom_sites.fract_transf_matrix[2][3]   -0.01116327 
_atom_sites.fract_transf_matrix[3][1]   0.00351281 
_atom_sites.fract_transf_matrix[3][2]   -0.01250207 
_atom_sites.fract_transf_matrix[3][3]   -0.00282063 
_atom_sites.fract_transf_vector[1]      0.238380 
_atom_sites.fract_transf_vector[2]      -0.185693 
_atom_sites.fract_transf_vector[3]      -0.192574 
# 
loop_
_atom_type.symbol 
C 
F 
N 
O 
S 
# 
loop_
_atom_site.group_PDB 
_atom_site.id 
_atom_site.type_symbol 
_atom_site.label_atom_id 
_atom_site.label_alt_id 
_atom_site.label_comp_id 
_atom_site.label_asym_id 
_atom_site.label_entity_id 
_atom_site.label_seq_id 
_atom_site.pdbx_PDB_ins_code 
_atom_site.Cartn_x 
_atom_site.Cartn_y 
_atom_site.Cartn_z 
_atom_site.occupancy 
_atom_site.B_iso_or_equiv 
_atom_site.pdbx_formal_charge 
_atom_site.auth_seq_id 
_atom_site.auth_comp_id 
_atom_site.auth_asym_id 
_atom_site.auth_atom_id 
_atom_site.pdbx_PDB_model_num 
ATOM   1    N N   . ARG A 1 17  ? 19.887  -17.879 2.173   1.00 43.92 ?  -4  ARG A N   1 
ATOM   2    C CA  . ARG A 1 17  ? 18.599  -17.659 2.822   1.00 38.51 ?  -4  ARG A CA  1 
ATOM   3    C C   . ARG A 1 17  ? 17.507  -18.515 2.189   1.00 36.99 ?  -4  ARG A C   1 
ATOM   4    O O   . ARG A 1 17  ? 17.472  -18.697 0.970   1.00 41.33 ?  -4  ARG A O   1 
ATOM   5    C CB  . ARG A 1 17  ? 18.213  -16.180 2.753   1.00 37.33 ?  -4  ARG A CB  1 
ATOM   6    N N   . GLY A 1 18  ? 16.610  -19.039 3.024   1.00 37.73 ?  -3  GLY A N   1 
ATOM   7    C CA  . GLY A 1 18  ? 15.525  -19.877 2.569   1.00 32.12 ?  -3  GLY A CA  1 
ATOM   8    C C   . GLY A 1 18  ? 14.248  -19.092 2.319   1.00 26.82 ?  -3  GLY A C   1 
ATOM   9    O O   . GLY A 1 18  ? 14.202  -17.864 2.413   1.00 34.92 ?  -3  GLY A O   1 
ATOM   10   N N   . SER A 1 19  ? 13.193  -19.834 1.991   1.00 27.62 ?  -2  SER A N   1 
ATOM   11   C CA  . SER A 1 19  ? 11.896  -19.226 1.728   1.00 25.23 ?  -2  SER A CA  1 
ATOM   12   C C   . SER A 1 19  ? 11.333  -18.589 2.992   1.00 25.65 ?  -2  SER A C   1 
ATOM   13   O O   . SER A 1 19  ? 11.608  -19.020 4.117   1.00 28.71 ?  -2  SER A O   1 
ATOM   14   C CB  . SER A 1 19  ? 10.909  -20.265 1.192   1.00 27.44 ?  -2  SER A CB  1 
ATOM   15   O OG  . SER A 1 19  ? 11.383  -20.856 -0.007  1.00 31.52 ?  -2  SER A OG  1 
ATOM   16   N N   . HIS A 1 20  ? 10.546  -17.538 2.793   1.00 23.06 ?  -1  HIS A N   1 
ATOM   17   C CA  . HIS A 1 20  ? 9.800   -16.899 3.861   1.00 23.47 ?  -1  HIS A CA  1 
ATOM   18   C C   . HIS A 1 20  ? 8.325   -16.892 3.488   1.00 23.16 ?  -1  HIS A C   1 
ATOM   19   O O   . HIS A 1 20  ? 7.974   -16.868 2.306   1.00 22.76 ?  -1  HIS A O   1 
ATOM   20   C CB  . HIS A 1 20  ? 10.284  -15.465 4.105   1.00 25.32 ?  -1  HIS A CB  1 
ATOM   21   C CG  . HIS A 1 20  ? 11.629  -15.386 4.758   1.00 33.70 ?  -1  HIS A CG  1 
ATOM   22   N ND1 . HIS A 1 20  ? 12.723  -14.817 4.143   1.00 43.13 ?  -1  HIS A ND1 1 
ATOM   23   C CD2 . HIS A 1 20  ? 12.057  -15.810 5.971   1.00 39.12 ?  -1  HIS A CD2 1 
ATOM   24   C CE1 . HIS A 1 20  ? 13.767  -14.891 4.950   1.00 38.82 ?  -1  HIS A CE1 1 
ATOM   25   N NE2 . HIS A 1 20  ? 13.389  -15.490 6.066   1.00 40.81 ?  -1  HIS A NE2 1 
ATOM   26   N N   . MET A 1 21  ? 7.461   -16.926 4.505   1.00 20.61 ?  0   MET A N   1 
ATOM   27   C CA  . MET A 1 21  ? 6.029   -16.821 4.241   1.00 20.09 ?  0   MET A CA  1 
ATOM   28   C C   . MET A 1 21  ? 5.717   -15.582 3.408   1.00 20.70 ?  0   MET A C   1 
ATOM   29   O O   . MET A 1 21  ? 4.890   -15.636 2.491   1.00 18.22 ?  0   MET A O   1 
ATOM   30   C CB  . MET A 1 21  ? 5.251   -16.810 5.564   1.00 22.88 ?  0   MET A CB  1 
ATOM   31   C CG  . MET A 1 21  ? 3.749   -16.651 5.405   1.00 20.40 ?  0   MET A CG  1 
ATOM   32   S SD  . MET A 1 21  ? 3.283   -14.898 5.354   1.00 25.83 ?  0   MET A SD  1 
ATOM   33   C CE  . MET A 1 21  ? 1.912   -14.912 4.194   1.00 25.88 ?  0   MET A CE  1 
ATOM   34   N N   . CYS A 1 22  ? 6.402   -14.465 3.685   1.00 21.89 ?  1   CYS A N   1 
ATOM   35   C CA  A CYS A 1 22  ? 6.052   -13.251 2.954   0.56 21.31 ?  1   CYS A CA  1 
ATOM   36   C CA  B CYS A 1 22  ? 6.197   -13.198 2.984   0.44 21.33 ?  1   CYS A CA  1 
ATOM   37   C C   . CYS A 1 22  ? 6.467   -13.300 1.489   1.00 21.64 ?  1   CYS A C   1 
ATOM   38   O O   . CYS A 1 22  ? 6.086   -12.398 0.729   1.00 19.15 ?  1   CYS A O   1 
ATOM   39   C CB  A CYS A 1 22  ? 6.658   -12.024 3.625   0.56 25.23 ?  1   CYS A CB  1 
ATOM   40   C CB  B CYS A 1 22  ? 7.107   -12.123 3.590   0.44 24.57 ?  1   CYS A CB  1 
ATOM   41   S SG  A CYS A 1 22  ? 8.408   -12.156 3.902   0.56 25.18 ?  1   CYS A SG  1 
ATOM   42   S SG  B CYS A 1 22  ? 6.273   -10.652 4.234   0.44 28.42 ?  1   CYS A SG  1 
ATOM   43   N N   . ASP A 1 23  ? 7.174   -14.347 1.053   1.00 17.33 ?  2   ASP A N   1 
ATOM   44   C CA  . ASP A 1 23  ? 7.403   -14.526 -0.372  1.00 19.92 ?  2   ASP A CA  1 
ATOM   45   C C   . ASP A 1 23  ? 6.098   -14.666 -1.143  1.00 17.04 ?  2   ASP A C   1 
ATOM   46   O O   . ASP A 1 23  ? 6.106   -14.499 -2.366  1.00 17.35 ?  2   ASP A O   1 
ATOM   47   C CB  . ASP A 1 23  ? 8.301   -15.756 -0.623  1.00 17.81 ?  2   ASP A CB  1 
ATOM   48   C CG  . ASP A 1 23  ? 9.700   -15.585 -0.060  1.00 24.65 ?  2   ASP A CG  1 
ATOM   49   O OD1 . ASP A 1 23  ? 10.118  -14.436 0.179   1.00 25.91 ?  2   ASP A OD1 1 
ATOM   50   O OD2 . ASP A 1 23  ? 10.391  -16.606 0.132   1.00 26.68 ?  2   ASP A OD2 1 
ATOM   51   N N   . ALA A 1 24  ? 4.978   -14.938 -0.460  1.00 16.87 ?  3   ALA A N   1 
ATOM   52   C CA  . ALA A 1 24  ? 3.680   -14.994 -1.124  1.00 18.08 ?  3   ALA A CA  1 
ATOM   53   C C   . ALA A 1 24  ? 3.288   -13.665 -1.760  1.00 16.20 ?  3   ALA A C   1 
ATOM   54   O O   . ALA A 1 24  ? 2.463   -13.655 -2.682  1.00 16.70 ?  3   ALA A O   1 
ATOM   55   C CB  . ALA A 1 24  ? 2.589   -15.411 -0.133  1.00 20.62 ?  3   ALA A CB  1 
ATOM   56   N N   . PHE A 1 25  ? 3.838   -12.550 -1.281  1.00 14.84 ?  4   PHE A N   1 
ATOM   57   C CA  . PHE A 1 25  ? 3.555   -11.240 -1.844  1.00 14.57 ?  4   PHE A CA  1 
ATOM   58   C C   . PHE A 1 25  ? 4.432   -10.901 -3.039  1.00 15.14 ?  4   PHE A C   1 
ATOM   59   O O   . PHE A 1 25  ? 4.131   -9.938  -3.752  1.00 13.58 ?  4   PHE A O   1 
ATOM   60   C CB  . PHE A 1 25  ? 3.744   -10.157 -0.776  1.00 14.90 ?  4   PHE A CB  1 
ATOM   61   C CG  . PHE A 1 25  ? 2.737   -10.211 0.327   1.00 14.06 ?  4   PHE A CG  1 
ATOM   62   C CD1 . PHE A 1 25  ? 1.505   -9.581  0.192   1.00 16.73 ?  4   PHE A CD1 1 
ATOM   63   C CD2 . PHE A 1 25  ? 3.020   -10.880 1.510   1.00 17.01 ?  4   PHE A CD2 1 
ATOM   64   C CE1 . PHE A 1 25  ? 0.564   -9.620  1.218   1.00 16.60 ?  4   PHE A CE1 1 
ATOM   65   C CE2 . PHE A 1 25  ? 2.086   -10.928 2.538   1.00 17.66 ?  4   PHE A CE2 1 
ATOM   66   C CZ  . PHE A 1 25  ? 0.864   -10.289 2.396   1.00 16.45 ?  4   PHE A CZ  1 
ATOM   67   N N   . VAL A 1 26  ? 5.518   -11.644 -3.253  1.00 15.44 ?  5   VAL A N   1 
ATOM   68   C CA  . VAL A 1 26  ? 6.528   -11.246 -4.222  1.00 13.41 ?  5   VAL A CA  1 
ATOM   69   C C   . VAL A 1 26  ? 5.980   -11.410 -5.627  1.00 15.45 ?  5   VAL A C   1 
ATOM   70   O O   . VAL A 1 26  ? 5.400   -12.452 -5.964  1.00 16.59 ?  5   VAL A O   1 
ATOM   71   C CB  . VAL A 1 26  ? 7.802   -12.083 -4.035  1.00 14.76 ?  5   VAL A CB  1 
ATOM   72   C CG1 . VAL A 1 26  ? 8.762   -11.886 -5.207  1.00 17.52 ?  5   VAL A CG1 1 
ATOM   73   C CG2 . VAL A 1 26  ? 8.458   -11.715 -2.719  1.00 15.51 ?  5   VAL A CG2 1 
ATOM   74   N N   . GLY A 1 27  ? 6.183   -10.403 -6.457  1.00 15.14 ?  6   GLY A N   1 
ATOM   75   C CA  . GLY A 1 27  ? 5.822   -10.515 -7.853  1.00 13.96 ?  6   GLY A CA  1 
ATOM   76   C C   . GLY A 1 27  ? 5.409   -9.175  -8.417  1.00 13.46 ?  6   GLY A C   1 
ATOM   77   O O   . GLY A 1 27  ? 5.654   -8.125  -7.829  1.00 15.01 ?  6   GLY A O   1 
ATOM   78   N N   . THR A 1 28  ? 4.785   -9.246  -9.591  1.00 13.69 ?  7   THR A N   1 
ATOM   79   C CA  . THR A 1 28  ? 4.317   -8.086  -10.335 1.00 13.86 ?  7   THR A CA  1 
ATOM   80   C C   . THR A 1 28  ? 2.797   -8.138  -10.377 1.00 14.66 ?  7   THR A C   1 
ATOM   81   O O   . THR A 1 28  ? 2.221   -9.141  -10.813 1.00 16.16 ?  7   THR A O   1 
ATOM   82   C CB  . THR A 1 28  ? 4.880   -8.072  -11.759 1.00 19.05 ?  7   THR A CB  1 
ATOM   83   O OG1 . THR A 1 28  ? 6.297   -8.300  -11.718 1.00 20.40 ?  7   THR A OG1 1 
ATOM   84   C CG2 . THR A 1 28  ? 4.597   -6.745  -12.437 1.00 20.94 ?  7   THR A CG2 1 
ATOM   85   N N   . TRP A 1 29  ? 2.159   -7.066  -9.915  1.00 13.49 ?  8   TRP A N   1 
ATOM   86   C CA  . TRP A 1 29  ? 0.720   -7.025  -9.704  1.00 13.40 ?  8   TRP A CA  1 
ATOM   87   C C   . TRP A 1 29  ? 0.127   -5.835  -10.448 1.00 13.14 ?  8   TRP A C   1 
ATOM   88   O O   . TRP A 1 29  ? 0.796   -4.813  -10.639 1.00 15.86 ?  8   TRP A O   1 
ATOM   89   C CB  . TRP A 1 29  ? 0.393   -6.918  -8.199  1.00 14.21 ?  8   TRP A CB  1 
ATOM   90   C CG  . TRP A 1 29  ? 0.989   -8.009  -7.346  1.00 13.15 ?  8   TRP A CG  1 
ATOM   91   C CD1 . TRP A 1 29  ? 2.212   -8.001  -6.724  1.00 12.95 ?  8   TRP A CD1 1 
ATOM   92   C CD2 . TRP A 1 29  ? 0.373   -9.252  -7.006  1.00 12.33 ?  8   TRP A CD2 1 
ATOM   93   N NE1 . TRP A 1 29  ? 2.396   -9.181  -6.027  1.00 13.42 ?  8   TRP A NE1 1 
ATOM   94   C CE2 . TRP A 1 29  ? 1.280   -9.962  -6.184  1.00 12.74 ?  8   TRP A CE2 1 
ATOM   95   C CE3 . TRP A 1 29  ? -0.855  -9.841  -7.325  1.00 13.43 ?  8   TRP A CE3 1 
ATOM   96   C CZ2 . TRP A 1 29  ? 0.989   -11.232 -5.676  1.00 13.80 ?  8   TRP A CZ2 1 
ATOM   97   C CZ3 . TRP A 1 29  ? -1.142  -11.097 -6.818  1.00 15.12 ?  8   TRP A CZ3 1 
ATOM   98   C CH2 . TRP A 1 29  ? -0.226  -11.775 -5.997  1.00 15.07 ?  8   TRP A CH2 1 
ATOM   99   N N   . LYS A 1 30  ? -1.136  -5.966  -10.862 1.00 13.17 ?  9   LYS A N   1 
ATOM   100  C CA  . LYS A 1 30  ? -1.837  -4.874  -11.530 1.00 14.38 ?  9   LYS A CA  1 
ATOM   101  C C   . LYS A 1 30  ? -3.209  -4.653  -10.898 1.00 13.65 ?  9   LYS A C   1 
ATOM   102  O O   . LYS A 1 30  ? -3.922  -5.607  -10.579 1.00 14.22 ?  9   LYS A O   1 
ATOM   103  C CB  . LYS A 1 30  ? -1.977  -5.153  -13.029 1.00 17.80 ?  9   LYS A CB  1 
ATOM   104  C CG  . LYS A 1 30  ? -2.761  -6.394  -13.357 1.00 20.75 ?  9   LYS A CG  1 
ATOM   105  C CD  . LYS A 1 30  ? -2.847  -6.617  -14.865 1.00 25.33 ?  9   LYS A CD  1 
ATOM   106  C CE  . LYS A 1 30  ? -3.288  -8.037  -15.178 1.00 30.67 ?  9   LYS A CE  1 
ATOM   107  N NZ  . LYS A 1 30  ? -4.690  -8.274  -14.734 1.00 37.22 ?  9   LYS A NZ  1 
ATOM   108  N N   . LEU A 1 31  ? -3.571  -3.383  -10.706 1.00 12.25 ?  10  LEU A N   1 
ATOM   109  C CA  . LEU A 1 31  ? -4.858  -3.049  -10.102 1.00 10.96 ?  10  LEU A CA  1 
ATOM   110  C C   . LEU A 1 31  ? -5.995  -3.465  -11.028 1.00 15.05 ?  10  LEU A C   1 
ATOM   111  O O   . LEU A 1 31  ? -6.010  -3.093  -12.205 1.00 17.72 ?  10  LEU A O   1 
ATOM   112  C CB  . LEU A 1 31  ? -4.952  -1.546  -9.834  1.00 14.21 ?  10  LEU A CB  1 
ATOM   113  C CG  . LEU A 1 31  ? -6.245  -1.120  -9.141  1.00 14.79 ?  10  LEU A CG  1 
ATOM   114  C CD1 . LEU A 1 31  ? -6.177  -1.524  -7.676  1.00 14.06 ?  10  LEU A CD1 1 
ATOM   115  C CD2 . LEU A 1 31  ? -6.468  0.393   -9.274  1.00 19.68 ?  10  LEU A CD2 1 
ATOM   116  N N   . VAL A 1 32  ? -6.956  -4.215  -10.497 1.00 13.68 ?  11  VAL A N   1 
ATOM   117  C CA  . VAL A 1 32  ? -8.117  -4.608  -11.284 1.00 15.53 ?  11  VAL A CA  1 
ATOM   118  C C   . VAL A 1 32  ? -9.433  -4.090  -10.718 1.00 21.05 ?  11  VAL A C   1 
ATOM   119  O O   . VAL A 1 32  ? -10.438 -4.079  -11.451 1.00 19.97 ?  11  VAL A O   1 
ATOM   120  C CB  . VAL A 1 32  ? -8.180  -6.138  -11.469 1.00 17.34 ?  11  VAL A CB  1 
ATOM   121  C CG1 . VAL A 1 32  ? -6.954  -6.635  -12.229 1.00 20.57 ?  11  VAL A CG1 1 
ATOM   122  C CG2 . VAL A 1 32  ? -8.325  -6.848  -10.124 1.00 19.94 ?  11  VAL A CG2 1 
ATOM   123  N N   . SER A 1 33  ? -9.490  -3.655  -9.458  1.00 15.06 ?  12  SER A N   1 
ATOM   124  C CA  . SER A 1 33  ? -10.723 -3.072  -8.946  1.00 16.45 ?  12  SER A CA  1 
ATOM   125  C C   . SER A 1 33  ? -10.406 -2.123  -7.802  1.00 15.00 ?  12  SER A C   1 
ATOM   126  O O   . SER A 1 33  ? -9.407  -2.281  -7.096  1.00 15.72 ?  12  SER A O   1 
ATOM   127  C CB  . SER A 1 33  ? -11.721 -4.134  -8.474  1.00 20.28 ?  12  SER A CB  1 
ATOM   128  O OG  . SER A 1 33  ? -11.215 -4.863  -7.385  1.00 24.96 ?  12  SER A OG  1 
ATOM   129  N N   . SER A 1 34  ? -11.270 -1.127  -7.631  1.00 14.94 ?  13  SER A N   1 
ATOM   130  C CA  . SER A 1 34  ? -11.088 -0.148  -6.569  1.00 15.64 ?  13  SER A CA  1 
ATOM   131  C C   . SER A 1 34  ? -12.465 0.275   -6.096  1.00 17.17 ?  13  SER A C   1 
ATOM   132  O O   . SER A 1 34  ? -13.303 0.673   -6.914  1.00 18.28 ?  13  SER A O   1 
ATOM   133  C CB  . SER A 1 34  ? -10.283 1.068   -7.054  1.00 16.96 ?  13  SER A CB  1 
ATOM   134  O OG  . SER A 1 34  ? -10.098 2.037   -6.035  1.00 16.15 ?  13  SER A OG  1 
ATOM   135  N N   . GLU A 1 35  ? -12.697 0.180   -4.792  1.00 14.23 ?  14  GLU A N   1 
ATOM   136  C CA  . GLU A 1 35  ? -13.990 0.502   -4.205  1.00 16.37 ?  14  GLU A CA  1 
ATOM   137  C C   . GLU A 1 35  ? -13.809 1.532   -3.102  1.00 14.29 ?  14  GLU A C   1 
ATOM   138  O O   . GLU A 1 35  ? -13.001 1.334   -2.183  1.00 15.34 ?  14  GLU A O   1 
ATOM   139  C CB  . GLU A 1 35  ? -14.666 -0.747  -3.639  1.00 18.64 ?  14  GLU A CB  1 
ATOM   140  C CG  . GLU A 1 35  ? -15.128 -1.733  -4.698  1.00 28.52 ?  14  GLU A CG  1 
ATOM   141  C CD  . GLU A 1 35  ? -16.274 -1.186  -5.538  1.00 35.42 ?  14  GLU A CD  1 
ATOM   142  O OE1 . GLU A 1 35  ? -17.160 -0.500  -4.976  1.00 33.02 ?  14  GLU A OE1 1 
ATOM   143  O OE2 . GLU A 1 35  ? -16.287 -1.443  -6.764  1.00 42.92 ?  14  GLU A OE2 1 
ATOM   144  N N   . ASN A 1 36  ? -14.549 2.637   -3.206  1.00 14.73 ?  15  ASN A N   1 
ATOM   145  C CA  . ASN A 1 36  ? -14.641 3.672   -2.178  1.00 14.89 ?  15  ASN A CA  1 
ATOM   146  C C   . ASN A 1 36  ? -13.339 4.441   -1.972  1.00 13.15 ?  15  ASN A C   1 
ATOM   147  O O   . ASN A 1 36  ? -13.182 5.123   -0.957  1.00 14.98 ?  15  ASN A O   1 
ATOM   148  C CB  . ASN A 1 36  ? -15.120 3.092   -0.838  1.00 15.22 ?  15  ASN A CB  1 
ATOM   149  C CG  . ASN A 1 36  ? -15.963 4.081   -0.039  1.00 17.46 ?  15  ASN A CG  1 
ATOM   150  O OD1 . ASN A 1 36  ? -16.750 4.847   -0.605  1.00 20.68 ?  15  ASN A OD1 1 
ATOM   151  N ND2 . ASN A 1 36  ? -15.793 4.083   1.276   1.00 16.66 ?  15  ASN A ND2 1 
ATOM   152  N N   . PHE A 1 37  ? -12.419 4.390   -2.938  1.00 12.99 ?  16  PHE A N   1 
ATOM   153  C CA  . PHE A 1 37  ? -11.136 5.055   -2.746  1.00 13.25 ?  16  PHE A CA  1 
ATOM   154  C C   . PHE A 1 37  ? -11.284 6.570   -2.725  1.00 14.36 ?  16  PHE A C   1 
ATOM   155  O O   . PHE A 1 37  ? -10.524 7.252   -2.031  1.00 14.36 ?  16  PHE A O   1 
ATOM   156  C CB  . PHE A 1 37  ? -10.144 4.633   -3.827  1.00 14.02 ?  16  PHE A CB  1 
ATOM   157  C CG  . PHE A 1 37  ? -8.694  4.905   -3.479  1.00 15.33 ?  16  PHE A CG  1 
ATOM   158  C CD1 . PHE A 1 37  ? -8.154  4.476   -2.272  1.00 15.57 ?  16  PHE A CD1 1 
ATOM   159  C CD2 . PHE A 1 37  ? -7.871  5.574   -4.379  1.00 16.97 ?  16  PHE A CD2 1 
ATOM   160  C CE1 . PHE A 1 37  ? -6.813  4.711   -1.960  1.00 15.02 ?  16  PHE A CE1 1 
ATOM   161  C CE2 . PHE A 1 37  ? -6.527  5.819   -4.072  1.00 16.55 ?  16  PHE A CE2 1 
ATOM   162  C CZ  . PHE A 1 37  ? -6.000  5.382   -2.863  1.00 15.28 ?  16  PHE A CZ  1 
ATOM   163  N N   . ASP A 1 38  ? -12.251 7.122   -3.459  1.00 15.22 ?  17  ASP A N   1 
ATOM   164  C CA  . ASP A 1 38  ? -12.425 8.570   -3.427  1.00 15.31 ?  17  ASP A CA  1 
ATOM   165  C C   . ASP A 1 38  ? -12.800 9.049   -2.030  1.00 16.76 ?  17  ASP A C   1 
ATOM   166  O O   . ASP A 1 38  ? -12.225 10.018  -1.520  1.00 15.78 ?  17  ASP A O   1 
ATOM   167  C CB  . ASP A 1 38  ? -13.475 9.000   -4.445  1.00 18.97 ?  17  ASP A CB  1 
ATOM   168  C CG  . ASP A 1 38  ? -13.570 10.504  -4.561  1.00 27.43 ?  17  ASP A CG  1 
ATOM   169  O OD1 . ASP A 1 38  ? -12.529 11.134  -4.852  1.00 26.75 ?  17  ASP A OD1 1 
ATOM   170  O OD2 . ASP A 1 38  ? -14.677 11.054  -4.361  1.00 33.82 ?  17  ASP A OD2 1 
ATOM   171  N N   . ASP A 1 39  ? -13.755 8.373   -1.388  1.00 16.97 ?  18  ASP A N   1 
ATOM   172  C CA  . ASP A 1 39  ? -14.150 8.755   -0.035  1.00 17.75 ?  18  ASP A CA  1 
ATOM   173  C C   . ASP A 1 39  ? -13.015 8.532   0.961   1.00 16.17 ?  18  ASP A C   1 
ATOM   174  O O   . ASP A 1 39  ? -12.825 9.339   1.883   1.00 17.50 ?  18  ASP A O   1 
ATOM   175  C CB  . ASP A 1 39  ? -15.400 7.991   0.396   1.00 20.21 ?  18  ASP A CB  1 
ATOM   176  C CG  . ASP A 1 39  ? -16.691 8.743   0.069   1.00 32.53 ?  18  ASP A CG  1 
ATOM   177  O OD1 . ASP A 1 39  ? -16.774 9.369   -1.008  1.00 33.73 ?  18  ASP A OD1 1 
ATOM   178  O OD2 . ASP A 1 39  ? -17.621 8.718   0.905   1.00 35.89 ?  18  ASP A OD2 1 
ATOM   179  N N   . TYR A 1 40  ? -12.248 7.447   0.796   1.00 14.45 ?  19  TYR A N   1 
ATOM   180  C CA  . TYR A 1 40  ? -11.061 7.264   1.628   1.00 12.61 ?  19  TYR A CA  1 
ATOM   181  C C   . TYR A 1 40  ? -10.107 8.437   1.474   1.00 12.68 ?  19  TYR A C   1 
ATOM   182  O O   . TYR A 1 40  ? -9.622  8.991   2.468   1.00 13.78 ?  19  TYR A O   1 
ATOM   183  C CB  . TYR A 1 40  ? -10.355 5.957   1.265   1.00 11.95 ?  19  TYR A CB  1 
ATOM   184  C CG  . TYR A 1 40  ? -9.004  5.786   1.926   1.00 12.92 ?  19  TYR A CG  1 
ATOM   185  C CD1 . TYR A 1 40  ? -8.899  5.369   3.248   1.00 13.39 ?  19  TYR A CD1 1 
ATOM   186  C CD2 . TYR A 1 40  ? -7.831  6.057   1.228   1.00 12.72 ?  19  TYR A CD2 1 
ATOM   187  C CE1 . TYR A 1 40  ? -7.654  5.210   3.854   1.00 13.51 ?  19  TYR A CE1 1 
ATOM   188  C CE2 . TYR A 1 40  ? -6.592  5.913   1.820   1.00 14.13 ?  19  TYR A CE2 1 
ATOM   189  C CZ  . TYR A 1 40  ? -6.503  5.492   3.131   1.00 13.26 ?  19  TYR A CZ  1 
ATOM   190  O OH  . TYR A 1 40  ? -5.260  5.332   3.704   1.00 13.56 ?  19  TYR A OH  1 
ATOM   191  N N   . MET A 1 41  ? -9.814  8.822   0.226   1.00 13.15 ?  20  MET A N   1 
ATOM   192  C CA  . MET A 1 41  ? -8.894  9.933   -0.013  1.00 14.61 ?  20  MET A CA  1 
ATOM   193  C C   . MET A 1 41  ? -9.413  11.235  0.584   1.00 13.74 ?  20  MET A C   1 
ATOM   194  O O   . MET A 1 41  ? -8.629  12.040  1.107   1.00 14.20 ?  20  MET A O   1 
ATOM   195  C CB  . MET A 1 41  ? -8.645  10.094  -1.508  1.00 12.40 ?  20  MET A CB  1 
ATOM   196  C CG  . MET A 1 41  ? -7.735  8.998   -2.082  1.00 14.88 ?  20  MET A CG  1 
ATOM   197  S SD  . MET A 1 41  ? -7.205  9.401   -3.749  1.00 14.67 ?  20  MET A SD  1 
ATOM   198  C CE  . MET A 1 41  ? -8.719  9.202   -4.665  1.00 16.07 ?  20  MET A CE  1 
ATOM   199  N N   . LYS A 1 42  ? -10.726 11.468  0.509   1.00 13.61 ?  21  LYS A N   1 
ATOM   200  C CA  . LYS A 1 42  ? -11.294 12.655  1.142   1.00 16.38 ?  21  LYS A CA  1 
ATOM   201  C C   . LYS A 1 42  ? -10.994 12.660  2.630   1.00 17.12 ?  21  LYS A C   1 
ATOM   202  O O   . LYS A 1 42  ? -10.581 13.684  3.192   1.00 19.56 ?  21  LYS A O   1 
ATOM   203  C CB  . LYS A 1 42  ? -12.801 12.707  0.921   1.00 19.67 ?  21  LYS A CB  1 
ATOM   204  C CG  . LYS A 1 42  ? -13.211 13.017  -0.493  1.00 20.42 ?  21  LYS A CG  1 
ATOM   205  C CD  . LYS A 1 42  ? -14.718 13.121  -0.564  1.00 22.01 ?  21  LYS A CD  1 
ATOM   206  C CE  . LYS A 1 42  ? -15.177 13.149  -1.997  1.00 28.78 ?  21  LYS A CE  1 
ATOM   207  N NZ  . LYS A 1 42  ? -16.664 13.081  -2.072  1.00 38.44 ?  21  LYS A NZ  1 
ATOM   208  N N   . GLU A 1 43  ? -11.184 11.511  3.284   1.00 17.31 ?  22  GLU A N   1 
ATOM   209  C CA  . GLU A 1 43  ? -10.948 11.429  4.719   1.00 17.20 ?  22  GLU A CA  1 
ATOM   210  C C   . GLU A 1 43  ? -9.478  11.651  5.041   1.00 16.38 ?  22  GLU A C   1 
ATOM   211  O O   . GLU A 1 43  ? -9.141  12.259  6.064   1.00 19.75 ?  22  GLU A O   1 
ATOM   212  C CB  . GLU A 1 43  ? -11.421 10.071  5.241   1.00 21.82 ?  22  GLU A CB  1 
ATOM   213  C CG  . GLU A 1 43  ? -11.912 10.067  6.677   1.00 28.49 ?  22  GLU A CG  1 
ATOM   214  C CD  . GLU A 1 43  ? -13.085 11.005  6.900   1.00 31.08 ?  22  GLU A CD  1 
ATOM   215  O OE1 . GLU A 1 43  ? -13.953 11.098  6.008   1.00 31.07 ?  22  GLU A OE1 1 
ATOM   216  O OE2 . GLU A 1 43  ? -13.136 11.646  7.967   1.00 37.38 ?  22  GLU A OE2 1 
ATOM   217  N N   . VAL A 1 44  ? -8.586  11.157  4.175   1.00 15.97 ?  23  VAL A N   1 
ATOM   218  C CA  . VAL A 1 44  ? -7.154  11.353  4.370   1.00 16.30 ?  23  VAL A CA  1 
ATOM   219  C C   . VAL A 1 44  ? -6.788  12.826  4.244   1.00 17.43 ?  23  VAL A C   1 
ATOM   220  O O   . VAL A 1 44  ? -5.788  13.276  4.821   1.00 18.57 ?  23  VAL A O   1 
ATOM   221  C CB  . VAL A 1 44  ? -6.371  10.476  3.371   1.00 15.44 ?  23  VAL A CB  1 
ATOM   222  C CG1 . VAL A 1 44  ? -4.914  10.901  3.261   1.00 15.66 ?  23  VAL A CG1 1 
ATOM   223  C CG2 . VAL A 1 44  ? -6.467  9.013   3.768   1.00 15.89 ?  23  VAL A CG2 1 
ATOM   224  N N   . GLY A 1 45  ? -7.586  13.597  3.514   1.00 15.46 ?  24  GLY A N   1 
ATOM   225  C CA  . GLY A 1 45  ? -7.321  15.001  3.293   1.00 17.22 ?  24  GLY A CA  1 
ATOM   226  C C   . GLY A 1 45  ? -6.775  15.340  1.928   1.00 17.38 ?  24  GLY A C   1 
ATOM   227  O O   . GLY A 1 45  ? -6.229  16.435  1.756   1.00 17.31 ?  24  GLY A O   1 
ATOM   228  N N   . VAL A 1 46  ? -6.895  14.432  0.959   1.00 14.88 ?  25  VAL A N   1 
ATOM   229  C CA  . VAL A 1 46  ? -6.343  14.654  -0.373  1.00 14.02 ?  25  VAL A CA  1 
ATOM   230  C C   . VAL A 1 46  ? -7.177  15.700  -1.096  1.00 14.76 ?  25  VAL A C   1 
ATOM   231  O O   . VAL A 1 46  ? -8.410  15.629  -1.101  1.00 16.87 ?  25  VAL A O   1 
ATOM   232  C CB  . VAL A 1 46  ? -6.314  13.332  -1.153  1.00 15.34 ?  25  VAL A CB  1 
ATOM   233  C CG1 . VAL A 1 46  ? -5.612  13.519  -2.480  1.00 16.33 ?  25  VAL A CG1 1 
ATOM   234  C CG2 . VAL A 1 46  ? -5.624  12.248  -0.321  1.00 14.98 ?  25  VAL A CG2 1 
ATOM   235  N N   . GLY A 1 47  ? -6.503  16.672  -1.705  1.00 18.30 ?  26  GLY A N   1 
ATOM   236  C CA  . GLY A 1 47  ? -7.192  17.737  -2.409  1.00 20.55 ?  26  GLY A CA  1 
ATOM   237  C C   . GLY A 1 47  ? -7.884  17.256  -3.673  1.00 18.80 ?  26  GLY A C   1 
ATOM   238  O O   . GLY A 1 47  ? -7.647  16.164  -4.184  1.00 17.69 ?  26  GLY A O   1 
ATOM   239  N N   . PHE A 1 48  ? -8.746  18.126  -4.200  1.00 17.95 ?  27  PHE A N   1 
ATOM   240  C CA  . PHE A 1 48  ? -9.607  17.755  -5.322  1.00 17.73 ?  27  PHE A CA  1 
ATOM   241  C C   . PHE A 1 48  ? -8.805  17.226  -6.509  1.00 18.59 ?  27  PHE A C   1 
ATOM   242  O O   . PHE A 1 48  ? -9.068  16.121  -7.011  1.00 16.77 ?  27  PHE A O   1 
ATOM   243  C CB  . PHE A 1 48  ? -10.444 18.960  -5.751  1.00 18.81 ?  27  PHE A CB  1 
ATOM   244  C CG  . PHE A 1 48  ? -11.302 18.690  -6.945  1.00 17.00 ?  27  PHE A CG  1 
ATOM   245  C CD1 . PHE A 1 48  ? -12.569 18.160  -6.789  1.00 18.36 ?  27  PHE A CD1 1 
ATOM   246  C CD2 . PHE A 1 48  ? -10.836 18.939  -8.226  1.00 20.88 ?  27  PHE A CD2 1 
ATOM   247  C CE1 . PHE A 1 48  ? -13.364 17.878  -7.901  1.00 21.04 ?  27  PHE A CE1 1 
ATOM   248  C CE2 . PHE A 1 48  ? -11.625 18.663  -9.338  1.00 20.50 ?  27  PHE A CE2 1 
ATOM   249  C CZ  . PHE A 1 48  ? -12.888 18.138  -9.171  1.00 20.26 ?  27  PHE A CZ  1 
ATOM   250  N N   . ALA A 1 49  ? -7.834  18.009  -6.985  1.00 18.32 ?  28  ALA A N   1 
ATOM   251  C CA  . ALA A 1 49  ? -7.158  17.652  -8.230  1.00 17.91 ?  28  ALA A CA  1 
ATOM   252  C C   . ALA A 1 49  ? -6.369  16.357  -8.076  1.00 18.64 ?  28  ALA A C   1 
ATOM   253  O O   . ALA A 1 49  ? -6.404  15.490  -8.958  1.00 17.38 ?  28  ALA A O   1 
ATOM   254  C CB  . ALA A 1 49  ? -6.247  18.791  -8.684  1.00 17.36 ?  28  ALA A CB  1 
ATOM   255  N N   . THR A 1 50  ? -5.663  16.204  -6.957  1.00 17.23 ?  29  THR A N   1 
ATOM   256  C CA  . THR A 1 50  ? -4.946  14.956  -6.719  1.00 15.92 ?  29  THR A CA  1 
ATOM   257  C C   . THR A 1 50  ? -5.901  13.772  -6.583  1.00 18.83 ?  29  THR A C   1 
ATOM   258  O O   . THR A 1 50  ? -5.607  12.673  -7.075  1.00 16.19 ?  29  THR A O   1 
ATOM   259  C CB  . THR A 1 50  ? -4.067  15.103  -5.478  1.00 16.52 ?  29  THR A CB  1 
ATOM   260  O OG1 . THR A 1 50  ? -3.146  16.179  -5.684  1.00 19.67 ?  29  THR A OG1 1 
ATOM   261  C CG2 . THR A 1 50  ? -3.292  13.821  -5.219  1.00 18.26 ?  29  THR A CG2 1 
ATOM   262  N N   . ARG A 1 51  ? -7.046  13.956  -5.913  1.00 15.33 ?  30  ARG A N   1 
ATOM   263  C CA  . ARG A 1 51  ? -8.011  12.862  -5.826  1.00 14.35 ?  30  ARG A CA  1 
ATOM   264  C C   . ARG A 1 51  ? -8.448  12.411  -7.207  1.00 15.98 ?  30  ARG A C   1 
ATOM   265  O O   . ARG A 1 51  ? -8.528  11.211  -7.480  1.00 16.08 ?  30  ARG A O   1 
ATOM   266  C CB  . ARG A 1 51  ? -9.251  13.267  -5.026  1.00 17.45 ?  30  ARG A CB  1 
ATOM   267  C CG  . ARG A 1 51  ? -9.107  13.135  -3.525  1.00 20.48 ?  30  ARG A CG  1 
ATOM   268  C CD  . ARG A 1 51  ? -10.464 12.947  -2.847  1.00 17.02 ?  30  ARG A CD  1 
ATOM   269  N NE  . ARG A 1 51  ? -11.541 13.736  -3.454  1.00 18.14 ?  30  ARG A NE  1 
ATOM   270  C CZ  . ARG A 1 51  ? -11.741 15.035  -3.238  1.00 19.41 ?  30  ARG A CZ  1 
ATOM   271  N NH1 . ARG A 1 51  ? -10.927 15.729  -2.446  1.00 19.36 ?  30  ARG A NH1 1 
ATOM   272  N NH2 . ARG A 1 51  ? -12.759 15.648  -3.836  1.00 19.37 ?  30  ARG A NH2 1 
ATOM   273  N N   . LYS A 1 52  ? -8.735  13.365  -8.092  1.00 16.13 ?  31  LYS A N   1 
ATOM   274  C CA  . LYS A 1 52  ? -9.242  13.003  -9.411  1.00 17.65 ?  31  LYS A CA  1 
ATOM   275  C C   . LYS A 1 52  ? -8.183  12.259  -10.217 1.00 16.70 ?  31  LYS A C   1 
ATOM   276  O O   . LYS A 1 52  ? -8.468  11.220  -10.824 1.00 16.67 ?  31  LYS A O   1 
ATOM   277  C CB  . LYS A 1 52  ? -9.716  14.256  -10.156 1.00 17.46 ?  31  LYS A CB  1 
ATOM   278  C CG  . LYS A 1 52  ? -10.943 14.924  -9.531  1.00 20.51 ?  31  LYS A CG  1 
ATOM   279  C CD  . LYS A 1 52  ? -12.086 13.934  -9.403  1.00 24.97 ?  31  LYS A CD  1 
ATOM   280  C CE  . LYS A 1 52  ? -12.999 14.293  -8.243  1.00 29.00 ?  31  LYS A CE  1 
ATOM   281  N NZ  . LYS A 1 52  ? -14.022 13.233  -8.003  1.00 37.76 ?  31  LYS A NZ  1 
ATOM   282  N N   . VAL A 1 53  ? -6.953  12.771  -10.223 1.00 14.84 ?  32  VAL A N   1 
ATOM   283  C CA  . VAL A 1 53  ? -5.901  12.157  -11.023 1.00 16.04 ?  32  VAL A CA  1 
ATOM   284  C C   . VAL A 1 53  ? -5.438  10.848  -10.391 1.00 16.64 ?  32  VAL A C   1 
ATOM   285  O O   . VAL A 1 53  ? -5.217  9.851   -11.089 1.00 17.70 ?  32  VAL A O   1 
ATOM   286  C CB  . VAL A 1 53  ? -4.740  13.153  -11.223 1.00 17.43 ?  32  VAL A CB  1 
ATOM   287  C CG1 . VAL A 1 53  ? -3.548  12.464  -11.869 1.00 23.45 ?  32  VAL A CG1 1 
ATOM   288  C CG2 . VAL A 1 53  ? -5.208  14.326  -12.085 1.00 22.40 ?  32  VAL A CG2 1 
ATOM   289  N N   . ALA A 1 54  ? -5.313  10.813  -9.061  1.00 15.86 ?  33  ALA A N   1 
ATOM   290  C CA  . ALA A 1 54  ? -4.872  9.576   -8.414  1.00 14.32 ?  33  ALA A CA  1 
ATOM   291  C C   . ALA A 1 54  ? -5.937  8.494   -8.505  1.00 15.19 ?  33  ALA A C   1 
ATOM   292  O O   . ALA A 1 54  ? -5.615  7.307   -8.657  1.00 16.14 ?  33  ALA A O   1 
ATOM   293  C CB  . ALA A 1 54  ? -4.507  9.845   -6.954  1.00 16.53 ?  33  ALA A CB  1 
ATOM   294  N N   . GLY A 1 55  ? -7.213  8.878   -8.415  1.00 15.37 ?  34  GLY A N   1 
ATOM   295  C CA  . GLY A 1 55  ? -8.279  7.899   -8.541  1.00 16.08 ?  34  GLY A CA  1 
ATOM   296  C C   . GLY A 1 55  ? -8.367  7.260   -9.915  1.00 15.61 ?  34  GLY A C   1 
ATOM   297  O O   . GLY A 1 55  ? -8.855  6.132   -10.042 1.00 20.81 ?  34  GLY A O   1 
ATOM   298  N N   . MET A 1 56  ? -7.912  7.963   -10.960 1.00 14.50 ?  35  MET A N   1 
ATOM   299  C CA  . MET A 1 56  ? -7.899  7.395   -12.304 1.00 14.91 ?  35  MET A CA  1 
ATOM   300  C C   . MET A 1 56  ? -6.817  6.336   -12.480 1.00 15.88 ?  35  MET A C   1 
ATOM   301  O O   . MET A 1 56  ? -6.948  5.465   -13.345 1.00 16.64 ?  35  MET A O   1 
ATOM   302  C CB  . MET A 1 56  ? -7.671  8.495   -13.347 1.00 18.15 ?  35  MET A CB  1 
ATOM   303  C CG  . MET A 1 56  ? -8.836  9.448   -13.527 1.00 15.18 ?  35  MET A CG  1 
ATOM   304  S SD  . MET A 1 56  ? -10.248 8.642   -14.295 1.00 17.74 ?  35  MET A SD  1 
ATOM   305  C CE  . MET A 1 56  ? -9.572  8.151   -15.875 1.00 20.60 ?  35  MET A CE  1 
ATOM   306  N N   . ALA A 1 57  ? -5.769  6.395   -11.668 1.00 16.98 ?  36  ALA A N   1 
ATOM   307  C CA  . ALA A 1 57  ? -4.584  5.581   -11.893 1.00 15.34 ?  36  ALA A CA  1 
ATOM   308  C C   . ALA A 1 57  ? -4.879  4.103   -11.699 1.00 15.78 ?  36  ALA A C   1 
ATOM   309  O O   . ALA A 1 57  ? -5.637  3.709   -10.810 1.00 16.63 ?  36  ALA A O   1 
ATOM   310  C CB  . ALA A 1 57  ? -3.462  6.018   -10.950 1.00 15.69 ?  36  ALA A CB  1 
ATOM   311  N N   . LYS A 1 58  ? -4.251  3.279   -12.531 1.00 16.25 ?  37  LYS A N   1 
ATOM   312  C CA  . LYS A 1 58  ? -4.346  1.826   -12.430 1.00 15.06 ?  37  LYS A CA  1 
ATOM   313  C C   . LYS A 1 58  ? -2.911  1.345   -12.264 1.00 15.93 ?  37  LYS A C   1 
ATOM   314  O O   . LYS A 1 58  ? -2.257  0.959   -13.239 1.00 16.38 ?  37  LYS A O   1 
ATOM   315  C CB  . LYS A 1 58  ? -5.045  1.204   -13.640 1.00 18.94 ?  37  LYS A CB  1 
ATOM   316  C CG  . LYS A 1 58  ? -6.448  1.753   -13.847 1.00 25.55 ?  37  LYS A CG  1 
ATOM   317  C CD  . LYS A 1 58  ? -7.469  1.033   -12.961 1.00 31.83 ?  37  LYS A CD  1 
ATOM   318  C CE  . LYS A 1 58  ? -8.892  1.585   -13.162 1.00 31.79 ?  37  LYS A CE  1 
ATOM   319  N NZ  . LYS A 1 58  ? -9.624  1.818   -11.865 1.00 38.39 ?  37  LYS A NZ  1 
ATOM   320  N N   . PRO A 1 59  ? -2.378  1.406   -11.050 1.00 14.57 ?  38  PRO A N   1 
ATOM   321  C CA  . PRO A 1 59  ? -0.953  1.141   -10.864 1.00 14.68 ?  38  PRO A CA  1 
ATOM   322  C C   . PRO A 1 59  ? -0.615  -0.331  -11.004 1.00 14.71 ?  38  PRO A C   1 
ATOM   323  O O   . PRO A 1 59  ? -1.452  -1.223  -10.835 1.00 15.01 ?  38  PRO A O   1 
ATOM   324  C CB  . PRO A 1 59  ? -0.678  1.620   -9.435  1.00 14.23 ?  38  PRO A CB  1 
ATOM   325  C CG  . PRO A 1 59  ? -1.860  2.429   -9.034  1.00 15.32 ?  38  PRO A CG  1 
ATOM   326  C CD  . PRO A 1 59  ? -3.015  1.865   -9.806  1.00 14.48 ?  38  PRO A CD  1 
ATOM   327  N N   . ASN A 1 60  ? 0.651   -0.561  -11.327 1.00 13.84 ?  39  ASN A N   1 
ATOM   328  C CA  . ASN A 1 60  ? 1.295   -1.844  -11.116 1.00 14.95 ?  39  ASN A CA  1 
ATOM   329  C C   . ASN A 1 60  ? 2.054   -1.781  -9.801  1.00 15.31 ?  39  ASN A C   1 
ATOM   330  O O   . ASN A 1 60  ? 2.634   -0.748  -9.453  1.00 17.30 ?  39  ASN A O   1 
ATOM   331  C CB  . ASN A 1 60  ? 2.253   -2.178  -12.253 1.00 16.94 ?  39  ASN A CB  1 
ATOM   332  C CG  . ASN A 1 60  ? 1.535   -2.666  -13.493 1.00 22.82 ?  39  ASN A CG  1 
ATOM   333  O OD1 . ASN A 1 60  ? 0.315   -2.852  -13.492 1.00 21.04 ?  39  ASN A OD1 1 
ATOM   334  N ND2 . ASN A 1 60  ? 2.293   -2.890  -14.561 1.00 38.63 ?  39  ASN A ND2 1 
ATOM   335  N N   . MET A 1 61  ? 2.023   -2.874  -9.061  1.00 13.06 ?  40  MET A N   1 
ATOM   336  C CA  . MET A 1 61  ? 2.755   -2.978  -7.810  1.00 14.43 ?  40  MET A CA  1 
ATOM   337  C C   . MET A 1 61  ? 3.779   -4.086  -7.966  1.00 13.00 ?  40  MET A C   1 
ATOM   338  O O   . MET A 1 61  ? 3.445   -5.176  -8.428  1.00 16.06 ?  40  MET A O   1 
ATOM   339  C CB  . MET A 1 61  ? 1.816   -3.272  -6.643  1.00 16.99 ?  40  MET A CB  1 
ATOM   340  C CG  . MET A 1 61  ? 2.388   -2.906  -5.301  1.00 19.83 ?  40  MET A CG  1 
ATOM   341  S SD  . MET A 1 61  ? 1.363   -3.458  -3.935  1.00 19.21 ?  40  MET A SD  1 
ATOM   342  C CE  . MET A 1 61  ? -0.233  -2.760  -4.330  1.00 25.07 ?  40  MET A CE  1 
ATOM   343  N N   . ILE A 1 62  ? 5.027   -3.795  -7.616  1.00 14.28 ?  41  ILE A N   1 
ATOM   344  C CA  . ILE A 1 62  ? 6.116   -4.755  -7.731  1.00 15.74 ?  41  ILE A CA  1 
ATOM   345  C C   . ILE A 1 62  ? 6.689   -4.951  -6.338  1.00 14.24 ?  41  ILE A C   1 
ATOM   346  O O   . ILE A 1 62  ? 7.188   -3.996  -5.728  1.00 15.36 ?  41  ILE A O   1 
ATOM   347  C CB  . ILE A 1 62  ? 7.191   -4.289  -8.725  1.00 16.75 ?  41  ILE A CB  1 
ATOM   348  C CG1 . ILE A 1 62  ? 6.574   -4.027  -10.107 1.00 21.64 ?  41  ILE A CG1 1 
ATOM   349  C CG2 . ILE A 1 62  ? 8.289   -5.334  -8.844  1.00 21.20 ?  41  ILE A CG2 1 
ATOM   350  C CD1 . ILE A 1 62  ? 6.279   -2.557  -10.396 1.00 27.37 ?  41  ILE A CD1 1 
ATOM   351  N N   . ILE A 1 63  ? 6.607   -6.180  -5.832  1.00 14.16 ?  42  ILE A N   1 
ATOM   352  C CA  . ILE A 1 63  ? 7.026   -6.507  -4.475  1.00 12.84 ?  42  ILE A CA  1 
ATOM   353  C C   . ILE A 1 63  ? 8.185   -7.488  -4.552  1.00 13.96 ?  42  ILE A C   1 
ATOM   354  O O   . ILE A 1 63  ? 8.122   -8.485  -5.283  1.00 14.12 ?  42  ILE A O   1 
ATOM   355  C CB  . ILE A 1 63  ? 5.864   -7.089  -3.652  1.00 12.28 ?  42  ILE A CB  1 
ATOM   356  C CG1 . ILE A 1 63  ? 4.709   -6.084  -3.607  1.00 14.62 ?  42  ILE A CG1 1 
ATOM   357  C CG2 . ILE A 1 63  ? 6.324   -7.480  -2.255  1.00 13.68 ?  42  ILE A CG2 1 
ATOM   358  C CD1 . ILE A 1 63  ? 3.492   -6.565  -2.831  1.00 16.37 ?  42  ILE A CD1 1 
ATOM   359  N N   . SER A 1 64  ? 9.239   -7.201  -3.804  1.00 12.26 ?  43  SER A N   1 
ATOM   360  C CA  . SER A 1 64  ? 10.385  -8.090  -3.752  1.00 13.07 ?  43  SER A CA  1 
ATOM   361  C C   . SER A 1 64  ? 10.875  -8.184  -2.316  1.00 13.54 ?  43  SER A C   1 
ATOM   362  O O   . SER A 1 64  ? 10.666  -7.271  -1.505  1.00 14.07 ?  43  SER A O   1 
ATOM   363  C CB  . SER A 1 64  ? 11.503  -7.617  -4.685  1.00 17.81 ?  43  SER A CB  1 
ATOM   364  O OG  . SER A 1 64  ? 11.889  -6.294  -4.391  1.00 19.93 ?  43  SER A OG  1 
ATOM   365  N N   . VAL A 1 65  ? 11.512  -9.307  -2.005  1.00 13.10 ?  44  VAL A N   1 
ATOM   366  C CA  . VAL A 1 65  ? 12.080  -9.554  -0.688  1.00 13.79 ?  44  VAL A CA  1 
ATOM   367  C C   . VAL A 1 65  ? 13.539  -9.935  -0.876  1.00 17.66 ?  44  VAL A C   1 
ATOM   368  O O   . VAL A 1 65  ? 13.860  -10.799 -1.700  1.00 19.18 ?  44  VAL A O   1 
ATOM   369  C CB  . VAL A 1 65  ? 11.328  -10.664 0.072   1.00 17.21 ?  44  VAL A CB  1 
ATOM   370  C CG1 . VAL A 1 65  ? 11.940  -10.853 1.456   1.00 20.39 ?  44  VAL A CG1 1 
ATOM   371  C CG2 . VAL A 1 65  ? 9.856   -10.311 0.184   1.00 18.35 ?  44  VAL A CG2 1 
ATOM   372  N N   . ASN A 1 66  ? 14.418  -9.281  -0.127  1.00 15.84 ?  45  ASN A N   1 
ATOM   373  C CA  . ASN A 1 66  ? 15.850  -9.549  -0.202  1.00 17.01 ?  45  ASN A CA  1 
ATOM   374  C C   . ASN A 1 66  ? 16.340  -9.549  1.241   1.00 17.89 ?  45  ASN A C   1 
ATOM   375  O O   . ASN A 1 66  ? 16.477  -8.490  1.857   1.00 17.83 ?  45  ASN A O   1 
ATOM   376  C CB  . ASN A 1 66  ? 16.556  -8.503  -1.057  1.00 17.59 ?  45  ASN A CB  1 
ATOM   377  C CG  . ASN A 1 66  ? 18.021  -8.824  -1.300  1.00 22.70 ?  45  ASN A CG  1 
ATOM   378  O OD1 . ASN A 1 66  ? 18.698  -9.384  -0.441  1.00 21.50 ?  45  ASN A OD1 1 
ATOM   379  N ND2 . ASN A 1 66  ? 18.522  -8.439  -2.470  1.00 18.11 ?  45  ASN A ND2 1 
ATOM   380  N N   . GLY A 1 67  ? 16.589  -10.738 1.783   1.00 20.02 ?  46  GLY A N   1 
ATOM   381  C CA  . GLY A 1 67  ? 16.935  -10.818 3.192   1.00 20.55 ?  46  GLY A CA  1 
ATOM   382  C C   . GLY A 1 67  ? 15.780  -10.317 4.039   1.00 21.65 ?  46  GLY A C   1 
ATOM   383  O O   . GLY A 1 67  ? 14.630  -10.746 3.884   1.00 24.81 ?  46  GLY A O   1 
ATOM   384  N N   . ASP A 1 68  ? 16.081  -9.386  4.940   1.00 17.69 ?  47  ASP A N   1 
ATOM   385  C CA  . ASP A 1 68  ? 15.086  -8.800  5.821   1.00 20.70 ?  47  ASP A CA  1 
ATOM   386  C C   . ASP A 1 68  ? 14.373  -7.616  5.191   1.00 17.54 ?  47  ASP A C   1 
ATOM   387  O O   . ASP A 1 68  ? 13.459  -7.070  5.812   1.00 17.28 ?  47  ASP A O   1 
ATOM   388  C CB  . ASP A 1 68  ? 15.740  -8.339  7.128   1.00 22.32 ?  47  ASP A CB  1 
ATOM   389  C CG  . ASP A 1 68  ? 16.217  -9.495  7.987   1.00 31.09 ?  47  ASP A CG  1 
ATOM   390  O OD1 . ASP A 1 68  ? 15.549  -10.548 7.992   1.00 33.30 ?  47  ASP A OD1 1 
ATOM   391  O OD2 . ASP A 1 68  ? 17.254  -9.335  8.664   1.00 38.49 ?  47  ASP A OD2 1 
ATOM   392  N N   . VAL A 1 69  ? 14.779  -7.191  3.996   1.00 15.87 ?  48  VAL A N   1 
ATOM   393  C CA  . VAL A 1 69  ? 14.277  -5.956  3.399   1.00 13.37 ?  48  VAL A CA  1 
ATOM   394  C C   . VAL A 1 69  ? 13.187  -6.293  2.399   1.00 12.50 ?  48  VAL A C   1 
ATOM   395  O O   . VAL A 1 69  ? 13.406  -7.056  1.449   1.00 13.72 ?  48  VAL A O   1 
ATOM   396  C CB  . VAL A 1 69  ? 15.398  -5.155  2.719   1.00 15.47 ?  48  VAL A CB  1 
ATOM   397  C CG1 . VAL A 1 69  ? 14.853  -3.842  2.160   1.00 16.01 ?  48  VAL A CG1 1 
ATOM   398  C CG2 . VAL A 1 69  ? 16.521  -4.887  3.703   1.00 17.84 ?  48  VAL A CG2 1 
ATOM   399  N N   . ILE A 1 70  ? 12.017  -5.712  2.606   1.00 11.90 ?  49  ILE A N   1 
ATOM   400  C CA  . ILE A 1 70  ? 10.903  -5.819  1.675   1.00 10.76 ?  49  ILE A CA  1 
ATOM   401  C C   . ILE A 1 70  ? 10.843  -4.524  0.879   1.00 12.76 ?  49  ILE A C   1 
ATOM   402  O O   . ILE A 1 70  ? 10.941  -3.432  1.451   1.00 13.78 ?  49  ILE A O   1 
ATOM   403  C CB  . ILE A 1 70  ? 9.585   -6.071  2.423   1.00 12.04 ?  49  ILE A CB  1 
ATOM   404  C CG1 . ILE A 1 70  ? 9.693   -7.342  3.272   1.00 15.58 ?  49  ILE A CG1 1 
ATOM   405  C CG2 . ILE A 1 70  ? 8.432   -6.139  1.439   1.00 12.73 ?  49  ILE A CG2 1 
ATOM   406  C CD1 . ILE A 1 70  ? 8.498   -7.591  4.181   1.00 21.27 ?  49  ILE A CD1 1 
ATOM   407  N N   . THR A 1 71  ? 10.697  -4.636  -0.434  1.00 12.17 ?  50  THR A N   1 
ATOM   408  C CA  . THR A 1 71  ? 10.564  -3.468  -1.292  1.00 13.07 ?  50  THR A CA  1 
ATOM   409  C C   . THR A 1 71  ? 9.214   -3.533  -1.988  1.00 11.50 ?  50  THR A C   1 
ATOM   410  O O   . THR A 1 71  ? 8.862   -4.571  -2.569  1.00 13.27 ?  50  THR A O   1 
ATOM   411  C CB  . THR A 1 71  ? 11.700  -3.402  -2.322  1.00 13.75 ?  50  THR A CB  1 
ATOM   412  O OG1 . THR A 1 71  ? 12.956  -3.225  -1.641  1.00 16.42 ?  50  THR A OG1 1 
ATOM   413  C CG2 . THR A 1 71  ? 11.490  -2.231  -3.273  1.00 17.04 ?  50  THR A CG2 1 
ATOM   414  N N   . ILE A 1 72  ? 8.444   -2.449  -1.888  1.00 12.16 ?  51  ILE A N   1 
ATOM   415  C CA  . ILE A 1 72  ? 7.186   -2.313  -2.616  1.00 11.67 ?  51  ILE A CA  1 
ATOM   416  C C   . ILE A 1 72  ? 7.313   -1.107  -3.536  1.00 13.29 ?  51  ILE A C   1 
ATOM   417  O O   . ILE A 1 72  ? 7.477   0.023   -3.065  1.00 14.41 ?  51  ILE A O   1 
ATOM   418  C CB  . ILE A 1 72  ? 5.971   -2.165  -1.687  1.00 11.97 ?  51  ILE A CB  1 
ATOM   419  C CG1 . ILE A 1 72  ? 5.878   -3.347  -0.724  1.00 13.32 ?  51  ILE A CG1 1 
ATOM   420  C CG2 . ILE A 1 72  ? 4.682   -2.062  -2.527  1.00 14.35 ?  51  ILE A CG2 1 
ATOM   421  C CD1 . ILE A 1 72  ? 4.770   -3.219  0.311   1.00 15.69 ?  51  ILE A CD1 1 
ATOM   422  N N   . LYS A 1 73  ? 7.262   -1.354  -4.840  1.00 12.20 ?  52  LYS A N   1 
ATOM   423  C CA  . LYS A 1 73  ? 7.264   -0.300  -5.840  1.00 13.94 ?  52  LYS A CA  1 
ATOM   424  C C   . LYS A 1 73  ? 5.877   -0.197  -6.451  1.00 14.65 ?  52  LYS A C   1 
ATOM   425  O O   . LYS A 1 73  ? 5.187   -1.206  -6.637  1.00 15.17 ?  52  LYS A O   1 
ATOM   426  C CB  . LYS A 1 73  ? 8.281   -0.575  -6.949  1.00 16.44 ?  52  LYS A CB  1 
ATOM   427  C CG  . LYS A 1 73  ? 9.711   -0.781  -6.487  1.00 23.49 ?  52  LYS A CG  1 
ATOM   428  C CD  . LYS A 1 73  ? 10.629  -0.984  -7.691  1.00 29.11 ?  52  LYS A CD  1 
ATOM   429  C CE  . LYS A 1 73  ? 12.071  -1.239  -7.251  1.00 31.57 ?  52  LYS A CE  1 
ATOM   430  N NZ  . LYS A 1 73  ? 13.010  -1.325  -8.412  1.00 35.75 ?  52  LYS A NZ  1 
ATOM   431  N N   . SER A 1 74  ? 5.463   1.020   -6.758  1.00 13.81 ?  53  SER A N   1 
ATOM   432  C CA  . SER A 1 74  ? 4.238   1.230   -7.501  1.00 13.77 ?  53  SER A CA  1 
ATOM   433  C C   . SER A 1 74  ? 4.560   2.080   -8.718  1.00 16.11 ?  53  SER A C   1 
ATOM   434  O O   . SER A 1 74  ? 5.318   3.048   -8.626  1.00 17.84 ?  53  SER A O   1 
ATOM   435  C CB  . SER A 1 74  ? 3.178   1.893   -6.633  1.00 17.13 ?  53  SER A CB  1 
ATOM   436  O OG  . SER A 1 74  ? 1.958   2.062   -7.346  1.00 21.88 ?  53  SER A OG  1 
ATOM   437  N N   . GLU A 1 75  ? 4.006   1.702   -9.862  1.00 14.83 ?  54  GLU A N   1 
ATOM   438  C CA  . GLU A 1 75  ? 4.211   2.457   -11.087 1.00 15.55 ?  54  GLU A CA  1 
ATOM   439  C C   . GLU A 1 75  ? 2.857   2.759   -11.690 1.00 15.88 ?  54  GLU A C   1 
ATOM   440  O O   . GLU A 1 75  ? 2.031   1.856   -11.835 1.00 16.19 ?  54  GLU A O   1 
ATOM   441  C CB  . GLU A 1 75  ? 5.070   1.680   -12.081 1.00 20.28 ?  54  GLU A CB  1 
ATOM   442  C CG  . GLU A 1 75  ? 6.505   1.498   -11.644 1.00 23.69 ?  54  GLU A CG  1 
ATOM   443  C CD  . GLU A 1 75  ? 7.307   0.774   -12.695 1.00 28.51 ?  54  GLU A CD  1 
ATOM   444  O OE1 . GLU A 1 75  ? 6.684   0.047   -13.500 1.00 31.74 ?  54  GLU A OE1 1 
ATOM   445  O OE2 . GLU A 1 75  ? 8.550   0.937   -12.716 1.00 36.41 ?  54  GLU A OE2 1 
ATOM   446  N N   . SER A 1 76  ? 2.626   4.018   -12.033 1.00 15.10 ?  55  SER A N   1 
ATOM   447  C CA  . SER A 1 76  ? 1.377   4.358   -12.701 1.00 16.79 ?  55  SER A CA  1 
ATOM   448  C C   . SER A 1 76  ? 1.584   5.643   -13.476 1.00 17.33 ?  55  SER A C   1 
ATOM   449  O O   . SER A 1 76  ? 2.642   6.274   -13.403 1.00 18.75 ?  55  SER A O   1 
ATOM   450  C CB  . SER A 1 76  ? 0.223   4.485   -11.705 1.00 19.59 ?  55  SER A CB  1 
ATOM   451  O OG  . SER A 1 76  ? 0.223   5.752   -11.079 1.00 17.51 ?  55  SER A OG  1 
ATOM   452  N N   . THR A 1 77  ? 0.551   6.031   -14.224 1.00 18.76 ?  56  THR A N   1 
ATOM   453  C CA  . THR A 1 77  ? 0.594   7.312   -14.906 1.00 20.22 ?  56  THR A CA  1 
ATOM   454  C C   . THR A 1 77  ? 0.575   8.476   -13.933 1.00 21.07 ?  56  THR A C   1 
ATOM   455  O O   . THR A 1 77  ? 0.925   9.594   -14.324 1.00 24.12 ?  56  THR A O   1 
ATOM   456  C CB  . THR A 1 77  ? -0.588  7.442   -15.865 1.00 20.23 ?  56  THR A CB  1 
ATOM   457  O OG1 . THR A 1 77  ? -1.806  7.246   -15.138 1.00 23.17 ?  56  THR A OG1 1 
ATOM   458  C CG2 . THR A 1 77  ? -0.491  6.409   -16.969 1.00 18.30 ?  56  THR A CG2 1 
ATOM   459  N N   . PHE A 1 78  ? 0.168   8.240   -12.684 1.00 17.22 ?  57  PHE A N   1 
ATOM   460  C CA  . PHE A 1 78  ? 0.079   9.312   -11.698 1.00 19.02 ?  57  PHE A CA  1 
ATOM   461  C C   . PHE A 1 78  ? 1.433   9.551   -11.043 1.00 22.29 ?  57  PHE A C   1 
ATOM   462  O O   . PHE A 1 78  ? 1.976   10.659  -11.095 1.00 24.85 ?  57  PHE A O   1 
ATOM   463  C CB  . PHE A 1 78  ? -0.983  8.969   -10.647 1.00 17.53 ?  57  PHE A CB  1 
ATOM   464  C CG  . PHE A 1 78  ? -0.992  9.895   -9.463  1.00 19.18 ?  57  PHE A CG  1 
ATOM   465  C CD1 . PHE A 1 78  ? -1.053  11.270  -9.641  1.00 21.18 ?  57  PHE A CD1 1 
ATOM   466  C CD2 . PHE A 1 78  ? -0.944  9.390   -8.174  1.00 20.52 ?  57  PHE A CD2 1 
ATOM   467  C CE1 . PHE A 1 78  ? -1.061  12.133  -8.542  1.00 24.21 ?  57  PHE A CE1 1 
ATOM   468  C CE2 . PHE A 1 78  ? -0.948  10.243  -7.073  1.00 23.09 ?  57  PHE A CE2 1 
ATOM   469  C CZ  . PHE A 1 78  ? -1.008  11.615  -7.258  1.00 20.88 ?  57  PHE A CZ  1 
ATOM   470  N N   . LYS A 1 79  ? 2.001   8.510   -10.441 1.00 21.47 ?  58  LYS A N   1 
ATOM   471  C CA  . LYS A 1 79  ? 3.263   8.629   -9.726  1.00 21.03 ?  58  LYS A CA  1 
ATOM   472  C C   . LYS A 1 79  ? 3.963   7.282   -9.743  1.00 21.32 ?  58  LYS A C   1 
ATOM   473  O O   . LYS A 1 79  ? 3.321   6.227   -9.834  1.00 21.16 ?  58  LYS A O   1 
ATOM   474  C CB  . LYS A 1 79  ? 3.067   9.068   -8.265  1.00 23.23 ?  58  LYS A CB  1 
ATOM   475  C CG  . LYS A 1 79  ? 2.616   10.493  -8.056  1.00 28.73 ?  58  LYS A CG  1 
ATOM   476  C CD  . LYS A 1 79  ? 3.768   11.475  -8.186  1.00 32.73 ?  58  LYS A CD  1 
ATOM   477  C CE  . LYS A 1 79  ? 3.248   12.908  -8.151  1.00 35.54 ?  58  LYS A CE  1 
ATOM   478  N NZ  . LYS A 1 79  ? 4.303   13.907  -8.492  1.00 43.78 ?  58  LYS A NZ  1 
ATOM   479  N N   . ASN A 1 80  ? 5.285   7.323   -9.662  1.00 17.38 ?  59  ASN A N   1 
ATOM   480  C CA  . ASN A 1 80  ? 6.079   6.141   -9.365  1.00 18.07 ?  59  ASN A CA  1 
ATOM   481  C C   . ASN A 1 80  ? 6.618   6.294   -7.951  1.00 21.63 ?  59  ASN A C   1 
ATOM   482  O O   . ASN A 1 80  ? 7.081   7.376   -7.570  1.00 24.09 ?  59  ASN A O   1 
ATOM   483  C CB  . ASN A 1 80  ? 7.221   5.960   -10.369 1.00 20.49 ?  59  ASN A CB  1 
ATOM   484  C CG  . ASN A 1 80  ? 6.727   5.768   -11.795 1.00 23.95 ?  59  ASN A CG  1 
ATOM   485  O OD1 . ASN A 1 80  ? 5.644   5.235   -12.029 1.00 20.45 ?  59  ASN A OD1 1 
ATOM   486  N ND2 . ASN A 1 80  ? 7.523   6.218   -12.756 1.00 30.90 ?  59  ASN A ND2 1 
ATOM   487  N N   . THR A 1 81  ? 6.499   5.239   -7.157  1.00 15.38 ?  60  THR A N   1 
ATOM   488  C CA  . THR A 1 81  ? 6.921   5.281   -5.764  1.00 15.07 ?  60  THR A CA  1 
ATOM   489  C C   . THR A 1 81  ? 7.672   4.001   -5.443  1.00 14.17 ?  60  THR A C   1 
ATOM   490  O O   . THR A 1 81  ? 7.510   2.973   -6.102  1.00 15.20 ?  60  THR A O   1 
ATOM   491  C CB  . THR A 1 81  ? 5.739   5.422   -4.788  1.00 15.10 ?  60  THR A CB  1 
ATOM   492  O OG1 . THR A 1 81  ? 4.932   4.236   -4.843  1.00 16.74 ?  60  THR A OG1 1 
ATOM   493  C CG2 . THR A 1 81  ? 4.873   6.642   -5.113  1.00 19.26 ?  60  THR A CG2 1 
ATOM   494  N N   . GLU A 1 82  ? 8.502   4.075   -4.408  1.00 15.31 ?  61  GLU A N   1 
ATOM   495  C CA  . GLU A 1 82  ? 9.205   2.899   -3.918  1.00 16.33 ?  61  GLU A CA  1 
ATOM   496  C C   . GLU A 1 82  ? 9.434   3.071   -2.430  1.00 16.65 ?  61  GLU A C   1 
ATOM   497  O O   . GLU A 1 82  ? 9.884   4.137   -1.994  1.00 17.74 ?  61  GLU A O   1 
ATOM   498  C CB  . GLU A 1 82  ? 10.539  2.710   -4.645  1.00 20.68 ?  61  GLU A CB  1 
ATOM   499  C CG  . GLU A 1 82  ? 11.447  1.682   -4.016  1.00 24.63 ?  61  GLU A CG  1 
ATOM   500  C CD  . GLU A 1 82  ? 12.776  1.564   -4.746  1.00 32.96 ?  61  GLU A CD  1 
ATOM   501  O OE1 . GLU A 1 82  ? 13.741  1.030   -4.152  1.00 37.81 ?  61  GLU A OE1 1 
ATOM   502  O OE2 . GLU A 1 82  ? 12.851  2.011   -5.913  1.00 34.58 ?  61  GLU A OE2 1 
ATOM   503  N N   . ILE A 1 83  ? 9.099   2.045   -1.652  1.00 13.70 ?  62  ILE A N   1 
ATOM   504  C CA  . ILE A 1 83  ? 9.477   1.989   -0.243  1.00 13.25 ?  62  ILE A CA  1 
ATOM   505  C C   . ILE A 1 83  ? 10.230  0.688   -0.007  1.00 12.23 ?  62  ILE A C   1 
ATOM   506  O O   . ILE A 1 83  ? 9.863   -0.360  -0.550  1.00 14.13 ?  62  ILE A O   1 
ATOM   507  C CB  . ILE A 1 83  ? 8.267   2.100   0.713   1.00 13.25 ?  62  ILE A CB  1 
ATOM   508  C CG1 . ILE A 1 83  ? 7.238   0.999   0.458   1.00 15.02 ?  62  ILE A CG1 1 
ATOM   509  C CG2 . ILE A 1 83  ? 7.613   3.482   0.613   1.00 17.13 ?  62  ILE A CG2 1 
ATOM   510  C CD1 . ILE A 1 83  ? 6.121   0.970   1.485   1.00 17.16 ?  62  ILE A CD1 1 
ATOM   511  N N   . SER A 1 84  ? 11.285  0.759   0.800   1.00 12.09 ?  63  SER A N   1 
ATOM   512  C CA  . SER A 1 84  ? 11.967  -0.425  1.294   1.00 13.38 ?  63  SER A CA  1 
ATOM   513  C C   . SER A 1 84  ? 11.974  -0.355  2.813   1.00 13.51 ?  63  SER A C   1 
ATOM   514  O O   . SER A 1 84  ? 12.118  0.727   3.389   1.00 14.23 ?  63  SER A O   1 
ATOM   515  C CB  . SER A 1 84  ? 13.399  -0.517  0.760   1.00 15.59 ?  63  SER A CB  1 
ATOM   516  O OG  . SER A 1 84  ? 13.383  -0.699  -0.642  1.00 16.49 ?  63  SER A OG  1 
ATOM   517  N N   . PHE A 1 85  ? 11.774  -1.498  3.460   1.00 11.43 ?  64  PHE A N   1 
ATOM   518  C CA  . PHE A 1 85  ? 11.588  -1.465  4.902   1.00 11.05 ?  64  PHE A CA  1 
ATOM   519  C C   . PHE A 1 85  ? 11.891  -2.832  5.488   1.00 11.00 ?  64  PHE A C   1 
ATOM   520  O O   . PHE A 1 85  ? 11.930  -3.846  4.782   1.00 12.10 ?  64  PHE A O   1 
ATOM   521  C CB  . PHE A 1 85  ? 10.160  -1.039  5.267   1.00 12.81 ?  64  PHE A CB  1 
ATOM   522  C CG  . PHE A 1 85  ? 9.092   -1.910  4.646   1.00 12.58 ?  64  PHE A CG  1 
ATOM   523  C CD1 . PHE A 1 85  ? 8.594   -1.634  3.372   1.00 12.77 ?  64  PHE A CD1 1 
ATOM   524  C CD2 . PHE A 1 85  ? 8.594   -3.010  5.332   1.00 14.06 ?  64  PHE A CD2 1 
ATOM   525  C CE1 . PHE A 1 85  ? 7.618   -2.442  2.799   1.00 12.24 ?  64  PHE A CE1 1 
ATOM   526  C CE2 . PHE A 1 85  ? 7.612   -3.825  4.765   1.00 12.81 ?  64  PHE A CE2 1 
ATOM   527  C CZ  . PHE A 1 85  ? 7.123   -3.544  3.502   1.00 12.61 ?  64  PHE A CZ  1 
ATOM   528  N N   . ILE A 1 86  ? 12.105  -2.827  6.800   1.00 12.74 ?  65  ILE A N   1 
ATOM   529  C CA  . ILE A 1 86  ? 12.249  -4.025  7.614   1.00 12.54 ?  65  ILE A CA  1 
ATOM   530  C C   . ILE A 1 86  ? 11.031  -4.074  8.526   1.00 11.27 ?  65  ILE A C   1 
ATOM   531  O O   . ILE A 1 86  ? 10.606  -3.040  9.056   1.00 13.16 ?  65  ILE A O   1 
ATOM   532  C CB  . ILE A 1 86  ? 13.571  -3.990  8.406   1.00 14.32 ?  65  ILE A CB  1 
ATOM   533  C CG1 . ILE A 1 86  ? 14.754  -3.957  7.422   1.00 15.84 ?  65  ILE A CG1 1 
ATOM   534  C CG2 . ILE A 1 86  ? 13.658  -5.171  9.365   1.00 15.25 ?  65  ILE A CG2 1 
ATOM   535  C CD1 . ILE A 1 86  ? 16.111  -3.769  8.072   1.00 16.69 ?  65  ILE A CD1 1 
ATOM   536  N N   . LEU A 1 87  ? 10.432  -5.254  8.666   1.00 12.97 ?  66  LEU A N   1 
ATOM   537  C CA  . LEU A 1 87  ? 9.230   -5.359  9.485   1.00 13.45 ?  66  LEU A CA  1 
ATOM   538  C C   . LEU A 1 87  ? 9.494   -4.857  10.900  1.00 13.77 ?  66  LEU A C   1 
ATOM   539  O O   . LEU A 1 87  ? 10.539  -5.140  11.498  1.00 15.53 ?  66  LEU A O   1 
ATOM   540  C CB  . LEU A 1 87  ? 8.721   -6.803  9.515   1.00 14.42 ?  66  LEU A CB  1 
ATOM   541  C CG  . LEU A 1 87  ? 8.272   -7.364  8.160   1.00 16.67 ?  66  LEU A CG  1 
ATOM   542  C CD1 . LEU A 1 87  ? 8.050   -8.866  8.240   1.00 16.50 ?  66  LEU A CD1 1 
ATOM   543  C CD2 . LEU A 1 87  ? 7.016   -6.648  7.660   1.00 15.53 ?  66  LEU A CD2 1 
ATOM   544  N N   . GLY A 1 88  ? 8.560   -4.057  11.412  1.00 13.07 ?  67  GLY A N   1 
ATOM   545  C CA  . GLY A 1 88  ? 8.621   -3.547  12.762  1.00 12.35 ?  67  GLY A CA  1 
ATOM   546  C C   . GLY A 1 88  ? 9.493   -2.327  12.953  1.00 14.19 ?  67  GLY A C   1 
ATOM   547  O O   . GLY A 1 88  ? 9.577   -1.819  14.081  1.00 15.47 ?  67  GLY A O   1 
ATOM   548  N N   . GLN A 1 89  ? 10.120  -1.818  11.891  1.00 12.99 ?  68  GLN A N   1 
ATOM   549  C CA  . GLN A 1 89  ? 11.086  -0.728  11.987  1.00 13.17 ?  68  GLN A CA  1 
ATOM   550  C C   . GLN A 1 89  ? 10.556  0.488   11.238  1.00 14.15 ?  68  GLN A C   1 
ATOM   551  O O   . GLN A 1 89  ? 10.428  0.458   10.008  1.00 13.57 ?  68  GLN A O   1 
ATOM   552  C CB  . GLN A 1 89  ? 12.445  -1.163  11.437  1.00 13.62 ?  68  GLN A CB  1 
ATOM   553  C CG  . GLN A 1 89  ? 12.939  -2.424  12.133  1.00 13.91 ?  68  GLN A CG  1 
ATOM   554  C CD  . GLN A 1 89  ? 14.422  -2.661  11.969  1.00 17.95 ?  68  GLN A CD  1 
ATOM   555  O OE1 . GLN A 1 89  ? 15.114  -1.918  11.281  1.00 20.81 ?  68  GLN A OE1 1 
ATOM   556  N NE2 . GLN A 1 89  ? 14.920  -3.689  12.633  1.00 21.52 ?  68  GLN A NE2 1 
ATOM   557  N N   . GLU A 1 90  ? 10.289  1.558   11.984  1.00 14.31 ?  69  GLU A N   1 
ATOM   558  C CA  . GLU A 1 90  ? 9.694   2.767   11.421  1.00 12.61 ?  69  GLU A CA  1 
ATOM   559  C C   . GLU A 1 90  ? 10.593  3.393   10.354  1.00 12.60 ?  69  GLU A C   1 
ATOM   560  O O   . GLU A 1 90  ? 11.826  3.393   10.470  1.00 15.04 ?  69  GLU A O   1 
ATOM   561  C CB  . GLU A 1 90  ? 9.423   3.774   12.549  1.00 15.46 ?  69  GLU A CB  1 
ATOM   562  C CG  . GLU A 1 90  ? 8.728   5.062   12.092  1.00 16.19 ?  69  GLU A CG  1 
ATOM   563  C CD  . GLU A 1 90  ? 8.343   5.977   13.247  1.00 24.23 ?  69  GLU A CD  1 
ATOM   564  O OE1 . GLU A 1 90  ? 7.126   6.211   13.443  1.00 24.82 ?  69  GLU A OE1 1 
ATOM   565  O OE2 . GLU A 1 90  ? 9.253   6.460   13.951  1.00 26.80 ?  69  GLU A OE2 1 
ATOM   566  N N   . PHE A 1 91  ? 9.961   3.967   9.323   1.00 11.97 ?  70  PHE A N   1 
ATOM   567  C CA  . PHE A 1 91  ? 10.686  4.645   8.260   1.00 12.90 ?  70  PHE A CA  1 
ATOM   568  C C   . PHE A 1 91  ? 9.913   5.877   7.803   1.00 14.38 ?  70  PHE A C   1 
ATOM   569  O O   . PHE A 1 91  ? 8.734   6.052   8.109   1.00 14.65 ?  70  PHE A O   1 
ATOM   570  C CB  . PHE A 1 91  ? 10.971  3.719   7.064   1.00 13.43 ?  70  PHE A CB  1 
ATOM   571  C CG  . PHE A 1 91  ? 9.738   3.107   6.430   1.00 13.65 ?  70  PHE A CG  1 
ATOM   572  C CD1 . PHE A 1 91  ? 9.140   1.989   6.986   1.00 14.53 ?  70  PHE A CD1 1 
ATOM   573  C CD2 . PHE A 1 91  ? 9.197   3.640   5.266   1.00 16.57 ?  70  PHE A CD2 1 
ATOM   574  C CE1 . PHE A 1 91  ? 8.013   1.415   6.413   1.00 14.49 ?  70  PHE A CE1 1 
ATOM   575  C CE2 . PHE A 1 91  ? 8.073   3.053   4.671   1.00 14.37 ?  70  PHE A CE2 1 
ATOM   576  C CZ  . PHE A 1 91  ? 7.482   1.933   5.254   1.00 14.17 ?  70  PHE A CZ  1 
ATOM   577  N N   . ASP A 1 92  ? 10.619  6.748   7.081   1.00 14.85 ?  71  ASP A N   1 
ATOM   578  C CA  . ASP A 1 92  ? 10.029  7.929   6.465   1.00 16.53 ?  71  ASP A CA  1 
ATOM   579  C C   . ASP A 1 92  ? 9.485   7.563   5.095   1.00 15.69 ?  71  ASP A C   1 
ATOM   580  O O   . ASP A 1 92  ? 10.178  6.923   4.298   1.00 19.28 ?  71  ASP A O   1 
ATOM   581  C CB  . ASP A 1 92  ? 11.070  9.036   6.304   1.00 19.09 ?  71  ASP A CB  1 
ATOM   582  C CG  . ASP A 1 92  ? 11.635  9.488   7.612   1.00 26.59 ?  71  ASP A CG  1 
ATOM   583  O OD1 . ASP A 1 92  ? 10.835  9.932   8.460   1.00 25.67 ?  71  ASP A OD1 1 
ATOM   584  O OD2 . ASP A 1 92  ? 12.879  9.399   7.784   1.00 24.52 ?  71  ASP A OD2 1 
ATOM   585  N N   . GLU A 1 93  ? 8.253   7.978   4.814   1.00 13.95 ?  72  GLU A N   1 
ATOM   586  C CA  . GLU A 1 93  ? 7.636   7.692   3.528   1.00 16.36 ?  72  GLU A CA  1 
ATOM   587  C C   . GLU A 1 93  ? 7.061   8.983   2.973   1.00 13.80 ?  72  GLU A C   1 
ATOM   588  O O   . GLU A 1 93  ? 6.401   9.727   3.698   1.00 16.80 ?  72  GLU A O   1 
ATOM   589  C CB  . GLU A 1 93  ? 6.524   6.628   3.652   1.00 14.44 ?  72  GLU A CB  1 
ATOM   590  C CG  . GLU A 1 93  ? 5.809   6.283   2.333   1.00 15.89 ?  72  GLU A CG  1 
ATOM   591  C CD  . GLU A 1 93  ? 4.670   5.277   2.496   1.00 15.97 ?  72  GLU A CD  1 
ATOM   592  O OE1 . GLU A 1 93  ? 4.276   4.976   3.648   1.00 16.86 ?  72  GLU A OE1 1 
ATOM   593  O OE2 . GLU A 1 93  ? 4.163   4.798   1.454   1.00 17.49 ?  72  GLU A OE2 1 
ATOM   594  N N   . VAL A 1 94  ? 7.323   9.253   1.699   1.00 16.56 ?  73  VAL A N   1 
ATOM   595  C CA  . VAL A 1 94  ? 6.603   10.298  0.978   1.00 16.59 ?  73  VAL A CA  1 
ATOM   596  C C   . VAL A 1 94  ? 5.604   9.580   0.084   1.00 16.05 ?  73  VAL A C   1 
ATOM   597  O O   . VAL A 1 94  ? 5.984   8.862   -0.845  1.00 18.06 ?  73  VAL A O   1 
ATOM   598  C CB  . VAL A 1 94  ? 7.535   11.212  0.172   1.00 20.42 ?  73  VAL A CB  1 
ATOM   599  C CG1 . VAL A 1 94  ? 6.714   12.293  -0.540  1.00 23.00 ?  73  VAL A CG1 1 
ATOM   600  C CG2 . VAL A 1 94  ? 8.574   11.847  1.080   1.00 23.89 ?  73  VAL A CG2 1 
ATOM   601  N N   . THR A 1 95  ? 4.322   9.737   0.393   1.00 14.52 ?  74  THR A N   1 
ATOM   602  C CA  . THR A 1 95  ? 3.286   8.977   -0.290  1.00 15.28 ?  74  THR A CA  1 
ATOM   603  C C   . THR A 1 95  ? 3.046   9.531   -1.695  1.00 15.83 ?  74  THR A C   1 
ATOM   604  O O   . THR A 1 95  ? 3.510   10.617  -2.055  1.00 16.40 ?  74  THR A O   1 
ATOM   605  C CB  . THR A 1 95  ? 1.993   9.003   0.521   1.00 14.64 ?  74  THR A CB  1 
ATOM   606  O OG1 . THR A 1 95  ? 1.505   10.348  0.585   1.00 14.50 ?  74  THR A OG1 1 
ATOM   607  C CG2 . THR A 1 95  ? 2.235   8.487   1.931   1.00 13.96 ?  74  THR A CG2 1 
ATOM   608  N N   . ALA A 1 96  ? 2.298   8.763   -2.497  1.00 16.75 ?  75  ALA A N   1 
ATOM   609  C CA  . ALA A 1 96  ? 2.003   9.177   -3.869  1.00 17.26 ?  75  ALA A CA  1 
ATOM   610  C C   . ALA A 1 96  ? 1.264   10.507  -3.914  1.00 20.13 ?  75  ALA A C   1 
ATOM   611  O O   . ALA A 1 96  ? 1.457   11.291  -4.853  1.00 19.76 ?  75  ALA A O   1 
ATOM   612  C CB  . ALA A 1 96  ? 1.182   8.106   -4.582  1.00 18.18 ?  75  ALA A CB  1 
ATOM   613  N N   . ASP A 1 97  ? 0.425   10.781  -2.919  1.00 17.54 ?  76  ASP A N   1 
ATOM   614  C CA  . ASP A 1 97  ? -0.286  12.051  -2.828  1.00 15.39 ?  76  ASP A CA  1 
ATOM   615  C C   . ASP A 1 97  ? 0.505   13.131  -2.086  1.00 20.23 ?  76  ASP A C   1 
ATOM   616  O O   . ASP A 1 97  ? -0.076  14.157  -1.715  1.00 22.08 ?  76  ASP A O   1 
ATOM   617  C CB  . ASP A 1 97  ? -1.649  11.843  -2.162  1.00 18.36 ?  76  ASP A CB  1 
ATOM   618  C CG  . ASP A 1 97  ? -1.537  11.279  -0.766  1.00 16.91 ?  76  ASP A CG  1 
ATOM   619  O OD1 . ASP A 1 97  ? -0.879  10.219  -0.597  1.00 15.21 ?  76  ASP A OD1 1 
ATOM   620  O OD2 . ASP A 1 97  ? -2.104  11.904  0.158   1.00 17.73 ?  76  ASP A OD2 1 
ATOM   621  N N   . ASP A 1 98  ? 1.802   12.903  -1.850  1.00 18.81 ?  77  ASP A N   1 
ATOM   622  C CA  . ASP A 1 98  ? 2.749   13.896  -1.332  1.00 22.17 ?  77  ASP A CA  1 
ATOM   623  C C   . ASP A 1 98  ? 2.532   14.214  0.144   1.00 21.24 ?  77  ASP A C   1 
ATOM   624  O O   . ASP A 1 98  ? 2.784   15.339  0.585   1.00 24.28 ?  77  ASP A O   1 
ATOM   625  C CB  . ASP A 1 98  ? 2.730   15.191  -2.155  1.00 23.96 ?  77  ASP A CB  1 
ATOM   626  C CG  . ASP A 1 98  ? 4.098   15.854  -2.223  1.00 37.44 ?  77  ASP A CG  1 
ATOM   627  O OD1 . ASP A 1 98  ? 5.104   15.127  -2.373  1.00 43.70 ?  77  ASP A OD1 1 
ATOM   628  O OD2 . ASP A 1 98  ? 4.171   17.099  -2.125  1.00 42.97 ?  77  ASP A OD2 1 
ATOM   629  N N   . ARG A 1 99  ? 2.073   13.247  0.930   1.00 16.73 ?  78  ARG A N   1 
ATOM   630  C CA  . ARG A 1 99  ? 2.195   13.354  2.378   1.00 16.13 ?  78  ARG A CA  1 
ATOM   631  C C   . ARG A 1 99  ? 3.571   12.859  2.808   1.00 15.95 ?  78  ARG A C   1 
ATOM   632  O O   . ARG A 1 99  ? 4.096   11.894  2.250   1.00 18.22 ?  78  ARG A O   1 
ATOM   633  C CB  . ARG A 1 99  ? 1.115   12.533  3.086   1.00 16.21 ?  78  ARG A CB  1 
ATOM   634  C CG  . ARG A 1 99  ? -0.296  13.124  3.033   1.00 15.22 ?  78  ARG A CG  1 
ATOM   635  C CD  . ARG A 1 99  ? -1.334  12.125  3.578   1.00 15.35 ?  78  ARG A CD  1 
ATOM   636  N NE  . ARG A 1 99  ? -1.444  10.986  2.673   1.00 14.73 ?  78  ARG A NE  1 
ATOM   637  C CZ  . ARG A 1 99  ? -1.392  9.697   3.024   1.00 14.78 ?  78  ARG A CZ  1 
ATOM   638  N NH1 . ARG A 1 99  ? -1.285  9.317   4.302   1.00 13.73 ?  78  ARG A NH1 1 
ATOM   639  N NH2 . ARG A 1 99  ? -1.465  8.779   2.071   1.00 15.99 ?  78  ARG A NH2 1 
ATOM   640  N N   . LYS A 1 100 ? 4.163   13.535  3.790   1.00 15.86 ?  79  LYS A N   1 
ATOM   641  C CA  . LYS A 1 100 ? 5.387   13.058  4.428   1.00 16.46 ?  79  LYS A CA  1 
ATOM   642  C C   . LYS A 1 100 ? 4.954   12.372  5.714   1.00 15.73 ?  79  LYS A C   1 
ATOM   643  O O   . LYS A 1 100 ? 4.467   13.027  6.640   1.00 17.07 ?  79  LYS A O   1 
ATOM   644  C CB  . LYS A 1 100 ? 6.362   14.204  4.691   1.00 18.11 ?  79  LYS A CB  1 
ATOM   645  C CG  . LYS A 1 100 ? 7.177   14.618  3.467   1.00 26.77 ?  79  LYS A CG  1 
ATOM   646  C CD  . LYS A 1 100 ? 6.381   15.527  2.532   1.00 35.03 ?  79  LYS A CD  1 
ATOM   647  C CE  . LYS A 1 100 ? 7.251   16.061  1.397   1.00 39.08 ?  79  LYS A CE  1 
ATOM   648  N NZ  . LYS A 1 100 ? 6.462   16.312  0.157   1.00 42.89 ?  79  LYS A NZ  1 
ATOM   649  N N   . VAL A 1 101 ? 5.078   11.045  5.757   1.00 14.92 ?  80  VAL A N   1 
ATOM   650  C CA  . VAL A 1 101 ? 4.503   10.278  6.850   1.00 14.27 ?  80  VAL A CA  1 
ATOM   651  C C   . VAL A 1 101 ? 5.586   9.446   7.520   1.00 13.97 ?  80  VAL A C   1 
ATOM   652  O O   . VAL A 1 101 ? 6.642   9.162   6.949   1.00 14.80 ?  80  VAL A O   1 
ATOM   653  C CB  . VAL A 1 101 ? 3.350   9.363   6.384   1.00 12.85 ?  80  VAL A CB  1 
ATOM   654  C CG1 . VAL A 1 101 ? 2.334   10.144  5.538   1.00 15.00 ?  80  VAL A CG1 1 
ATOM   655  C CG2 . VAL A 1 101 ? 3.894   8.192   5.590   1.00 12.04 ?  80  VAL A CG2 1 
ATOM   656  N N   . LYS A 1 102 ? 5.307   9.057   8.756   1.00 13.64 ?  81  LYS A N   1 
ATOM   657  C CA  . LYS A 1 102 ? 6.071   8.030   9.442   1.00 14.76 ?  81  LYS A CA  1 
ATOM   658  C C   . LYS A 1 102 ? 5.316   6.719   9.310   1.00 13.62 ?  81  LYS A C   1 
ATOM   659  O O   . LYS A 1 102 ? 4.137   6.645   9.666   1.00 14.73 ?  81  LYS A O   1 
ATOM   660  C CB  . LYS A 1 102 ? 6.271   8.376   10.914  1.00 15.63 ?  81  LYS A CB  1 
ATOM   661  C CG  . LYS A 1 102 ? 7.006   9.690   11.124  1.00 20.21 ?  81  LYS A CG  1 
ATOM   662  C CD  . LYS A 1 102 ? 8.489   9.538   10.873  1.00 20.23 ?  81  LYS A CD  1 
ATOM   663  C CE  . LYS A 1 102 ? 9.263   10.709  11.489  1.00 23.77 ?  81  LYS A CE  1 
ATOM   664  N NZ  . LYS A 1 102 ? 10.645  10.762  10.937  1.00 32.13 ?  81  LYS A NZ  1 
ATOM   665  N N   . SER A 1 103 ? 5.991   5.695   8.797   1.00 12.53 ?  82  SER A N   1 
ATOM   666  C CA  . SER A 1 103 ? 5.351   4.427   8.480   1.00 11.39 ?  82  SER A CA  1 
ATOM   667  C C   . SER A 1 103 ? 5.993   3.287   9.250   1.00 11.22 ?  82  SER A C   1 
ATOM   668  O O   . SER A 1 103 ? 7.212   3.241   9.404   1.00 12.87 ?  82  SER A O   1 
ATOM   669  C CB  . SER A 1 103 ? 5.449   4.125   6.995   1.00 13.54 ?  82  SER A CB  1 
ATOM   670  O OG  . SER A 1 103 ? 4.558   4.958   6.275   1.00 13.95 ?  82  SER A OG  1 
ATOM   671  N N   . THR A 1 104 ? 5.169   2.357   9.719   1.00 11.27 ?  83  THR A N   1 
ATOM   672  C CA  . THR A 1 104 ? 5.653   1.114   10.300  1.00 11.26 ?  83  THR A CA  1 
ATOM   673  C C   . THR A 1 104 ? 4.829   -0.017  9.721   1.00 12.22 ?  83  THR A C   1 
ATOM   674  O O   . THR A 1 104 ? 3.596   0.068   9.687   1.00 12.27 ?  83  THR A O   1 
ATOM   675  C CB  . THR A 1 104 ? 5.548   1.103   11.825  1.00 13.84 ?  83  THR A CB  1 
ATOM   676  O OG1 . THR A 1 104 ? 6.233   2.248   12.354  1.00 15.10 ?  83  THR A OG1 1 
ATOM   677  C CG2 . THR A 1 104 ? 6.166   -0.180  12.405  1.00 15.80 ?  83  THR A CG2 1 
ATOM   678  N N   . ILE A 1 105 ? 5.500   -1.065  9.257   1.00 11.42 ?  84  ILE A N   1 
ATOM   679  C CA  . ILE A 1 105 ? 4.823   -2.193  8.630   1.00 11.68 ?  84  ILE A CA  1 
ATOM   680  C C   . ILE A 1 105 ? 5.201   -3.448  9.397   1.00 11.78 ?  84  ILE A C   1 
ATOM   681  O O   . ILE A 1 105 ? 6.388   -3.696  9.642   1.00 12.65 ?  84  ILE A O   1 
ATOM   682  C CB  . ILE A 1 105 ? 5.179   -2.333  7.140   1.00 10.43 ?  84  ILE A CB  1 
ATOM   683  C CG1 . ILE A 1 105 ? 4.799   -1.058  6.386   1.00 12.16 ?  84  ILE A CG1 1 
ATOM   684  C CG2 . ILE A 1 105 ? 4.484   -3.569  6.534   1.00 12.70 ?  84  ILE A CG2 1 
ATOM   685  C CD1 . ILE A 1 105 ? 5.110   -1.088  4.906   1.00 13.29 ?  84  ILE A CD1 1 
ATOM   686  N N   . THR A 1 106 ? 4.196   -4.226  9.787   1.00 12.06 ?  85  THR A N   1 
ATOM   687  C CA  . THR A 1 106 ? 4.404   -5.473  10.500  1.00 13.41 ?  85  THR A CA  1 
ATOM   688  C C   . THR A 1 106 ? 3.656   -6.584  9.779   1.00 14.35 ?  85  THR A C   1 
ATOM   689  O O   . THR A 1 106 ? 2.831   -6.338  8.900   1.00 13.96 ?  85  THR A O   1 
ATOM   690  C CB  . THR A 1 106 ? 3.938   -5.362  11.959  1.00 15.79 ?  85  THR A CB  1 
ATOM   691  O OG1 . THR A 1 106 ? 2.578   -4.920  11.993  1.00 19.39 ?  85  THR A OG1 1 
ATOM   692  C CG2 . THR A 1 106 ? 4.807   -4.353  12.726  1.00 17.09 ?  85  THR A CG2 1 
ATOM   693  N N   . LEU A 1 107 ? 3.961   -7.823  10.147  1.00 15.65 ?  86  LEU A N   1 
ATOM   694  C CA  . LEU A 1 107 ? 3.265   -8.995  9.640   1.00 16.44 ?  86  LEU A CA  1 
ATOM   695  C C   . LEU A 1 107 ? 2.419   -9.551  10.773  1.00 21.19 ?  86  LEU A C   1 
ATOM   696  O O   . LEU A 1 107 ? 2.955   -9.916  11.825  1.00 24.70 ?  86  LEU A O   1 
ATOM   697  C CB  . LEU A 1 107 ? 4.252   -10.053 9.145   1.00 20.24 ?  86  LEU A CB  1 
ATOM   698  C CG  . LEU A 1 107 ? 4.441   -10.300 7.652   1.00 26.31 ?  86  LEU A CG  1 
ATOM   699  C CD1 . LEU A 1 107 ? 5.368   -11.492 7.468   1.00 22.99 ?  86  LEU A CD1 1 
ATOM   700  C CD2 . LEU A 1 107 ? 3.119   -10.520 6.927   1.00 20.65 ?  86  LEU A CD2 1 
ATOM   701  N N   . ASP A 1 108 ? 1.111   -9.618  10.557  1.00 17.28 ?  87  ASP A N   1 
ATOM   702  C CA  . ASP A 1 108 ? 0.166   -10.154 11.535  1.00 21.57 ?  87  ASP A CA  1 
ATOM   703  C C   . ASP A 1 108 ? -0.600  -11.290 10.866  1.00 18.87 ?  87  ASP A C   1 
ATOM   704  O O   . ASP A 1 108 ? -1.494  -11.051 10.050  1.00 18.26 ?  87  ASP A O   1 
ATOM   705  C CB  . ASP A 1 108 ? -0.781  -9.073  12.042  1.00 24.47 ?  87  ASP A CB  1 
ATOM   706  C CG  . ASP A 1 108 ? -1.935  -9.640  12.859  1.00 32.79 ?  87  ASP A CG  1 
ATOM   707  O OD1 . ASP A 1 108 ? -1.731  -10.653 13.571  1.00 31.55 ?  87  ASP A OD1 1 
ATOM   708  O OD2 . ASP A 1 108 ? -3.050  -9.073  12.781  1.00 36.05 ?  87  ASP A OD2 1 
ATOM   709  N N   . GLY A 1 109 ? -0.253  -12.524 11.221  1.00 18.26 ?  88  GLY A N   1 
ATOM   710  C CA  . GLY A 1 109 ? -0.940  -13.683 10.675  1.00 21.56 ?  88  GLY A CA  1 
ATOM   711  C C   . GLY A 1 109 ? -1.069  -13.662 9.166   1.00 21.79 ?  88  GLY A C   1 
ATOM   712  O O   . GLY A 1 109 ? -2.166  -13.843 8.627   1.00 23.01 ?  88  GLY A O   1 
ATOM   713  N N   . GLY A 1 110 ? 0.043   -13.427 8.474   1.00 21.33 ?  89  GLY A N   1 
ATOM   714  C CA  . GLY A 1 110 ? 0.053   -13.429 7.028   1.00 17.76 ?  89  GLY A CA  1 
ATOM   715  C C   . GLY A 1 110 ? -0.312  -12.110 6.377   1.00 17.91 ?  89  GLY A C   1 
ATOM   716  O O   . GLY A 1 110 ? -0.208  -11.992 5.147   1.00 18.38 ?  89  GLY A O   1 
ATOM   717  N N   . VAL A 1 111 ? -0.727  -11.114 7.153   1.00 13.97 ?  90  VAL A N   1 
ATOM   718  C CA  . VAL A 1 111 ? -1.213  -9.849  6.618   1.00 14.39 ?  90  VAL A CA  1 
ATOM   719  C C   . VAL A 1 111 ? -0.169  -8.779  6.892   1.00 13.63 ?  90  VAL A C   1 
ATOM   720  O O   . VAL A 1 111 ? 0.282   -8.626  8.033   1.00 14.42 ?  90  VAL A O   1 
ATOM   721  C CB  . VAL A 1 111 ? -2.559  -9.461  7.247   1.00 13.19 ?  90  VAL A CB  1 
ATOM   722  C CG1 . VAL A 1 111 ? -3.014  -8.091  6.731   1.00 15.46 ?  90  VAL A CG1 1 
ATOM   723  C CG2 . VAL A 1 111 ? -3.596  -10.541 6.975   1.00 18.60 ?  90  VAL A CG2 1 
ATOM   724  N N   . LEU A 1 112 ? 0.231   -8.050  5.851   1.00 12.50 ?  91  LEU A N   1 
ATOM   725  C CA  . LEU A 1 112 ? 1.098   -6.895  6.043   1.00 12.14 ?  91  LEU A CA  1 
ATOM   726  C C   . LEU A 1 112 ? 0.239   -5.747  6.543   1.00 12.07 ?  91  LEU A C   1 
ATOM   727  O O   . LEU A 1 112 ? -0.736  -5.362  5.885   1.00 12.17 ?  91  LEU A O   1 
ATOM   728  C CB  . LEU A 1 112 ? 1.808   -6.508  4.749   1.00 14.68 ?  91  LEU A CB  1 
ATOM   729  C CG  . LEU A 1 112 ? 2.957   -7.407  4.295   1.00 14.04 ?  91  LEU A CG  1 
ATOM   730  C CD1 . LEU A 1 112 ? 3.358   -7.025  2.874   1.00 16.59 ?  91  LEU A CD1 1 
ATOM   731  C CD2 . LEU A 1 112 ? 4.151   -7.299  5.231   1.00 15.51 ?  91  LEU A CD2 1 
ATOM   732  N N   . VAL A 1 113 ? 0.567   -5.230  7.719   1.00 12.80 ?  92  VAL A N   1 
ATOM   733  C CA  . VAL A 1 113 ? -0.192  -4.158  8.349   1.00 11.98 ?  92  VAL A CA  1 
ATOM   734  C C   . VAL A 1 113 ? 0.691   -2.922  8.357   1.00 11.80 ?  92  VAL A C   1 
ATOM   735  O O   . VAL A 1 113 ? 1.756   -2.915  8.988   1.00 13.16 ?  92  VAL A O   1 
ATOM   736  C CB  . VAL A 1 113 ? -0.642  -4.537  9.770   1.00 11.59 ?  92  VAL A CB  1 
ATOM   737  C CG1 . VAL A 1 113 ? -1.393  -3.396  10.413  1.00 13.48 ?  92  VAL A CG1 1 
ATOM   738  C CG2 . VAL A 1 113 ? -1.500  -5.813  9.721   1.00 15.00 ?  92  VAL A CG2 1 
ATOM   739  N N   . HIS A 1 114 ? 0.240   -1.874  7.676   1.00 11.78 ?  93  HIS A N   1 
ATOM   740  C CA  . HIS A 1 114 ? 1.031   -0.677  7.401   1.00 11.62 ?  93  HIS A CA  1 
ATOM   741  C C   . HIS A 1 114 ? 0.308   0.517   8.010   1.00 13.72 ?  93  HIS A C   1 
ATOM   742  O O   . HIS A 1 114 ? -0.814  0.835   7.613   1.00 12.97 ?  93  HIS A O   1 
ATOM   743  C CB  . HIS A 1 114 ? 1.197   -0.528  5.884   1.00 12.95 ?  93  HIS A CB  1 
ATOM   744  C CG  . HIS A 1 114 ? 1.932   0.699   5.436   1.00 13.39 ?  93  HIS A CG  1 
ATOM   745  N ND1 . HIS A 1 114 ? 2.193   0.937   4.104   1.00 13.52 ?  93  HIS A ND1 1 
ATOM   746  C CD2 . HIS A 1 114 ? 2.468   1.740   6.119   1.00 14.96 ?  93  HIS A CD2 1 
ATOM   747  C CE1 . HIS A 1 114 ? 2.862   2.071   3.984   1.00 14.03 ?  93  HIS A CE1 1 
ATOM   748  N NE2 . HIS A 1 114 ? 3.031   2.587   5.190   1.00 14.01 ?  93  HIS A NE2 1 
ATOM   749  N N   . VAL A 1 115 ? 0.922   1.155   9.000   1.00 12.47 ?  94  VAL A N   1 
ATOM   750  C CA  . VAL A 1 115 ? 0.346   2.337   9.623   1.00 11.27 ?  94  VAL A CA  1 
ATOM   751  C C   . VAL A 1 115 ? 1.136   3.549   9.154   1.00 13.98 ?  94  VAL A C   1 
ATOM   752  O O   . VAL A 1 115 ? 2.369   3.554   9.238   1.00 12.85 ?  94  VAL A O   1 
ATOM   753  C CB  . VAL A 1 115 ? 0.353   2.230   11.158  1.00 14.32 ?  94  VAL A CB  1 
ATOM   754  C CG1 . VAL A 1 115 ? -0.310  3.459   11.782  1.00 19.26 ?  94  VAL A CG1 1 
ATOM   755  C CG2 . VAL A 1 115 ? -0.344  0.944   11.601  1.00 19.45 ?  94  VAL A CG2 1 
ATOM   756  N N   . GLN A 1 116 ? 0.434   4.563   8.644   1.00 12.11 ?  95  GLN A N   1 
ATOM   757  C CA  . GLN A 1 116 ? 1.027   5.848   8.286   1.00 11.20 ?  95  GLN A CA  1 
ATOM   758  C C   . GLN A 1 116 ? 0.553   6.903   9.275   1.00 13.69 ?  95  GLN A C   1 
ATOM   759  O O   . GLN A 1 116 ? -0.648  6.995   9.553   1.00 14.89 ?  95  GLN A O   1 
ATOM   760  C CB  . GLN A 1 116 ? 0.639   6.279   6.872   1.00 13.67 ?  95  GLN A CB  1 
ATOM   761  C CG  . GLN A 1 116 ? 1.140   5.372   5.755   1.00 12.89 ?  95  GLN A CG  1 
ATOM   762  C CD  . GLN A 1 116 ? 0.552   5.775   4.418   1.00 12.38 ?  95  GLN A CD  1 
ATOM   763  O OE1 . GLN A 1 116 ? -0.511  6.393   4.362   1.00 13.41 ?  95  GLN A OE1 1 
ATOM   764  N NE2 . GLN A 1 116 ? 1.240   5.443   3.338   1.00 13.89 ?  95  GLN A NE2 1 
ATOM   765  N N   . LYS A 1 117 ? 1.487   7.713   9.778   1.00 13.93 ?  96  LYS A N   1 
ATOM   766  C CA  . LYS A 1 117 ? 1.179   8.756   10.747  1.00 15.36 ?  96  LYS A CA  1 
ATOM   767  C C   . LYS A 1 117 ? 1.722   10.087  10.254  1.00 15.70 ?  96  LYS A C   1 
ATOM   768  O O   . LYS A 1 117 ? 2.878   10.165  9.827   1.00 16.24 ?  96  LYS A O   1 
ATOM   769  C CB  . LYS A 1 117 ? 1.779   8.427   12.112  1.00 19.41 ?  96  LYS A CB  1 
ATOM   770  C CG  . LYS A 1 117 ? 1.128   7.211   12.741  1.00 26.91 ?  96  LYS A CG  1 
ATOM   771  C CD  . LYS A 1 117 ? 1.450   7.096   14.210  1.00 34.09 ?  96  LYS A CD  1 
ATOM   772  C CE  . LYS A 1 117 ? 0.648   5.964   14.828  1.00 35.26 ?  96  LYS A CE  1 
ATOM   773  N NZ  . LYS A 1 117 ? -0.791  6.317   15.000  1.00 38.30 ?  96  LYS A NZ  1 
ATOM   774  N N   . TRP A 1 118 ? 0.889   11.125  10.303  1.00 15.61 ?  97  TRP A N   1 
ATOM   775  C CA  . TRP A 1 118 ? 1.315   12.455  9.891   1.00 16.94 ?  97  TRP A CA  1 
ATOM   776  C C   . TRP A 1 118 ? 0.329   13.473  10.443  1.00 21.50 ?  97  TRP A C   1 
ATOM   777  O O   . TRP A 1 118 ? -0.867  13.191  10.530  1.00 21.51 ?  97  TRP A O   1 
ATOM   778  C CB  . TRP A 1 118 ? 1.394   12.566  8.361   1.00 18.00 ?  97  TRP A CB  1 
ATOM   779  C CG  . TRP A 1 118 ? 0.045   12.706  7.722   1.00 17.27 ?  97  TRP A CG  1 
ATOM   780  C CD1 . TRP A 1 118 ? -0.488  13.845  7.186   1.00 18.96 ?  97  TRP A CD1 1 
ATOM   781  C CD2 . TRP A 1 118 ? -0.964  11.690  7.585   1.00 16.28 ?  97  TRP A CD2 1 
ATOM   782  N NE1 . TRP A 1 118 ? -1.751  13.600  6.708   1.00 19.03 ?  97  TRP A NE1 1 
ATOM   783  C CE2 . TRP A 1 118 ? -2.071  12.288  6.941   1.00 17.03 ?  97  TRP A CE2 1 
ATOM   784  C CE3 . TRP A 1 118 ? -1.034  10.335  7.928   1.00 15.54 ?  97  TRP A CE3 1 
ATOM   785  C CZ2 . TRP A 1 118 ? -3.237  11.585  6.641   1.00 17.62 ?  97  TRP A CZ2 1 
ATOM   786  C CZ3 . TRP A 1 118 ? -2.196  9.632   7.627   1.00 15.25 ?  97  TRP A CZ3 1 
ATOM   787  C CH2 . TRP A 1 118 ? -3.281  10.258  6.982   1.00 14.21 ?  97  TRP A CH2 1 
ATOM   788  N N   . ASP A 1 119 ? 0.838   14.647  10.831  1.00 24.85 ?  98  ASP A N   1 
ATOM   789  C CA  . ASP A 1 119 ? -0.019  15.783  11.200  1.00 24.71 ?  98  ASP A CA  1 
ATOM   790  C C   . ASP A 1 119 ? -1.080  15.389  12.227  1.00 24.42 ?  98  ASP A C   1 
ATOM   791  O O   . ASP A 1 119 ? -2.227  15.838  12.168  1.00 30.60 ?  98  ASP A O   1 
ATOM   792  C CB  . ASP A 1 119 ? -0.678  16.388  9.956   1.00 29.29 ?  98  ASP A CB  1 
ATOM   793  C CG  . ASP A 1 119 ? -1.141  17.822  10.170  1.00 40.63 ?  98  ASP A CG  1 
ATOM   794  O OD1 . ASP A 1 119 ? -2.125  18.233  9.512   1.00 45.78 ?  98  ASP A OD1 1 
ATOM   795  O OD2 . ASP A 1 119 ? -0.527  18.536  10.993  1.00 42.09 ?  98  ASP A OD2 1 
ATOM   796  N N   . GLY A 1 120 ? -0.705  14.526  13.166  1.00 24.00 ?  99  GLY A N   1 
ATOM   797  C CA  . GLY A 1 120 ? -1.651  14.047  14.160  1.00 23.81 ?  99  GLY A CA  1 
ATOM   798  C C   . GLY A 1 120 ? -2.716  13.095  13.654  1.00 27.89 ?  99  GLY A C   1 
ATOM   799  O O   . GLY A 1 120 ? -3.663  12.798  14.390  1.00 29.41 ?  99  GLY A O   1 
ATOM   800  N N   . LYS A 1 121 ? -2.600  12.615  12.423  1.00 22.19 ?  100 LYS A N   1 
ATOM   801  C CA  . LYS A 1 121 ? -3.543  11.671  11.844  1.00 18.78 ?  100 LYS A CA  1 
ATOM   802  C C   . LYS A 1 121 ? -2.871  10.320  11.657  1.00 16.97 ?  100 LYS A C   1 
ATOM   803  O O   . LYS A 1 121 ? -1.645  10.195  11.707  1.00 16.09 ?  100 LYS A O   1 
ATOM   804  C CB  . LYS A 1 121 ? -4.059  12.172  10.496  1.00 18.29 ?  100 LYS A CB  1 
ATOM   805  C CG  . LYS A 1 121 ? -4.888  13.438  10.569  1.00 23.63 ?  100 LYS A CG  1 
ATOM   806  C CD  . LYS A 1 121 ? -5.386  13.798  9.191   1.00 27.84 ?  100 LYS A CD  1 
ATOM   807  C CE  . LYS A 1 121 ? -4.539  14.882  8.577   1.00 33.58 ?  100 LYS A CE  1 
ATOM   808  N NZ  . LYS A 1 121 ? -4.876  16.198  9.186   1.00 37.99 ?  100 LYS A NZ  1 
ATOM   809  N N   . SER A 1 122 ? -3.692  9.301   11.413  1.00 16.03 ?  101 SER A N   1 
ATOM   810  C CA  . SER A 1 122 ? -3.121  8.002   11.100  1.00 14.47 ?  101 SER A CA  1 
ATOM   811  C C   . SER A 1 122 ? -4.093  7.224   10.225  1.00 16.26 ?  101 SER A C   1 
ATOM   812  O O   . SER A 1 122 ? -5.312  7.383   10.326  1.00 17.14 ?  101 SER A O   1 
ATOM   813  C CB  . SER A 1 122 ? -2.769  7.217   12.372  1.00 21.57 ?  101 SER A CB  1 
ATOM   814  O OG  . SER A 1 122 ? -3.835  6.397   12.810  1.00 33.21 ?  101 SER A OG  1 
ATOM   815  N N   . THR A 1 123 ? -3.535  6.404   9.337   1.00 13.22 ?  102 THR A N   1 
ATOM   816  C CA  . THR A 1 123 ? -4.334  5.519   8.505   1.00 13.17 ?  102 THR A CA  1 
ATOM   817  C C   . THR A 1 123 ? -3.645  4.165   8.477   1.00 13.25 ?  102 THR A C   1 
ATOM   818  O O   . THR A 1 123 ? -2.433  4.071   8.684   1.00 12.64 ?  102 THR A O   1 
ATOM   819  C CB  . THR A 1 123 ? -4.533  6.100   7.082   1.00 13.90 ?  102 THR A CB  1 
ATOM   820  O OG1 . THR A 1 123 ? -5.444  5.273   6.337   1.00 15.71 ?  102 THR A OG1 1 
ATOM   821  C CG2 . THR A 1 123 ? -3.223  6.197   6.318   1.00 13.42 ?  102 THR A CG2 1 
ATOM   822  N N   . THR A 1 124 ? -4.433  3.110   8.288   1.00 13.30 ?  103 THR A N   1 
ATOM   823  C CA  . THR A 1 124 ? -3.922  1.748   8.272   1.00 13.52 ?  103 THR A CA  1 
ATOM   824  C C   . THR A 1 124 ? -4.221  1.126   6.919   1.00 14.50 ?  103 THR A C   1 
ATOM   825  O O   . THR A 1 124 ? -5.350  1.215   6.423   1.00 14.70 ?  103 THR A O   1 
ATOM   826  C CB  . THR A 1 124 ? -4.530  0.909   9.398   1.00 15.54 ?  103 THR A CB  1 
ATOM   827  O OG1 . THR A 1 124 ? -4.201  1.515   10.652  1.00 19.02 ?  103 THR A OG1 1 
ATOM   828  C CG2 . THR A 1 124 ? -3.980  -0.512  9.369   1.00 19.04 ?  103 THR A CG2 1 
ATOM   829  N N   . ILE A 1 125 ? -3.202  0.522   6.322   1.00 13.08 ?  104 ILE A N   1 
ATOM   830  C CA  . ILE A 1 125 ? -3.289  -0.157  5.038   1.00 11.33 ?  104 ILE A CA  1 
ATOM   831  C C   . ILE A 1 125 ? -2.932  -1.614  5.288   1.00 11.42 ?  104 ILE A C   1 
ATOM   832  O O   . ILE A 1 125 ? -1.845  -1.907  5.799   1.00 12.48 ?  104 ILE A O   1 
ATOM   833  C CB  . ILE A 1 125 ? -2.331  0.454   4.002   1.00 11.95 ?  104 ILE A CB  1 
ATOM   834  C CG1 . ILE A 1 125 ? -2.594  1.945   3.816   1.00 14.38 ?  104 ILE A CG1 1 
ATOM   835  C CG2 . ILE A 1 125 ? -2.458  -0.252  2.667   1.00 13.63 ?  104 ILE A CG2 1 
ATOM   836  C CD1 . ILE A 1 125 ? -1.359  2.676   3.349   1.00 19.94 ?  104 ILE A CD1 1 
ATOM   837  N N   . LYS A 1 126 ? -3.839  -2.523  4.953   1.00 10.74 ?  105 LYS A N   1 
ATOM   838  C CA  . LYS A 1 126 ? -3.569  -3.947  5.075   1.00 11.50 ?  105 LYS A CA  1 
ATOM   839  C C   . LYS A 1 126 ? -3.447  -4.550  3.686   1.00 12.59 ?  105 LYS A C   1 
ATOM   840  O O   . LYS A 1 126 ? -4.229  -4.228  2.791   1.00 13.36 ?  105 LYS A O   1 
ATOM   841  C CB  . LYS A 1 126 ? -4.674  -4.650  5.868   1.00 13.27 ?  105 LYS A CB  1 
ATOM   842  C CG  . LYS A 1 126 ? -4.697  -4.231  7.335   1.00 16.77 ?  105 LYS A CG  1 
ATOM   843  C CD  . LYS A 1 126 ? -5.721  -5.034  8.128   1.00 23.85 ?  105 LYS A CD  1 
ATOM   844  C CE  . LYS A 1 126 ? -5.693  -4.652  9.610   1.00 31.60 ?  105 LYS A CE  1 
ATOM   845  N NZ  . LYS A 1 126 ? -6.841  -5.236  10.371  1.00 37.41 ?  105 LYS A NZ  1 
ATOM   846  N N   . ARG A 1 127 ? -2.448  -5.399  3.504   1.00 13.75 ?  106 ARG A N   1 
ATOM   847  C CA  . ARG A 1 127 ? -2.181  -6.055  2.237   1.00 12.17 ?  106 ARG A CA  1 
ATOM   848  C C   . ARG A 1 127 ? -2.172  -7.548  2.513   1.00 13.36 ?  106 ARG A C   1 
ATOM   849  O O   . ARG A 1 127 ? -1.455  -8.003  3.411   1.00 14.05 ?  106 ARG A O   1 
ATOM   850  C CB  . ARG A 1 127 ? -0.837  -5.593  1.653   1.00 12.22 ?  106 ARG A CB  1 
ATOM   851  C CG  . ARG A 1 127 ? -0.796  -4.118  1.232   1.00 15.20 ?  106 ARG A CG  1 
ATOM   852  C CD  . ARG A 1 127 ? 0.623   -3.680  0.899   1.00 17.29 ?  106 ARG A CD  1 
ATOM   853  N NE  . ARG A 1 127 ? 0.727   -2.297  0.423   1.00 16.94 ?  106 ARG A NE  1 
ATOM   854  C CZ  . ARG A 1 127 ? 1.096   -1.265  1.178   1.00 17.89 ?  106 ARG A CZ  1 
ATOM   855  N NH1 . ARG A 1 127 ? 1.367   -1.431  2.466   1.00 16.01 ?  106 ARG A NH1 1 
ATOM   856  N NH2 . ARG A 1 127 ? 1.193   -0.053  0.641   1.00 18.00 ?  106 ARG A NH2 1 
ATOM   857  N N   . LYS A 1 128 ? -2.992  -8.301  1.789   1.00 15.63 ?  107 LYS A N   1 
ATOM   858  C CA  . LYS A 1 128 ? -3.064  -9.725  2.073   1.00 15.18 ?  107 LYS A CA  1 
ATOM   859  C C   . LYS A 1 128 ? -3.309  -10.509 0.797   1.00 16.43 ?  107 LYS A C   1 
ATOM   860  O O   . LYS A 1 128 ? -3.866  -10.003 -0.178  1.00 16.44 ?  107 LYS A O   1 
ATOM   861  C CB  . LYS A 1 128 ? -4.148  -10.041 3.104   1.00 22.26 ?  107 LYS A CB  1 
ATOM   862  C CG  . LYS A 1 128 ? -5.526  -9.603  2.713   1.00 26.87 ?  107 LYS A CG  1 
ATOM   863  C CD  . LYS A 1 128 ? -6.470  -9.720  3.909   1.00 35.33 ?  107 LYS A CD  1 
ATOM   864  C CE  . LYS A 1 128 ? -6.741  -8.365  4.548   1.00 38.00 ?  107 LYS A CE  1 
ATOM   865  N NZ  . LYS A 1 128 ? -7.800  -8.453  5.601   1.00 38.44 ?  107 LYS A NZ  1 
ATOM   866  N N   . ARG A 1 129 ? -2.882  -11.758 0.814   1.00 15.33 ?  108 ARG A N   1 
ATOM   867  C CA  . ARG A 1 129 ? -3.124  -12.645 -0.309  1.00 16.56 ?  108 ARG A CA  1 
ATOM   868  C C   . ARG A 1 129 ? -4.457  -13.353 -0.120  1.00 20.34 ?  108 ARG A C   1 
ATOM   869  O O   . ARG A 1 129 ? -4.730  -13.915 0.948   1.00 22.75 ?  108 ARG A O   1 
ATOM   870  C CB  . ARG A 1 129 ? -1.984  -13.650 -0.442  1.00 20.03 ?  108 ARG A CB  1 
ATOM   871  C CG  . ARG A 1 129 ? -0.725  -13.059 -1.038  1.00 19.75 ?  108 ARG A CG  1 
ATOM   872  C CD  . ARG A 1 129 ? -0.821  -12.933 -2.565  1.00 21.14 ?  108 ARG A CD  1 
ATOM   873  N NE  . ARG A 1 129 ? -1.524  -14.064 -3.190  1.00 24.67 ?  108 ARG A NE  1 
ATOM   874  C CZ  . ARG A 1 129 ? -0.933  -15.182 -3.606  1.00 27.77 ?  108 ARG A CZ  1 
ATOM   875  N NH1 . ARG A 1 129 ? 0.376   -15.345 -3.468  1.00 27.27 ?  108 ARG A NH1 1 
ATOM   876  N NH2 . ARG A 1 129 ? -1.654  -16.148 -4.152  1.00 28.08 ?  108 ARG A NH2 1 
ATOM   877  N N   . GLU A 1 130 ? -5.290  -13.312 -1.154  1.00 16.45 ?  109 GLU A N   1 
ATOM   878  C CA  . GLU A 1 130 ? -6.579  -13.993 -1.155  1.00 20.22 ?  109 GLU A CA  1 
ATOM   879  C C   . GLU A 1 130 ? -6.741  -14.641 -2.516  1.00 16.66 ?  109 GLU A C   1 
ATOM   880  O O   . GLU A 1 130 ? -6.758  -13.939 -3.528  1.00 16.94 ?  109 GLU A O   1 
ATOM   881  C CB  . GLU A 1 130 ? -7.735  -13.022 -0.890  1.00 22.99 ?  109 GLU A CB  1 
ATOM   882  C CG  . GLU A 1 130 ? -7.529  -12.093 0.308   1.00 30.82 ?  109 GLU A CG  1 
ATOM   883  C CD  . GLU A 1 130 ? -8.538  -12.340 1.415   1.00 42.00 ?  109 GLU A CD  1 
ATOM   884  O OE1 . GLU A 1 130 ? -8.278  -11.924 2.567   1.00 47.45 ?  109 GLU A OE1 1 
ATOM   885  O OE2 . GLU A 1 130 ? -9.590  -12.956 1.133   1.00 45.29 ?  109 GLU A OE2 1 
ATOM   886  N N   . ASP A 1 131 ? -6.876  -15.967 -2.543  1.00 18.55 ?  110 ASP A N   1 
ATOM   887  C CA  . ASP A 1 131 ? -6.859  -16.728 -3.798  1.00 15.90 ?  110 ASP A CA  1 
ATOM   888  C C   . ASP A 1 131 ? -5.607  -16.297 -4.567  1.00 14.12 ?  110 ASP A C   1 
ATOM   889  O O   . ASP A 1 131 ? -4.521  -16.239 -3.978  1.00 16.95 ?  110 ASP A O   1 
ATOM   890  C CB  . ASP A 1 131 ? -8.182  -16.552 -4.535  1.00 20.41 ?  110 ASP A CB  1 
ATOM   891  C CG  . ASP A 1 131 ? -9.356  -17.094 -3.753  1.00 28.81 ?  110 ASP A CG  1 
ATOM   892  O OD1 . ASP A 1 131 ? -9.140  -18.010 -2.929  1.00 27.15 ?  110 ASP A OD1 1 
ATOM   893  O OD2 . ASP A 1 131 ? -10.487 -16.592 -3.948  1.00 32.84 ?  110 ASP A OD2 1 
ATOM   894  N N   . ASP A 1 132 ? -5.707  -15.977 -5.851  1.00 16.77 ?  111 ASP A N   1 
ATOM   895  C CA  . ASP A 1 132 ? -4.563  -15.517 -6.624  1.00 18.54 ?  111 ASP A CA  1 
ATOM   896  C C   . ASP A 1 132 ? -4.425  -14.003 -6.614  1.00 17.55 ?  111 ASP A C   1 
ATOM   897  O O   . ASP A 1 132 ? -3.644  -13.455 -7.399  1.00 20.45 ?  111 ASP A O   1 
ATOM   898  C CB  . ASP A 1 132 ? -4.671  -16.007 -8.069  1.00 19.89 ?  111 ASP A CB  1 
ATOM   899  C CG  . ASP A 1 132 ? -4.504  -17.507 -8.187  1.00 18.81 ?  111 ASP A CG  1 
ATOM   900  O OD1 . ASP A 1 132 ? -3.602  -18.070 -7.534  1.00 19.35 ?  111 ASP A OD1 1 
ATOM   901  O OD2 . ASP A 1 132 ? -5.286  -18.119 -8.944  1.00 20.86 ?  111 ASP A OD2 1 
ATOM   902  N N   . LYS A 1 133 ? -5.156  -13.322 -5.748  1.00 14.99 ?  112 LYS A N   1 
ATOM   903  C CA  . LYS A 1 133 ? -5.174  -11.868 -5.728  1.00 13.03 ?  112 LYS A CA  1 
ATOM   904  C C   . LYS A 1 133 ? -4.337  -11.320 -4.578  1.00 15.09 ?  112 LYS A C   1 
ATOM   905  O O   . LYS A 1 133 ? -4.018  -12.013 -3.609  1.00 13.53 ?  112 LYS A O   1 
ATOM   906  C CB  . LYS A 1 133 ? -6.611  -11.351 -5.606  1.00 14.55 ?  112 LYS A CB  1 
ATOM   907  C CG  . LYS A 1 133 ? -7.543  -11.871 -6.707  1.00 23.70 ?  112 LYS A CG  1 
ATOM   908  C CD  . LYS A 1 133 ? -9.003  -11.548 -6.426  1.00 30.75 ?  112 LYS A CD  1 
ATOM   909  C CE  . LYS A 1 133 ? -9.897  -12.147 -7.500  1.00 36.97 ?  112 LYS A CE  1 
ATOM   910  N NZ  . LYS A 1 133 ? -9.275  -11.996 -8.853  1.00 38.72 ?  112 LYS A NZ  1 
ATOM   911  N N   . LEU A 1 134 ? -3.972  -10.053 -4.711  1.00 13.77 ?  113 LEU A N   1 
ATOM   912  C CA  . LEU A 1 134 ? -3.434  -9.270  -3.610  1.00 13.82 ?  113 LEU A CA  1 
ATOM   913  C C   . LEU A 1 134 ? -4.473  -8.207  -3.281  1.00 13.92 ?  113 LEU A C   1 
ATOM   914  O O   . LEU A 1 134 ? -4.812  -7.377  -4.135  1.00 15.03 ?  113 LEU A O   1 
ATOM   915  C CB  . LEU A 1 134 ? -2.084  -8.651  -3.978  1.00 14.96 ?  113 LEU A CB  1 
ATOM   916  C CG  . LEU A 1 134 ? -1.267  -7.999  -2.847  1.00 15.80 ?  113 LEU A CG  1 
ATOM   917  C CD1 . LEU A 1 134 ? 0.191   -7.907  -3.249  1.00 21.75 ?  113 LEU A CD1 1 
ATOM   918  C CD2 . LEU A 1 134 ? -1.804  -6.626  -2.519  1.00 24.47 ?  113 LEU A CD2 1 
ATOM   919  N N   . VAL A 1 135 ? -5.008  -8.265  -2.067  1.00 12.09 ?  114 VAL A N   1 
ATOM   920  C CA  . VAL A 1 135 ? -6.094  -7.390  -1.644  1.00 12.15 ?  114 VAL A CA  1 
ATOM   921  C C   . VAL A 1 135 ? -5.514  -6.323  -0.727  1.00 13.86 ?  114 VAL A C   1 
ATOM   922  O O   . VAL A 1 135 ? -4.778  -6.637  0.216   1.00 14.62 ?  114 VAL A O   1 
ATOM   923  C CB  . VAL A 1 135 ? -7.206  -8.190  -0.944  1.00 17.22 ?  114 VAL A CB  1 
ATOM   924  C CG1 . VAL A 1 135 ? -8.332  -7.268  -0.465  1.00 17.79 ?  114 VAL A CG1 1 
ATOM   925  C CG2 . VAL A 1 135 ? -7.752  -9.256  -1.894  1.00 17.77 ?  114 VAL A CG2 1 
ATOM   926  N N   . VAL A 1 136 ? -5.819  -5.064  -1.015  1.00 13.54 ?  115 VAL A N   1 
ATOM   927  C CA  . VAL A 1 136 ? -5.381  -3.943  -0.188  1.00 12.25 ?  115 VAL A CA  1 
ATOM   928  C C   . VAL A 1 136 ? -6.629  -3.319  0.425   1.00 14.80 ?  115 VAL A C   1 
ATOM   929  O O   . VAL A 1 136 ? -7.547  -2.914  -0.297  1.00 16.24 ?  115 VAL A O   1 
ATOM   930  C CB  . VAL A 1 136 ? -4.582  -2.905  -0.993  1.00 12.34 ?  115 VAL A CB  1 
ATOM   931  C CG1 . VAL A 1 136 ? -4.054  -1.835  -0.058  1.00 14.50 ?  115 VAL A CG1 1 
ATOM   932  C CG2 . VAL A 1 136 ? -3.448  -3.552  -1.774  1.00 15.89 ?  115 VAL A CG2 1 
ATOM   933  N N   . GLU A 1 137 ? -6.678  -3.263  1.750   1.00 12.57 ?  116 GLU A N   1 
ATOM   934  C CA  . GLU A 1 137 ? -7.789  -2.675  2.480   1.00 14.52 ?  116 GLU A CA  1 
ATOM   935  C C   . GLU A 1 137 ? -7.231  -1.546  3.324   1.00 15.39 ?  116 GLU A C   1 
ATOM   936  O O   . GLU A 1 137 ? -6.314  -1.764  4.118   1.00 16.54 ?  116 GLU A O   1 
ATOM   937  C CB  . GLU A 1 137 ? -8.483  -3.701  3.376   1.00 17.83 ?  116 GLU A CB  1 
ATOM   938  C CG  . GLU A 1 137 ? -9.260  -4.774  2.660   1.00 24.44 ?  116 GLU A CG  1 
ATOM   939  C CD  . GLU A 1 137 ? -9.808  -5.809  3.625   1.00 34.96 ?  116 GLU A CD  1 
ATOM   940  O OE1 . GLU A 1 137 ? -10.840 -6.438  3.303   1.00 43.17 ?  116 GLU A OE1 1 
ATOM   941  O OE2 . GLU A 1 137 ? -9.202  -5.992  4.706   1.00 42.63 ?  116 GLU A OE2 1 
ATOM   942  N N   . CYS A 1 138 ? -7.770  -0.350  3.169   1.00 12.50 ?  117 CYS A N   1 
ATOM   943  C CA  . CYS A 1 138 ? -7.270  0.759   3.965   1.00 13.95 ?  117 CYS A CA  1 
ATOM   944  C C   . CYS A 1 138 ? -8.425  1.415   4.694   1.00 15.65 ?  117 CYS A C   1 
ATOM   945  O O   . CYS A 1 138 ? -9.574  1.363   4.245   1.00 16.96 ?  117 CYS A O   1 
ATOM   946  C CB  . CYS A 1 138 ? -6.522  1.777   3.107   1.00 15.06 ?  117 CYS A CB  1 
ATOM   947  S SG  . CYS A 1 138 ? -7.506  2.378   1.735   1.00 17.12 ?  117 CYS A SG  1 
ATOM   948  N N   . VAL A 1 139 ? -8.119  2.020   5.836   1.00 15.33 ?  118 VAL A N   1 
ATOM   949  C CA  . VAL A 1 139 ? -9.151  2.630   6.657   1.00 16.40 ?  118 VAL A CA  1 
ATOM   950  C C   . VAL A 1 139 ? -8.635  3.955   7.191   1.00 14.86 ?  118 VAL A C   1 
ATOM   951  O O   . VAL A 1 139 ? -7.473  4.073   7.602   1.00 15.03 ?  118 VAL A O   1 
ATOM   952  C CB  . VAL A 1 139 ? -9.607  1.693   7.798   1.00 22.67 ?  118 VAL A CB  1 
ATOM   953  C CG1 . VAL A 1 139 ? -8.444  1.306   8.695   1.00 25.89 ?  118 VAL A CG1 1 
ATOM   954  C CG2 . VAL A 1 139 ? -10.763 2.336   8.594   1.00 24.49 ?  118 VAL A CG2 1 
ATOM   955  N N   . MET A 1 140 ? -9.500  4.959   7.154   1.00 18.19 ?  119 MET A N   1 
ATOM   956  C CA  . MET A 1 140 ? -9.221  6.274   7.721   1.00 19.34 ?  119 MET A CA  1 
ATOM   957  C C   . MET A 1 140 ? -10.502 6.730   8.403   1.00 23.91 ?  119 MET A C   1 
ATOM   958  O O   . MET A 1 140 ? -11.517 6.926   7.729   1.00 22.79 ?  119 MET A O   1 
ATOM   959  C CB  . MET A 1 140 ? -8.793  7.260   6.634   1.00 20.48 ?  119 MET A CB  1 
ATOM   960  C CG  . MET A 1 140 ? -8.662  8.689   7.112   1.00 25.06 ?  119 MET A CG  1 
ATOM   961  S SD  . MET A 1 140 ? -7.104  8.854   7.981   1.00 21.45 ?  119 MET A SD  1 
ATOM   962  C CE  . MET A 1 140 ? -7.161  10.563  8.532   1.00 23.67 ?  119 MET A CE  1 
ATOM   963  N N   . LYS A 1 141 ? -10.464 6.858   9.733   1.00 24.62 ?  120 LYS A N   1 
ATOM   964  C CA  . LYS A 1 141 ? -11.571 7.420   10.519  1.00 27.28 ?  120 LYS A CA  1 
ATOM   965  C C   . LYS A 1 141 ? -12.926 6.833   10.109  1.00 27.40 ?  120 LYS A C   1 
ATOM   966  O O   . LYS A 1 141 ? -13.903 7.550   9.871   1.00 28.21 ?  120 LYS A O   1 
ATOM   967  C CB  . LYS A 1 141 ? -11.572 8.945   10.418  1.00 31.06 ?  120 LYS A CB  1 
ATOM   968  C CG  . LYS A 1 141 ? -10.249 9.561   10.883  1.00 31.84 ?  120 LYS A CG  1 
ATOM   969  C CD  . LYS A 1 141 ? -10.403 11.017  11.261  1.00 40.64 ?  120 LYS A CD  1 
ATOM   970  C CE  . LYS A 1 141 ? -10.694 11.868  10.044  1.00 39.38 ?  120 LYS A CE  1 
ATOM   971  N NZ  . LYS A 1 141 ? -11.325 13.155  10.437  1.00 43.90 ?  120 LYS A NZ  1 
ATOM   972  N N   . GLY A 1 142 ? -12.977 5.505   10.031  1.00 26.13 ?  121 GLY A N   1 
ATOM   973  C CA  . GLY A 1 142 ? -14.208 4.800   9.750   1.00 22.78 ?  121 GLY A CA  1 
ATOM   974  C C   . GLY A 1 142 ? -14.517 4.587   8.283   1.00 21.06 ?  121 GLY A C   1 
ATOM   975  O O   . GLY A 1 142 ? -15.457 3.846   7.967   1.00 19.72 ?  121 GLY A O   1 
ATOM   976  N N   . VAL A 1 143 ? -13.765 5.206   7.381   1.00 19.83 ?  122 VAL A N   1 
ATOM   977  C CA  . VAL A 1 143 ? -13.982 5.068   5.944   1.00 19.50 ?  122 VAL A CA  1 
ATOM   978  C C   . VAL A 1 143 ? -12.978 4.057   5.408   1.00 20.96 ?  122 VAL A C   1 
ATOM   979  O O   . VAL A 1 143 ? -11.765 4.252   5.549   1.00 17.53 ?  122 VAL A O   1 
ATOM   980  C CB  . VAL A 1 143 ? -13.834 6.418   5.228   1.00 20.45 ?  122 VAL A CB  1 
ATOM   981  C CG1 . VAL A 1 143 ? -13.899 6.225   3.720   1.00 19.44 ?  122 VAL A CG1 1 
ATOM   982  C CG2 . VAL A 1 143 ? -14.901 7.404   5.715   1.00 22.93 ?  122 VAL A CG2 1 
ATOM   983  N N   . THR A 1 144 ? -13.471 2.990   4.781   1.00 17.65 ?  123 THR A N   1 
ATOM   984  C CA  . THR A 1 144 ? -12.639 1.922   4.246   1.00 20.20 ?  123 THR A CA  1 
ATOM   985  C C   . THR A 1 144 ? -12.674 1.950   2.723   1.00 18.43 ?  123 THR A C   1 
ATOM   986  O O   . THR A 1 144 ? -13.673 2.343   2.114   1.00 20.50 ?  123 THR A O   1 
ATOM   987  C CB  . THR A 1 144 ? -13.109 0.544   4.761   1.00 22.44 ?  123 THR A CB  1 
ATOM   988  O OG1 . THR A 1 144 ? -13.022 0.516   6.193   1.00 26.52 ?  123 THR A OG1 1 
ATOM   989  C CG2 . THR A 1 144 ? -12.267 -0.607  4.198   1.00 26.39 ?  123 THR A CG2 1 
ATOM   990  N N   . SER A 1 145 ? -11.566 1.542   2.115   1.00 15.49 ?  124 SER A N   1 
ATOM   991  C CA  . SER A 1 145 ? -11.495 1.302   0.683   1.00 14.76 ?  124 SER A CA  1 
ATOM   992  C C   . SER A 1 145 ? -10.849 -0.054  0.456   1.00 15.46 ?  124 SER A C   1 
ATOM   993  O O   . SER A 1 145 ? -9.973  -0.472  1.219   1.00 14.23 ?  124 SER A O   1 
ATOM   994  C CB  . SER A 1 145 ? -10.705 2.411   -0.023  1.00 14.71 ?  124 SER A CB  1 
ATOM   995  O OG  . SER A 1 145 ? -10.502 2.107   -1.390  1.00 15.30 ?  124 SER A OG  1 
ATOM   996  N N   . THR A 1 146 ? -11.311 -0.760  -0.570  1.00 13.44 ?  125 THR A N   1 
ATOM   997  C CA  . THR A 1 146 ? -10.745 -2.048  -0.957  1.00 13.65 ?  125 THR A CA  1 
ATOM   998  C C   . THR A 1 146 ? -10.258 -1.963  -2.394  1.00 14.51 ?  125 THR A C   1 
ATOM   999  O O   . THR A 1 146 ? -11.020 -1.594  -3.293  1.00 14.90 ?  125 THR A O   1 
ATOM   1000 C CB  . THR A 1 146 ? -11.767 -3.182  -0.814  1.00 16.56 ?  125 THR A CB  1 
ATOM   1001 O OG1 . THR A 1 146 ? -12.248 -3.211  0.532   1.00 19.39 ?  125 THR A OG1 1 
ATOM   1002 C CG2 . THR A 1 146 ? -11.119 -4.532  -1.127  1.00 18.35 ?  125 THR A CG2 1 
ATOM   1003 N N   . ARG A 1 147 ? -8.994  -2.313  -2.607  1.00 13.07 ?  126 ARG A N   1 
ATOM   1004 C CA  . ARG A 1 147 ? -8.399  -2.309  -3.933  1.00 11.92 ?  126 ARG A CA  1 
ATOM   1005 C C   . ARG A 1 147 ? -7.795  -3.681  -4.187  1.00 12.81 ?  126 ARG A C   1 
ATOM   1006 O O   . ARG A 1 147 ? -7.067  -4.208  -3.340  1.00 15.39 ?  126 ARG A O   1 
ATOM   1007 C CB  . ARG A 1 147 ? -7.360  -1.194  -4.058  1.00 12.94 ?  126 ARG A CB  1 
ATOM   1008 C CG  . ARG A 1 147 ? -8.040  0.162   -4.306  1.00 12.83 ?  126 ARG A CG  1 
ATOM   1009 C CD  . ARG A 1 147 ? -7.246  1.345   -3.807  1.00 14.64 ?  126 ARG A CD  1 
ATOM   1010 N NE  . ARG A 1 147 ? -6.036  1.627   -4.582  1.00 15.87 ?  126 ARG A NE  1 
ATOM   1011 C CZ  . ARG A 1 147 ? -6.012  2.315   -5.725  1.00 17.36 ?  126 ARG A CZ  1 
ATOM   1012 N NH1 . ARG A 1 147 ? -7.139  2.745   -6.274  1.00 15.14 ?  126 ARG A NH1 1 
ATOM   1013 N NH2 . ARG A 1 147 ? -4.853  2.563   -6.326  1.00 17.56 ?  126 ARG A NH2 1 
ATOM   1014 N N   . VAL A 1 148 ? -8.116  -4.270  -5.333  1.00 11.03 ?  127 VAL A N   1 
ATOM   1015 C CA  . VAL A 1 148 ? -7.716  -5.641  -5.632  1.00 12.51 ?  127 VAL A CA  1 
ATOM   1016 C C   . VAL A 1 148 ? -6.719  -5.634  -6.777  1.00 12.95 ?  127 VAL A C   1 
ATOM   1017 O O   . VAL A 1 148 ? -6.943  -4.971  -7.801  1.00 12.55 ?  127 VAL A O   1 
ATOM   1018 C CB  . VAL A 1 148 ? -8.932  -6.519  -5.967  1.00 12.90 ?  127 VAL A CB  1 
ATOM   1019 C CG1 . VAL A 1 148 ? -8.477  -7.946  -6.309  1.00 15.87 ?  127 VAL A CG1 1 
ATOM   1020 C CG2 . VAL A 1 148 ? -9.904  -6.518  -4.796  1.00 15.39 ?  127 VAL A CG2 1 
ATOM   1021 N N   . TYR A 1 149 ? -5.625  -6.375  -6.600  1.00 12.16 ?  128 TYR A N   1 
ATOM   1022 C CA  . TYR A 1 149 ? -4.583  -6.522  -7.602  1.00 11.63 ?  128 TYR A CA  1 
ATOM   1023 C C   . TYR A 1 149 ? -4.514  -7.974  -8.044  1.00 13.48 ?  128 TYR A C   1 
ATOM   1024 O O   . TYR A 1 149 ? -4.728  -8.891  -7.245  1.00 13.86 ?  128 TYR A O   1 
ATOM   1025 C CB  . TYR A 1 149 ? -3.213  -6.104  -7.062  1.00 12.34 ?  128 TYR A CB  1 
ATOM   1026 C CG  . TYR A 1 149 ? -3.044  -4.621  -6.875  1.00 11.15 ?  128 TYR A CG  1 
ATOM   1027 C CD1 . TYR A 1 149 ? -3.617  -3.967  -5.790  1.00 13.00 ?  128 TYR A CD1 1 
ATOM   1028 C CD2 . TYR A 1 149 ? -2.272  -3.875  -7.765  1.00 13.08 ?  128 TYR A CD2 1 
ATOM   1029 C CE1 . TYR A 1 149 ? -3.454  -2.589  -5.611  1.00 13.06 ?  128 TYR A CE1 1 
ATOM   1030 C CE2 . TYR A 1 149 ? -2.077  -2.509  -7.586  1.00 12.56 ?  128 TYR A CE2 1 
ATOM   1031 C CZ  . TYR A 1 149 ? -2.681  -1.871  -6.521  1.00 14.48 ?  128 TYR A CZ  1 
ATOM   1032 O OH  . TYR A 1 149 ? -2.489  -0.518  -6.358  1.00 16.31 ?  128 TYR A OH  1 
ATOM   1033 N N   . GLU A 1 150 ? -4.213  -8.178  -9.322  1.00 15.19 ?  129 GLU A N   1 
ATOM   1034 C CA  . GLU A 1 150 ? -3.993  -9.508  -9.869  1.00 14.26 ?  129 GLU A CA  1 
ATOM   1035 C C   . GLU A 1 150 ? -2.586  -9.604  -10.445 1.00 16.18 ?  129 GLU A C   1 
ATOM   1036 O O   . GLU A 1 150 ? -1.944  -8.594  -10.727 1.00 15.60 ?  129 GLU A O   1 
ATOM   1037 C CB  . GLU A 1 150 ? -5.036  -9.833  -10.951 1.00 18.26 ?  129 GLU A CB  1 
ATOM   1038 C CG  . GLU A 1 150 ? -6.385  -10.158 -10.354 1.00 26.14 ?  129 GLU A CG  1 
ATOM   1039 C CD  . GLU A 1 150 ? -7.467  -10.365 -11.399 1.00 34.53 ?  129 GLU A CD  1 
ATOM   1040 O OE1 . GLU A 1 150 ? -8.597  -10.713 -11.000 1.00 36.29 ?  129 GLU A OE1 1 
ATOM   1041 O OE2 . GLU A 1 150 ? -7.190  -10.187 -12.609 1.00 37.92 ?  129 GLU A OE2 1 
ATOM   1042 N N   . ARG A 1 151 ? -2.108  -10.836 -10.633 1.00 15.24 ?  130 ARG A N   1 
ATOM   1043 C CA  . ARG A 1 151 ? -0.785  -11.018 -11.217 1.00 16.39 ?  130 ARG A CA  1 
ATOM   1044 C C   . ARG A 1 151 ? -0.735  -10.380 -12.597 1.00 19.25 ?  130 ARG A C   1 
ATOM   1045 O O   . ARG A 1 151 ? -1.673  -10.508 -13.393 1.00 21.82 ?  130 ARG A O   1 
ATOM   1046 C CB  . ARG A 1 151 ? -0.450  -12.503 -11.324 1.00 18.25 ?  130 ARG A CB  1 
ATOM   1047 C CG  . ARG A 1 151 ? -0.393  -13.208 -9.993  1.00 21.57 ?  130 ARG A CG  1 
ATOM   1048 C CD  . ARG A 1 151 ? 1.021   -13.290 -9.496  1.00 25.93 ?  130 ARG A CD  1 
ATOM   1049 N NE  . ARG A 1 151 ? 1.106   -14.001 -8.222  1.00 23.26 ?  130 ARG A NE  1 
ATOM   1050 C CZ  . ARG A 1 151 ? 2.147   -13.924 -7.405  1.00 18.89 ?  130 ARG A CZ  1 
ATOM   1051 N NH1 . ARG A 1 151 ? 3.192   -13.179 -7.737  1.00 20.29 ?  130 ARG A NH1 1 
ATOM   1052 N NH2 . ARG A 1 151 ? 2.141   -14.585 -6.252  1.00 20.97 ?  130 ARG A NH2 1 
ATOM   1053 N N   . ALA A 1 152 ? 0.360   -9.688  -12.884 1.00 18.89 ?  131 ALA A N   1 
ATOM   1054 C CA  . ALA A 1 152 ? 0.465   -8.951  -14.137 1.00 26.47 ?  131 ALA A CA  1 
ATOM   1055 C C   . ALA A 1 152 ? 0.924   -9.871  -15.258 1.00 29.45 ?  131 ALA A C   1 
ATOM   1056 O O   . ALA A 1 152 ? 1.468   -10.946 -14.994 1.00 36.77 ?  131 ALA A O   1 
ATOM   1057 C CB  . ALA A 1 152 ? 1.416   -7.773  -13.988 1.00 22.76 ?  131 ALA A CB  1 
HETATM 1058 C C4  . 8JO B 2 .   ? -2.300  6.627   -4.352  1.00 16.39 ?  200 8JO A C4  1 
HETATM 1059 C C14 . 8JO B 2 .   ? -2.941  1.690   -2.072  1.00 15.37 ?  200 8JO A C14 1 
HETATM 1060 C C5  . 8JO B 2 .   ? -2.800  7.266   -3.177  1.00 14.65 ?  200 8JO A C5  1 
HETATM 1061 C C6  . 8JO B 2 .   ? -2.304  6.844   -1.910  1.00 15.02 ?  200 8JO A C6  1 
HETATM 1062 C C11 . 8JO B 2 .   ? -2.567  6.306   -6.700  1.00 19.01 ?  200 8JO A C11 1 
HETATM 1063 C C7  . 8JO B 2 .   ? -3.761  8.304   -3.227  1.00 17.11 ?  200 8JO A C7  1 
HETATM 1064 C C8  . 8JO B 2 .   ? -4.203  8.885   -2.071  1.00 15.01 ?  200 8JO A C8  1 
HETATM 1065 C C9  . 8JO B 2 .   ? -3.721  8.468   -0.819  1.00 15.48 ?  200 8JO A C9  1 
HETATM 1066 C C10 . 8JO B 2 .   ? -2.790  7.474   -0.736  1.00 14.60 ?  200 8JO A C10 1 
HETATM 1067 C C12 . 8JO B 2 .   ? -2.626  3.289   -0.283  1.00 14.58 ?  200 8JO A C12 1 
HETATM 1068 C C13 . 8JO B 2 .   ? -2.169  2.669   -1.449  1.00 15.80 ?  200 8JO A C13 1 
HETATM 1069 N N1  . 8JO B 2 .   ? -1.864  4.318   0.341   1.00 14.27 ?  200 8JO A N1  1 
HETATM 1070 C C3  . 8JO B 2 .   ? -1.380  5.614   -4.273  1.00 16.60 ?  200 8JO A C3  1 
HETATM 1071 C C1  . 8JO B 2 .   ? -1.325  5.799   -1.880  1.00 14.83 ?  200 8JO A C1  1 
HETATM 1072 C C15 . 8JO B 2 .   ? -4.149  1.359   -1.490  1.00 15.37 ?  200 8JO A C15 1 
HETATM 1073 C C16 . 8JO B 2 .   ? -4.623  1.960   -0.347  1.00 16.81 ?  200 8JO A C16 1 
HETATM 1074 C C17 . 8JO B 2 .   ? -3.853  2.941   0.256   1.00 16.52 ?  200 8JO A C17 1 
HETATM 1075 C C18 . 8JO B 2 .   ? -2.456  1.031   -3.342  1.00 17.25 ?  200 8JO A C18 1 
HETATM 1076 C C2  . 8JO B 2 .   ? -0.887  5.197   -3.030  1.00 15.11 ?  200 8JO A C2  1 
HETATM 1077 F F1  . 8JO B 2 .   ? -4.920  0.403   -2.061  1.00 17.93 ?  200 8JO A F1  1 
HETATM 1078 O O1  . 8JO B 2 .   ? -2.839  7.074   -5.526  1.00 18.31 ?  200 8JO A O1  1 
HETATM 1079 O O2  . 8JO B 2 .   ? -0.323  6.233   0.521   1.00 15.21 ?  200 8JO A O2  1 
HETATM 1080 O O3  . 8JO B 2 .   ? 0.378   4.229   -0.698  1.00 15.88 ?  200 8JO A O3  1 
HETATM 1081 O O4  . 8JO B 2 .   ? -3.311  0.707   -4.192  1.00 16.87 ?  200 8JO A O4  1 
HETATM 1082 O O5  . 8JO B 2 .   ? -1.232  0.857   -3.487  1.00 18.31 -1 200 8JO A O5  1 
HETATM 1083 S S1  . 8JO B 2 .   ? -0.658  5.159   -0.367  1.00 14.92 ?  200 8JO A S1  1 
HETATM 1084 O O   . HOH C 3 .   ? -1.515  -17.396 -6.233  1.00 30.24 ?  301 HOH A O   1 
HETATM 1085 O O   . HOH C 3 .   ? 15.744  -12.070 -2.681  1.00 32.38 ?  302 HOH A O   1 
HETATM 1086 O O   . HOH C 3 .   ? 14.122  1.477   -1.738  1.00 29.22 ?  303 HOH A O   1 
HETATM 1087 O O   . HOH C 3 .   ? 13.745  10.693  9.739   1.00 27.54 ?  304 HOH A O   1 
HETATM 1088 O O   . HOH C 3 .   ? -4.402  -7.936  11.007  1.00 40.22 ?  305 HOH A O   1 
HETATM 1089 O O   . HOH C 3 .   ? 1.294   -17.737 -3.394  1.00 36.84 ?  306 HOH A O   1 
HETATM 1090 O O   . HOH C 3 .   ? 0.964   10.270  -16.797 1.00 21.39 ?  307 HOH A O   1 
HETATM 1091 O O   . HOH C 3 .   ? 0.867   5.712   -8.589  1.00 24.14 ?  308 HOH A O   1 
HETATM 1092 O O   . HOH C 3 .   ? 0.386   3.978   -6.593  1.00 23.49 ?  309 HOH A O   1 
HETATM 1093 O O   . HOH C 3 .   ? -3.794  -12.967 -9.956  1.00 23.82 ?  310 HOH A O   1 
HETATM 1094 O O   . HOH C 3 .   ? 4.949   5.251   -0.995  1.00 23.71 ?  311 HOH A O   1 
HETATM 1095 O O   . HOH C 3 .   ? 11.742  -7.697  7.678   1.00 18.61 ?  312 HOH A O   1 
HETATM 1096 O O   . HOH C 3 .   ? 2.496   2.887   0.776   1.00 20.19 ?  313 HOH A O   1 
HETATM 1097 O O   . HOH C 3 .   ? -4.440  7.235   -14.717 1.00 18.35 ?  314 HOH A O   1 
HETATM 1098 O O   . HOH C 3 .   ? -1.801  -12.987 3.250   1.00 25.49 ?  315 HOH A O   1 
HETATM 1099 O O   . HOH C 3 .   ? -4.531  -2.642  -14.387 1.00 30.90 ?  316 HOH A O   1 
HETATM 1100 O O   . HOH C 3 .   ? 14.859  -0.099  9.332   1.00 23.39 ?  317 HOH A O   1 
HETATM 1101 O O   . HOH C 3 .   ? -1.999  -1.627  -14.063 1.00 26.76 ?  318 HOH A O   1 
HETATM 1102 O O   . HOH C 3 .   ? 0.624   -0.518  -2.115  1.00 27.58 ?  319 HOH A O   1 
HETATM 1103 O O   . HOH C 3 .   ? -5.793  4.539   -8.257  1.00 19.65 ?  320 HOH A O   1 
HETATM 1104 O O   . HOH C 3 .   ? -16.455 2.043   9.705   1.00 30.61 ?  321 HOH A O   1 
HETATM 1105 O O   . HOH C 3 .   ? 14.468  -6.214  -3.582  1.00 28.42 ?  322 HOH A O   1 
HETATM 1106 O O   . HOH C 3 .   ? -4.555  9.798   -13.721 1.00 16.25 ?  323 HOH A O   1 
HETATM 1107 O O   . HOH C 3 .   ? 2.256   4.513   -4.381  1.00 22.70 ?  324 HOH A O   1 
HETATM 1108 O O   . HOH C 3 .   ? -10.952 -15.214 -6.267  1.00 40.16 ?  325 HOH A O   1 
HETATM 1109 O O   . HOH C 3 .   ? -3.224  -15.532 6.745   1.00 28.52 ?  326 HOH A O   1 
HETATM 1110 O O   . HOH C 3 .   ? -17.928 0.561   -2.557  1.00 31.82 ?  327 HOH A O   1 
HETATM 1111 O O   . HOH C 3 .   ? -4.682  4.077   11.596  1.00 25.50 ?  328 HOH A O   1 
HETATM 1112 O O   . HOH C 3 .   ? 0.160   0.407   -6.072  1.00 27.42 ?  329 HOH A O   1 
HETATM 1113 O O   . HOH C 3 .   ? 14.061  -5.661  -0.960  1.00 19.03 ?  330 HOH A O   1 
HETATM 1114 O O   . HOH C 3 .   ? -7.406  -17.277 -10.501 1.00 38.32 ?  331 HOH A O   1 
HETATM 1115 O O   . HOH C 3 .   ? 8.397   -1.082  8.939   1.00 12.76 ?  332 HOH A O   1 
HETATM 1116 O O   . HOH C 3 .   ? -14.488 13.806  -5.340  1.00 33.13 ?  333 HOH A O   1 
HETATM 1117 O O   . HOH C 3 .   ? 9.728   0.870   14.718  1.00 19.46 ?  334 HOH A O   1 
HETATM 1118 O O   . HOH C 3 .   ? 13.649  -5.992  13.507  1.00 36.84 ?  335 HOH A O   1 
HETATM 1119 O O   . HOH C 3 .   ? -15.623 1.309   6.847   1.00 32.39 ?  336 HOH A O   1 
HETATM 1120 O O   . HOH C 3 .   ? -2.620  14.631  0.292   1.00 25.64 ?  337 HOH A O   1 
HETATM 1121 O O   . HOH C 3 .   ? 11.981  6.068   14.305  1.00 32.18 ?  338 HOH A O   1 
HETATM 1122 O O   . HOH C 3 .   ? 7.217   2.247   14.956  1.00 24.81 ?  339 HOH A O   1 
HETATM 1123 O O   . HOH C 3 .   ? -7.927  7.061   11.234  1.00 29.05 ?  340 HOH A O   1 
HETATM 1124 O O   . HOH C 3 .   ? 14.356  3.354   9.302   1.00 25.46 ?  341 HOH A O   1 
HETATM 1125 O O   . HOH C 3 .   ? 13.160  1.496   5.856   1.00 16.29 ?  342 HOH A O   1 
HETATM 1126 O O   . HOH C 3 .   ? -15.177 9.870   8.981   1.00 35.39 ?  343 HOH A O   1 
HETATM 1127 O O   . HOH C 3 .   ? 3.795   15.585  7.543   1.00 31.90 ?  344 HOH A O   1 
HETATM 1128 O O   . HOH C 3 .   ? 4.620   -14.941 -4.947  1.00 21.64 ?  345 HOH A O   1 
HETATM 1129 O O   . HOH C 3 .   ? 0.203   -3.252  4.249   1.00 14.96 ?  346 HOH A O   1 
HETATM 1130 O O   . HOH C 3 .   ? 5.430   2.186   -2.989  1.00 21.19 ?  347 HOH A O   1 
HETATM 1131 O O   . HOH C 3 .   ? -12.192 -3.580  -4.900  1.00 20.62 ?  348 HOH A O   1 
HETATM 1132 O O   . HOH C 3 .   ? -10.968 9.975   -10.491 1.00 28.50 ?  349 HOH A O   1 
HETATM 1133 O O   . HOH C 3 .   ? 10.217  -4.399  -5.658  1.00 20.12 ?  350 HOH A O   1 
HETATM 1134 O O   . HOH C 3 .   ? -15.990 6.779   -2.538  1.00 22.51 ?  351 HOH A O   1 
HETATM 1135 O O   . HOH C 3 .   ? 8.556   11.337  7.508   1.00 25.75 ?  352 HOH A O   1 
HETATM 1136 O O   . HOH C 3 .   ? -8.315  -20.151 -1.246  1.00 23.24 ?  353 HOH A O   1 
HETATM 1137 O O   . HOH C 3 .   ? -3.557  15.053  4.913   1.00 28.23 ?  354 HOH A O   1 
HETATM 1138 O O   . HOH C 3 .   ? 9.008   6.813   -3.777  1.00 27.41 ?  355 HOH A O   1 
HETATM 1139 O O   . HOH C 3 .   ? -2.715  5.935   2.557   1.00 14.78 ?  356 HOH A O   1 
HETATM 1140 O O   . HOH C 3 .   ? -8.982  20.440  -2.539  1.00 28.26 ?  357 HOH A O   1 
HETATM 1141 O O   . HOH C 3 .   ? 2.377   -2.080  11.728  1.00 22.10 ?  358 HOH A O   1 
HETATM 1142 O O   . HOH C 3 .   ? -12.545 3.497   -5.806  1.00 19.36 ?  359 HOH A O   1 
HETATM 1143 O O   . HOH C 3 .   ? -7.171  20.615  -6.008  1.00 24.41 ?  360 HOH A O   1 
HETATM 1144 O O   . HOH C 3 .   ? 2.998   -11.910 -12.770 1.00 30.72 ?  361 HOH A O   1 
HETATM 1145 O O   . HOH C 3 .   ? 1.732   -13.375 13.111  1.00 29.09 ?  362 HOH A O   1 
HETATM 1146 O O   . HOH C 3 .   ? 18.722  -8.255  5.005   1.00 26.92 ?  363 HOH A O   1 
HETATM 1147 O O   . HOH C 3 .   ? -14.899 10.800  3.245   1.00 27.10 ?  364 HOH A O   1 
HETATM 1148 O O   . HOH C 3 .   ? 2.413   5.933   -1.958  1.00 17.92 ?  365 HOH A O   1 
HETATM 1149 O O   . HOH C 3 .   ? 5.002   4.888   -14.821 1.00 30.88 ?  366 HOH A O   1 
HETATM 1150 O O   . HOH C 3 .   ? 3.926   -11.916 -10.320 1.00 21.58 ?  367 HOH A O   1 
HETATM 1151 O O   . HOH C 3 .   ? -11.198 10.095  -7.324  1.00 30.04 ?  368 HOH A O   1 
HETATM 1152 O O   . HOH C 3 .   ? 12.013  -11.177 -4.171  1.00 19.11 ?  369 HOH A O   1 
HETATM 1153 O O   . HOH C 3 .   ? 12.383  -0.114  7.926   1.00 14.30 ?  370 HOH A O   1 
HETATM 1154 O O   . HOH C 3 .   ? 3.676   15.207  10.468  1.00 30.47 ?  371 HOH A O   1 
HETATM 1155 O O   . HOH C 3 .   ? -7.824  14.572  7.262   1.00 35.73 ?  372 HOH A O   1 
HETATM 1156 O O   . HOH C 3 .   ? -16.198 3.257   -5.549  1.00 26.68 ?  373 HOH A O   1 
HETATM 1157 O O   . HOH C 3 .   ? 9.161   7.292   0.478   1.00 25.00 ?  374 HOH A O   1 
HETATM 1158 O O   . HOH C 3 .   ? -13.377 -0.978  -9.701  1.00 30.71 ?  375 HOH A O   1 
HETATM 1159 O O   . HOH C 3 .   ? -8.075  -15.454 -7.553  1.00 25.00 ?  376 HOH A O   1 
HETATM 1160 O O   . HOH C 3 .   ? -18.639 3.375   -2.351  1.00 24.20 ?  377 HOH A O   1 
HETATM 1161 O O   . HOH C 3 .   ? 6.220   -8.273  12.013  1.00 26.18 ?  378 HOH A O   1 
HETATM 1162 O O   . HOH C 3 .   ? -4.978  18.410  -4.993  1.00 26.75 ?  379 HOH A O   1 
HETATM 1163 O O   . HOH C 3 .   ? 17.341  -5.216  11.813  1.00 36.83 ?  380 HOH A O   1 
HETATM 1164 O O   . HOH C 3 .   ? 1.028   14.171  -5.478  1.00 30.12 ?  381 HOH A O   1 
HETATM 1165 O O   . HOH C 3 .   ? -9.679  4.480   -7.690  1.00 33.10 ?  382 HOH A O   1 
HETATM 1166 O O   . HOH C 3 .   ? 6.722   9.885   -10.182 1.00 33.06 ?  383 HOH A O   1 
HETATM 1167 O O   . HOH C 3 .   ? 2.681   15.996  4.603   1.00 26.27 ?  384 HOH A O   1 
HETATM 1168 O O   . HOH C 3 .   ? -14.384 5.867   -5.133  1.00 30.32 ?  385 HOH A O   1 
HETATM 1169 O O   . HOH C 3 .   ? 7.555   6.387   -1.506  1.00 28.05 ?  386 HOH A O   1 
HETATM 1170 O O   . HOH C 3 .   ? 4.666   8.467   -13.871 1.00 35.11 ?  387 HOH A O   1 
HETATM 1171 O O   . HOH C 3 .   ? -6.915  -5.260  13.392  1.00 36.69 ?  388 HOH A O   1 
HETATM 1172 O O   . HOH C 3 .   ? 5.227   12.856  9.576   1.00 32.61 ?  389 HOH A O   1 
HETATM 1173 O O   . HOH C 3 .   ? -13.008 -2.522  -12.010 1.00 38.52 ?  390 HOH A O   1 
HETATM 1174 O O   . HOH C 3 .   ? 8.013   -10.770 -12.386 1.00 18.17 ?  391 HOH A O   1 
HETATM 1175 O O   . HOH C 3 .   ? 16.893  -13.044 -0.247  1.00 31.51 ?  392 HOH A O   1 
HETATM 1176 O O   . HOH C 3 .   ? 2.575   -13.875 10.213  1.00 28.62 ?  393 HOH A O   1 
HETATM 1177 O O   . HOH C 3 .   ? 12.359  6.065   -1.667  1.00 36.24 ?  394 HOH A O   1 
HETATM 1178 O O   . HOH C 3 .   ? -6.722  9.830   12.159  1.00 28.33 ?  395 HOH A O   1 
HETATM 1179 O O   . HOH C 3 .   ? -0.501  12.458  -13.857 1.00 30.90 ?  396 HOH A O   1 
HETATM 1180 O O   . HOH C 3 .   ? 16.421  -7.692  -4.844  1.00 24.34 ?  397 HOH A O   1 
HETATM 1181 O O   . HOH C 3 .   ? -6.063  -8.307  9.505   1.00 40.56 ?  398 HOH A O   1 
HETATM 1182 O O   . HOH C 3 .   ? -12.107 -7.956  -8.173  1.00 42.86 ?  399 HOH A O   1 
HETATM 1183 O O   . HOH C 3 .   ? -7.072  -1.655  7.346   1.00 32.61 ?  400 HOH A O   1 
HETATM 1184 O O   . HOH C 3 .   ? 13.144  12.965  11.040  1.00 35.86 ?  401 HOH A O   1 
HETATM 1185 O O   . HOH C 3 .   ? 11.626  -11.715 5.094   1.00 39.04 ?  402 HOH A O   1 
HETATM 1186 O O   . HOH C 3 .   ? 14.709  -10.346 -4.946  1.00 32.67 ?  403 HOH A O   1 
HETATM 1187 O O   . HOH C 3 .   ? -14.827 -0.934  0.645   1.00 33.96 ?  404 HOH A O   1 
HETATM 1188 O O   . HOH C 3 .   ? 19.140  -6.771  7.313   1.00 35.98 ?  405 HOH A O   1 
HETATM 1189 O O   . HOH C 3 .   ? -17.997 -1.572  -1.742  1.00 31.95 ?  406 HOH A O   1 
HETATM 1190 O O   . HOH C 3 .   ? -6.767  -13.873 -10.470 1.00 36.47 ?  407 HOH A O   1 
HETATM 1191 O O   . HOH C 3 .   ? 3.303   1.658   -1.646  1.00 31.59 ?  408 HOH A O   1 
HETATM 1192 O O   . HOH C 3 .   ? -7.232  4.053   11.200  1.00 37.61 ?  409 HOH A O   1 
HETATM 1193 O O   . HOH C 3 .   ? -15.710 -3.465  -1.392  1.00 32.79 ?  410 HOH A O   1 
HETATM 1194 O O   . HOH C 3 .   ? 12.592  -8.797  10.110  1.00 32.65 ?  411 HOH A O   1 
HETATM 1195 O O   . HOH C 3 .   ? 2.162   7.348   17.839  1.00 32.08 ?  412 HOH A O   1 
HETATM 1196 O O   . HOH C 3 .   ? 10.946  -10.357 6.699   1.00 36.17 ?  413 HOH A O   1 
HETATM 1197 O O   . HOH C 3 .   ? 0.141   16.587  4.240   1.00 37.10 ?  414 HOH A O   1 
HETATM 1198 O O   . HOH C 3 .   ? -5.617  -5.936  14.970  1.00 41.95 ?  415 HOH A O   1 
# 
